data_3ZJA
# 
_entry.id   3ZJA 
# 
_audit_conform.dict_name       mmcif_pdbx.dic 
_audit_conform.dict_version    5.391 
_audit_conform.dict_location   http://mmcif.pdb.org/dictionaries/ascii/mmcif_pdbx.dic 
# 
loop_
_database_2.database_id 
_database_2.database_code 
_database_2.pdbx_database_accession 
_database_2.pdbx_DOI 
PDB   3ZJA         pdb_00003zja 10.2210/pdb3zja/pdb 
PDBE  EBI-55428    ?            ?                   
WWPDB D_1290055428 ?            ?                   
# 
loop_
_pdbx_audit_revision_history.ordinal 
_pdbx_audit_revision_history.data_content_type 
_pdbx_audit_revision_history.major_revision 
_pdbx_audit_revision_history.minor_revision 
_pdbx_audit_revision_history.revision_date 
1 'Structure model' 1 0 2014-01-29 
2 'Structure model' 1 1 2014-03-05 
3 'Structure model' 1 2 2014-04-23 
4 'Structure model' 1 3 2024-05-08 
# 
_pdbx_audit_revision_details.ordinal             1 
_pdbx_audit_revision_details.revision_ordinal    1 
_pdbx_audit_revision_details.data_content_type   'Structure model' 
_pdbx_audit_revision_details.provider            repository 
_pdbx_audit_revision_details.type                'Initial release' 
_pdbx_audit_revision_details.description         ? 
_pdbx_audit_revision_details.details             ? 
# 
loop_
_pdbx_audit_revision_group.ordinal 
_pdbx_audit_revision_group.revision_ordinal 
_pdbx_audit_revision_group.data_content_type 
_pdbx_audit_revision_group.group 
1 2 'Structure model' 'Database references'    
2 3 'Structure model' 'Database references'    
3 3 'Structure model' 'Refinement description' 
4 4 'Structure model' 'Data collection'        
5 4 'Structure model' 'Database references'    
6 4 'Structure model' 'Derived calculations'   
7 4 'Structure model' Other                    
# 
loop_
_pdbx_audit_revision_category.ordinal 
_pdbx_audit_revision_category.revision_ordinal 
_pdbx_audit_revision_category.data_content_type 
_pdbx_audit_revision_category.category 
1 4 'Structure model' chem_comp_atom       
2 4 'Structure model' chem_comp_bond       
3 4 'Structure model' database_2           
4 4 'Structure model' pdbx_database_status 
5 4 'Structure model' struct_conn          
6 4 'Structure model' struct_site          
# 
loop_
_pdbx_audit_revision_item.ordinal 
_pdbx_audit_revision_item.revision_ordinal 
_pdbx_audit_revision_item.data_content_type 
_pdbx_audit_revision_item.item 
1  4 'Structure model' '_database_2.pdbx_DOI'                 
2  4 'Structure model' '_database_2.pdbx_database_accession'  
3  4 'Structure model' '_pdbx_database_status.status_code_sf' 
4  4 'Structure model' '_struct_conn.ptnr1_auth_comp_id'      
5  4 'Structure model' '_struct_conn.ptnr1_auth_seq_id'       
6  4 'Structure model' '_struct_conn.ptnr1_label_asym_id'     
7  4 'Structure model' '_struct_conn.ptnr1_label_atom_id'     
8  4 'Structure model' '_struct_conn.ptnr1_label_comp_id'     
9  4 'Structure model' '_struct_conn.ptnr1_label_seq_id'      
10 4 'Structure model' '_struct_conn.ptnr2_auth_comp_id'      
11 4 'Structure model' '_struct_conn.ptnr2_auth_seq_id'       
12 4 'Structure model' '_struct_conn.ptnr2_label_asym_id'     
13 4 'Structure model' '_struct_conn.ptnr2_label_atom_id'     
14 4 'Structure model' '_struct_conn.ptnr2_label_comp_id'     
15 4 'Structure model' '_struct_conn.ptnr2_label_seq_id'      
16 4 'Structure model' '_struct_site.pdbx_auth_asym_id'       
17 4 'Structure model' '_struct_site.pdbx_auth_comp_id'       
18 4 'Structure model' '_struct_site.pdbx_auth_seq_id'        
# 
_pdbx_database_status.status_code                     REL 
_pdbx_database_status.entry_id                        3ZJA 
_pdbx_database_status.deposit_site                    PDBE 
_pdbx_database_status.process_site                    PDBE 
_pdbx_database_status.SG_entry                        . 
_pdbx_database_status.recvd_initial_deposition_date   2013-01-17 
_pdbx_database_status.pdb_format_compatible           Y 
_pdbx_database_status.status_code_sf                  REL 
_pdbx_database_status.status_code_mr                  ? 
_pdbx_database_status.status_code_cs                  ? 
_pdbx_database_status.methods_development_category    ? 
_pdbx_database_status.status_code_nmr_data            ? 
# 
loop_
_audit_author.name 
_audit_author.pdbx_ordinal 
'Blundell, K.L.I.M.' 1 
'Hough, M.'          2 
'Worrall, J.A.R.'    3 
# 
_citation.id                        primary 
_citation.title                     
'Structural and Mechanistic Insights Into an Extracytoplasmic Copper Trafficking Pathway in Streptomyces Lividans.' 
_citation.journal_abbrev            Biochem.J. 
_citation.journal_volume            459 
_citation.page_first                525 
_citation.page_last                 ? 
_citation.year                      2014 
_citation.journal_id_ASTM           BIJOAK 
_citation.country                   UK 
_citation.journal_id_ISSN           0264-6021 
_citation.journal_id_CSD            0043 
_citation.book_publisher            ? 
_citation.pdbx_database_id_PubMed   24548299 
_citation.pdbx_database_id_DOI      10.1042/BJ20140017 
# 
loop_
_citation_author.citation_id 
_citation_author.name 
_citation_author.ordinal 
_citation_author.identifier_ORCID 
primary 'Blundell, K.L.I.M.' 1 ? 
primary 'Hough, M.A.'        2 ? 
primary 'Vijgenboom, E.'     3 ? 
primary 'Worrall, J.A.R.'    4 ? 
# 
loop_
_entity.id 
_entity.type 
_entity.src_method 
_entity.pdbx_description 
_entity.formula_weight 
_entity.pdbx_number_of_molecules 
_entity.pdbx_ec 
_entity.pdbx_mutation 
_entity.pdbx_fragment 
_entity.details 
1 polymer     man SL3965            14667.101 1   ? ? 'RESIDUES 42-178' ? 
2 non-polymer syn 'COPPER (II) ION' 63.546    1   ? ? ?                 ? 
3 water       nat water             18.015    108 ? ? ?                 ? 
# 
_entity_name_com.entity_id   1 
_entity_name_com.name        'PROTEIN SCO3965' 
# 
_entity_poly.entity_id                      1 
_entity_poly.type                           'polypeptide(L)' 
_entity_poly.nstd_linkage                   no 
_entity_poly.nstd_monomer                   no 
_entity_poly.pdbx_seq_one_letter_code       
;SHMSGADSASPGAELSVDAAYIPQPVSDSMAAGFLTITNEGDSADELTSVTSEAGEVTVHETIDGTMKEVDRIEVPAHGQ
LVFKSGGNHLMFEKLKQQPKQGQSVAVELHFAHSDPVAVKLPVKAATYQPTAGHSEDSGH
;
_entity_poly.pdbx_seq_one_letter_code_can   
;SHMSGADSASPGAELSVDAAYIPQPVSDSMAAGFLTITNEGDSADELTSVTSEAGEVTVHETIDGTMKEVDRIEVPAHGQ
LVFKSGGNHLMFEKLKQQPKQGQSVAVELHFAHSDPVAVKLPVKAATYQPTAGHSEDSGH
;
_entity_poly.pdbx_strand_id                 A 
_entity_poly.pdbx_target_identifier         ? 
# 
loop_
_pdbx_entity_nonpoly.entity_id 
_pdbx_entity_nonpoly.name 
_pdbx_entity_nonpoly.comp_id 
2 'COPPER (II) ION' CU  
3 water             HOH 
# 
loop_
_entity_poly_seq.entity_id 
_entity_poly_seq.num 
_entity_poly_seq.mon_id 
_entity_poly_seq.hetero 
1 1   SER n 
1 2   HIS n 
1 3   MET n 
1 4   SER n 
1 5   GLY n 
1 6   ALA n 
1 7   ASP n 
1 8   SER n 
1 9   ALA n 
1 10  SER n 
1 11  PRO n 
1 12  GLY n 
1 13  ALA n 
1 14  GLU n 
1 15  LEU n 
1 16  SER n 
1 17  VAL n 
1 18  ASP n 
1 19  ALA n 
1 20  ALA n 
1 21  TYR n 
1 22  ILE n 
1 23  PRO n 
1 24  GLN n 
1 25  PRO n 
1 26  VAL n 
1 27  SER n 
1 28  ASP n 
1 29  SER n 
1 30  MET n 
1 31  ALA n 
1 32  ALA n 
1 33  GLY n 
1 34  PHE n 
1 35  LEU n 
1 36  THR n 
1 37  ILE n 
1 38  THR n 
1 39  ASN n 
1 40  GLU n 
1 41  GLY n 
1 42  ASP n 
1 43  SER n 
1 44  ALA n 
1 45  ASP n 
1 46  GLU n 
1 47  LEU n 
1 48  THR n 
1 49  SER n 
1 50  VAL n 
1 51  THR n 
1 52  SER n 
1 53  GLU n 
1 54  ALA n 
1 55  GLY n 
1 56  GLU n 
1 57  VAL n 
1 58  THR n 
1 59  VAL n 
1 60  HIS n 
1 61  GLU n 
1 62  THR n 
1 63  ILE n 
1 64  ASP n 
1 65  GLY n 
1 66  THR n 
1 67  MET n 
1 68  LYS n 
1 69  GLU n 
1 70  VAL n 
1 71  ASP n 
1 72  ARG n 
1 73  ILE n 
1 74  GLU n 
1 75  VAL n 
1 76  PRO n 
1 77  ALA n 
1 78  HIS n 
1 79  GLY n 
1 80  GLN n 
1 81  LEU n 
1 82  VAL n 
1 83  PHE n 
1 84  LYS n 
1 85  SER n 
1 86  GLY n 
1 87  GLY n 
1 88  ASN n 
1 89  HIS n 
1 90  LEU n 
1 91  MET n 
1 92  PHE n 
1 93  GLU n 
1 94  LYS n 
1 95  LEU n 
1 96  LYS n 
1 97  GLN n 
1 98  GLN n 
1 99  PRO n 
1 100 LYS n 
1 101 GLN n 
1 102 GLY n 
1 103 GLN n 
1 104 SER n 
1 105 VAL n 
1 106 ALA n 
1 107 VAL n 
1 108 GLU n 
1 109 LEU n 
1 110 HIS n 
1 111 PHE n 
1 112 ALA n 
1 113 HIS n 
1 114 SER n 
1 115 ASP n 
1 116 PRO n 
1 117 VAL n 
1 118 ALA n 
1 119 VAL n 
1 120 LYS n 
1 121 LEU n 
1 122 PRO n 
1 123 VAL n 
1 124 LYS n 
1 125 ALA n 
1 126 ALA n 
1 127 THR n 
1 128 TYR n 
1 129 GLN n 
1 130 PRO n 
1 131 THR n 
1 132 ALA n 
1 133 GLY n 
1 134 HIS n 
1 135 SER n 
1 136 GLU n 
1 137 ASP n 
1 138 SER n 
1 139 GLY n 
1 140 HIS n 
# 
_entity_src_gen.entity_id                          1 
_entity_src_gen.pdbx_src_id                        1 
_entity_src_gen.pdbx_alt_source_flag               sample 
_entity_src_gen.pdbx_seq_type                      ? 
_entity_src_gen.pdbx_beg_seq_num                   ? 
_entity_src_gen.pdbx_end_seq_num                   ? 
_entity_src_gen.gene_src_common_name               ? 
_entity_src_gen.gene_src_genus                     ? 
_entity_src_gen.pdbx_gene_src_gene                 ? 
_entity_src_gen.gene_src_species                   ? 
_entity_src_gen.gene_src_strain                    ? 
_entity_src_gen.gene_src_tissue                    ? 
_entity_src_gen.gene_src_tissue_fraction           ? 
_entity_src_gen.gene_src_details                   ? 
_entity_src_gen.pdbx_gene_src_fragment             ? 
_entity_src_gen.pdbx_gene_src_scientific_name      'STREPTOMYCES LIVIDANS' 
_entity_src_gen.pdbx_gene_src_ncbi_taxonomy_id     1916 
_entity_src_gen.pdbx_gene_src_variant              ? 
_entity_src_gen.pdbx_gene_src_cell_line            ? 
_entity_src_gen.pdbx_gene_src_atcc                 ? 
_entity_src_gen.pdbx_gene_src_organ                ? 
_entity_src_gen.pdbx_gene_src_organelle            ? 
_entity_src_gen.pdbx_gene_src_cell                 ? 
_entity_src_gen.pdbx_gene_src_cellular_location    ? 
_entity_src_gen.host_org_common_name               ? 
_entity_src_gen.pdbx_host_org_scientific_name      'ESCHERICHIA COLI' 
_entity_src_gen.pdbx_host_org_ncbi_taxonomy_id     469008 
_entity_src_gen.host_org_genus                     ? 
_entity_src_gen.pdbx_host_org_gene                 ? 
_entity_src_gen.pdbx_host_org_organ                ? 
_entity_src_gen.host_org_species                   ? 
_entity_src_gen.pdbx_host_org_tissue               ? 
_entity_src_gen.pdbx_host_org_tissue_fraction      ? 
_entity_src_gen.pdbx_host_org_strain               'BL21(DE3)' 
_entity_src_gen.pdbx_host_org_variant              ? 
_entity_src_gen.pdbx_host_org_cell_line            ? 
_entity_src_gen.pdbx_host_org_atcc                 ? 
_entity_src_gen.pdbx_host_org_culture_collection   ? 
_entity_src_gen.pdbx_host_org_cell                 ? 
_entity_src_gen.pdbx_host_org_organelle            ? 
_entity_src_gen.pdbx_host_org_cellular_location    ? 
_entity_src_gen.pdbx_host_org_vector_type          PLASMID 
_entity_src_gen.pdbx_host_org_vector               PET28A 
_entity_src_gen.host_org_details                   ? 
_entity_src_gen.expression_system_id               ? 
_entity_src_gen.plasmid_name                       ? 
_entity_src_gen.plasmid_details                    ? 
_entity_src_gen.pdbx_description                   ? 
# 
loop_
_chem_comp.id 
_chem_comp.type 
_chem_comp.mon_nstd_flag 
_chem_comp.name 
_chem_comp.pdbx_synonyms 
_chem_comp.formula 
_chem_comp.formula_weight 
ALA 'L-peptide linking' y ALANINE           ? 'C3 H7 N O2'     89.093  
ARG 'L-peptide linking' y ARGININE          ? 'C6 H15 N4 O2 1' 175.209 
ASN 'L-peptide linking' y ASPARAGINE        ? 'C4 H8 N2 O3'    132.118 
ASP 'L-peptide linking' y 'ASPARTIC ACID'   ? 'C4 H7 N O4'     133.103 
CU  non-polymer         . 'COPPER (II) ION' ? 'Cu 2'           63.546  
GLN 'L-peptide linking' y GLUTAMINE         ? 'C5 H10 N2 O3'   146.144 
GLU 'L-peptide linking' y 'GLUTAMIC ACID'   ? 'C5 H9 N O4'     147.129 
GLY 'peptide linking'   y GLYCINE           ? 'C2 H5 N O2'     75.067  
HIS 'L-peptide linking' y HISTIDINE         ? 'C6 H10 N3 O2 1' 156.162 
HOH non-polymer         . WATER             ? 'H2 O'           18.015  
ILE 'L-peptide linking' y ISOLEUCINE        ? 'C6 H13 N O2'    131.173 
LEU 'L-peptide linking' y LEUCINE           ? 'C6 H13 N O2'    131.173 
LYS 'L-peptide linking' y LYSINE            ? 'C6 H15 N2 O2 1' 147.195 
MET 'L-peptide linking' y METHIONINE        ? 'C5 H11 N O2 S'  149.211 
PHE 'L-peptide linking' y PHENYLALANINE     ? 'C9 H11 N O2'    165.189 
PRO 'L-peptide linking' y PROLINE           ? 'C5 H9 N O2'     115.130 
SER 'L-peptide linking' y SERINE            ? 'C3 H7 N O3'     105.093 
THR 'L-peptide linking' y THREONINE         ? 'C4 H9 N O3'     119.119 
TYR 'L-peptide linking' y TYROSINE          ? 'C9 H11 N O3'    181.189 
VAL 'L-peptide linking' y VALINE            ? 'C5 H11 N O2'    117.146 
# 
loop_
_pdbx_poly_seq_scheme.asym_id 
_pdbx_poly_seq_scheme.entity_id 
_pdbx_poly_seq_scheme.seq_id 
_pdbx_poly_seq_scheme.mon_id 
_pdbx_poly_seq_scheme.ndb_seq_num 
_pdbx_poly_seq_scheme.pdb_seq_num 
_pdbx_poly_seq_scheme.auth_seq_num 
_pdbx_poly_seq_scheme.pdb_mon_id 
_pdbx_poly_seq_scheme.auth_mon_id 
_pdbx_poly_seq_scheme.pdb_strand_id 
_pdbx_poly_seq_scheme.pdb_ins_code 
_pdbx_poly_seq_scheme.hetero 
A 1 1   SER 1   39  ?   ?   ?   A . n 
A 1 2   HIS 2   40  ?   ?   ?   A . n 
A 1 3   MET 3   41  ?   ?   ?   A . n 
A 1 4   SER 4   42  ?   ?   ?   A . n 
A 1 5   GLY 5   43  ?   ?   ?   A . n 
A 1 6   ALA 6   44  ?   ?   ?   A . n 
A 1 7   ASP 7   45  ?   ?   ?   A . n 
A 1 8   SER 8   46  ?   ?   ?   A . n 
A 1 9   ALA 9   47  ?   ?   ?   A . n 
A 1 10  SER 10  48  ?   ?   ?   A . n 
A 1 11  PRO 11  49  ?   ?   ?   A . n 
A 1 12  GLY 12  50  ?   ?   ?   A . n 
A 1 13  ALA 13  51  51  ALA ALA A . n 
A 1 14  GLU 14  52  52  GLU GLU A . n 
A 1 15  LEU 15  53  53  LEU LEU A . n 
A 1 16  SER 16  54  54  SER SER A . n 
A 1 17  VAL 17  55  55  VAL VAL A . n 
A 1 18  ASP 18  56  56  ASP ASP A . n 
A 1 19  ALA 19  57  57  ALA ALA A . n 
A 1 20  ALA 20  58  58  ALA ALA A . n 
A 1 21  TYR 21  59  59  TYR TYR A . n 
A 1 22  ILE 22  60  60  ILE ILE A . n 
A 1 23  PRO 23  61  61  PRO PRO A . n 
A 1 24  GLN 24  62  62  GLN GLN A . n 
A 1 25  PRO 25  63  63  PRO PRO A . n 
A 1 26  VAL 26  64  64  VAL VAL A . n 
A 1 27  SER 27  65  65  SER SER A . n 
A 1 28  ASP 28  66  66  ASP ASP A . n 
A 1 29  SER 29  67  67  SER SER A . n 
A 1 30  MET 30  68  68  MET MET A . n 
A 1 31  ALA 31  69  69  ALA ALA A . n 
A 1 32  ALA 32  70  70  ALA ALA A . n 
A 1 33  GLY 33  71  71  GLY GLY A . n 
A 1 34  PHE 34  72  72  PHE PHE A . n 
A 1 35  LEU 35  73  73  LEU LEU A . n 
A 1 36  THR 36  74  74  THR THR A . n 
A 1 37  ILE 37  75  75  ILE ILE A . n 
A 1 38  THR 38  76  76  THR THR A . n 
A 1 39  ASN 39  77  77  ASN ASN A . n 
A 1 40  GLU 40  78  78  GLU GLU A . n 
A 1 41  GLY 41  79  79  GLY GLY A . n 
A 1 42  ASP 42  80  80  ASP ASP A . n 
A 1 43  SER 43  81  81  SER SER A . n 
A 1 44  ALA 44  82  82  ALA ALA A . n 
A 1 45  ASP 45  83  83  ASP ASP A . n 
A 1 46  GLU 46  84  84  GLU GLU A . n 
A 1 47  LEU 47  85  85  LEU LEU A . n 
A 1 48  THR 48  86  86  THR THR A . n 
A 1 49  SER 49  87  87  SER SER A . n 
A 1 50  VAL 50  88  88  VAL VAL A . n 
A 1 51  THR 51  89  89  THR THR A . n 
A 1 52  SER 52  90  90  SER SER A . n 
A 1 53  GLU 53  91  91  GLU GLU A . n 
A 1 54  ALA 54  92  92  ALA ALA A . n 
A 1 55  GLY 55  93  93  GLY GLY A . n 
A 1 56  GLU 56  94  94  GLU GLU A . n 
A 1 57  VAL 57  95  95  VAL VAL A . n 
A 1 58  THR 58  96  96  THR THR A . n 
A 1 59  VAL 59  97  97  VAL VAL A . n 
A 1 60  HIS 60  98  98  HIS HIS A . n 
A 1 61  GLU 61  99  99  GLU GLU A . n 
A 1 62  THR 62  100 100 THR THR A . n 
A 1 63  ILE 63  101 101 ILE ILE A . n 
A 1 64  ASP 64  102 102 ASP ASP A . n 
A 1 65  GLY 65  103 103 GLY GLY A . n 
A 1 66  THR 66  104 104 THR THR A . n 
A 1 67  MET 67  105 105 MET MET A . n 
A 1 68  LYS 68  106 106 LYS LYS A . n 
A 1 69  GLU 69  107 107 GLU GLU A . n 
A 1 70  VAL 70  108 108 VAL VAL A . n 
A 1 71  ASP 71  109 109 ASP ASP A . n 
A 1 72  ARG 72  110 110 ARG ARG A . n 
A 1 73  ILE 73  111 111 ILE ILE A . n 
A 1 74  GLU 74  112 112 GLU GLU A . n 
A 1 75  VAL 75  113 113 VAL VAL A . n 
A 1 76  PRO 76  114 114 PRO PRO A . n 
A 1 77  ALA 77  115 115 ALA ALA A . n 
A 1 78  HIS 78  116 116 HIS HIS A . n 
A 1 79  GLY 79  117 117 GLY GLY A . n 
A 1 80  GLN 80  118 118 GLN GLN A . n 
A 1 81  LEU 81  119 119 LEU LEU A . n 
A 1 82  VAL 82  120 120 VAL VAL A . n 
A 1 83  PHE 83  121 121 PHE PHE A . n 
A 1 84  LYS 84  122 122 LYS LYS A . n 
A 1 85  SER 85  123 123 SER SER A . n 
A 1 86  GLY 86  124 124 GLY GLY A . n 
A 1 87  GLY 87  125 125 GLY GLY A . n 
A 1 88  ASN 88  126 126 ASN ASN A . n 
A 1 89  HIS 89  127 127 HIS HIS A . n 
A 1 90  LEU 90  128 128 LEU LEU A . n 
A 1 91  MET 91  129 129 MET MET A . n 
A 1 92  PHE 92  130 130 PHE PHE A . n 
A 1 93  GLU 93  131 131 GLU GLU A . n 
A 1 94  LYS 94  132 132 LYS LYS A . n 
A 1 95  LEU 95  133 133 LEU LEU A . n 
A 1 96  LYS 96  134 134 LYS LYS A . n 
A 1 97  GLN 97  135 135 GLN GLN A . n 
A 1 98  GLN 98  136 136 GLN GLN A . n 
A 1 99  PRO 99  137 137 PRO PRO A . n 
A 1 100 LYS 100 138 138 LYS LYS A . n 
A 1 101 GLN 101 139 139 GLN GLN A . n 
A 1 102 GLY 102 140 140 GLY GLY A . n 
A 1 103 GLN 103 141 141 GLN GLN A . n 
A 1 104 SER 104 142 142 SER SER A . n 
A 1 105 VAL 105 143 143 VAL VAL A . n 
A 1 106 ALA 106 144 144 ALA ALA A . n 
A 1 107 VAL 107 145 145 VAL VAL A . n 
A 1 108 GLU 108 146 146 GLU GLU A . n 
A 1 109 LEU 109 147 147 LEU LEU A . n 
A 1 110 HIS 110 148 148 HIS HIS A . n 
A 1 111 PHE 111 149 149 PHE PHE A . n 
A 1 112 ALA 112 150 150 ALA ALA A . n 
A 1 113 HIS 113 151 151 HIS HIS A . n 
A 1 114 SER 114 152 152 SER SER A . n 
A 1 115 ASP 115 153 153 ASP ASP A . n 
A 1 116 PRO 116 154 154 PRO PRO A . n 
A 1 117 VAL 117 155 155 VAL VAL A . n 
A 1 118 ALA 118 156 156 ALA ALA A . n 
A 1 119 VAL 119 157 157 VAL VAL A . n 
A 1 120 LYS 120 158 158 LYS LYS A . n 
A 1 121 LEU 121 159 159 LEU LEU A . n 
A 1 122 PRO 122 160 160 PRO PRO A . n 
A 1 123 VAL 123 161 161 VAL VAL A . n 
A 1 124 LYS 124 162 162 LYS LYS A . n 
A 1 125 ALA 125 163 163 ALA ALA A . n 
A 1 126 ALA 126 164 164 ALA ALA A . n 
A 1 127 THR 127 165 ?   ?   ?   A . n 
A 1 128 TYR 128 166 ?   ?   ?   A . n 
A 1 129 GLN 129 167 ?   ?   ?   A . n 
A 1 130 PRO 130 168 ?   ?   ?   A . n 
A 1 131 THR 131 169 ?   ?   ?   A . n 
A 1 132 ALA 132 170 ?   ?   ?   A . n 
A 1 133 GLY 133 171 ?   ?   ?   A . n 
A 1 134 HIS 134 172 ?   ?   ?   A . n 
A 1 135 SER 135 173 ?   ?   ?   A . n 
A 1 136 GLU 136 174 ?   ?   ?   A . n 
A 1 137 ASP 137 175 ?   ?   ?   A . n 
A 1 138 SER 138 176 ?   ?   ?   A . n 
A 1 139 GLY 139 177 ?   ?   ?   A . n 
A 1 140 HIS 140 178 ?   ?   ?   A . n 
# 
loop_
_pdbx_nonpoly_scheme.asym_id 
_pdbx_nonpoly_scheme.entity_id 
_pdbx_nonpoly_scheme.mon_id 
_pdbx_nonpoly_scheme.ndb_seq_num 
_pdbx_nonpoly_scheme.pdb_seq_num 
_pdbx_nonpoly_scheme.auth_seq_num 
_pdbx_nonpoly_scheme.pdb_mon_id 
_pdbx_nonpoly_scheme.auth_mon_id 
_pdbx_nonpoly_scheme.pdb_strand_id 
_pdbx_nonpoly_scheme.pdb_ins_code 
B 2 CU  1   999  999  CU  CU  A . 
C 3 HOH 1   2001 2001 HOH HOH A . 
C 3 HOH 2   2002 2002 HOH HOH A . 
C 3 HOH 3   2003 2003 HOH HOH A . 
C 3 HOH 4   2004 2004 HOH HOH A . 
C 3 HOH 5   2005 2005 HOH HOH A . 
C 3 HOH 6   2006 2006 HOH HOH A . 
C 3 HOH 7   2007 2007 HOH HOH A . 
C 3 HOH 8   2008 2008 HOH HOH A . 
C 3 HOH 9   2009 2009 HOH HOH A . 
C 3 HOH 10  2010 2010 HOH HOH A . 
C 3 HOH 11  2011 2011 HOH HOH A . 
C 3 HOH 12  2012 2012 HOH HOH A . 
C 3 HOH 13  2013 2013 HOH HOH A . 
C 3 HOH 14  2014 2014 HOH HOH A . 
C 3 HOH 15  2015 2015 HOH HOH A . 
C 3 HOH 16  2016 2016 HOH HOH A . 
C 3 HOH 17  2017 2017 HOH HOH A . 
C 3 HOH 18  2018 2018 HOH HOH A . 
C 3 HOH 19  2019 2019 HOH HOH A . 
C 3 HOH 20  2020 2020 HOH HOH A . 
C 3 HOH 21  2021 2021 HOH HOH A . 
C 3 HOH 22  2022 2022 HOH HOH A . 
C 3 HOH 23  2023 2023 HOH HOH A . 
C 3 HOH 24  2024 2024 HOH HOH A . 
C 3 HOH 25  2025 2025 HOH HOH A . 
C 3 HOH 26  2026 2026 HOH HOH A . 
C 3 HOH 27  2027 2027 HOH HOH A . 
C 3 HOH 28  2028 2028 HOH HOH A . 
C 3 HOH 29  2029 2029 HOH HOH A . 
C 3 HOH 30  2030 2030 HOH HOH A . 
C 3 HOH 31  2031 2031 HOH HOH A . 
C 3 HOH 32  2032 2032 HOH HOH A . 
C 3 HOH 33  2033 2033 HOH HOH A . 
C 3 HOH 34  2034 2034 HOH HOH A . 
C 3 HOH 35  2035 2035 HOH HOH A . 
C 3 HOH 36  2036 2036 HOH HOH A . 
C 3 HOH 37  2037 2037 HOH HOH A . 
C 3 HOH 38  2038 2038 HOH HOH A . 
C 3 HOH 39  2039 2039 HOH HOH A . 
C 3 HOH 40  2040 2040 HOH HOH A . 
C 3 HOH 41  2041 2041 HOH HOH A . 
C 3 HOH 42  2042 2042 HOH HOH A . 
C 3 HOH 43  2043 2043 HOH HOH A . 
C 3 HOH 44  2044 2044 HOH HOH A . 
C 3 HOH 45  2045 2045 HOH HOH A . 
C 3 HOH 46  2046 2046 HOH HOH A . 
C 3 HOH 47  2047 2047 HOH HOH A . 
C 3 HOH 48  2048 2048 HOH HOH A . 
C 3 HOH 49  2049 2049 HOH HOH A . 
C 3 HOH 50  2050 2050 HOH HOH A . 
C 3 HOH 51  2051 2051 HOH HOH A . 
C 3 HOH 52  2052 2052 HOH HOH A . 
C 3 HOH 53  2053 2053 HOH HOH A . 
C 3 HOH 54  2054 2054 HOH HOH A . 
C 3 HOH 55  2055 2055 HOH HOH A . 
C 3 HOH 56  2056 2056 HOH HOH A . 
C 3 HOH 57  2057 2057 HOH HOH A . 
C 3 HOH 58  2058 2058 HOH HOH A . 
C 3 HOH 59  2059 2059 HOH HOH A . 
C 3 HOH 60  2060 2060 HOH HOH A . 
C 3 HOH 61  2061 2061 HOH HOH A . 
C 3 HOH 62  2062 2062 HOH HOH A . 
C 3 HOH 63  2063 2063 HOH HOH A . 
C 3 HOH 64  2064 2064 HOH HOH A . 
C 3 HOH 65  2065 2065 HOH HOH A . 
C 3 HOH 66  2066 2066 HOH HOH A . 
C 3 HOH 67  2067 2067 HOH HOH A . 
C 3 HOH 68  2068 2068 HOH HOH A . 
C 3 HOH 69  2069 2069 HOH HOH A . 
C 3 HOH 70  2070 2070 HOH HOH A . 
C 3 HOH 71  2071 2071 HOH HOH A . 
C 3 HOH 72  2072 2072 HOH HOH A . 
C 3 HOH 73  2073 2073 HOH HOH A . 
C 3 HOH 74  2074 2074 HOH HOH A . 
C 3 HOH 75  2075 2075 HOH HOH A . 
C 3 HOH 76  2076 2076 HOH HOH A . 
C 3 HOH 77  2077 2077 HOH HOH A . 
C 3 HOH 78  2078 2078 HOH HOH A . 
C 3 HOH 79  2079 2079 HOH HOH A . 
C 3 HOH 80  2080 2080 HOH HOH A . 
C 3 HOH 81  2081 2081 HOH HOH A . 
C 3 HOH 82  2082 2082 HOH HOH A . 
C 3 HOH 83  2083 2083 HOH HOH A . 
C 3 HOH 84  2084 2084 HOH HOH A . 
C 3 HOH 85  2085 2085 HOH HOH A . 
C 3 HOH 86  2086 2086 HOH HOH A . 
C 3 HOH 87  2087 2087 HOH HOH A . 
C 3 HOH 88  2088 2088 HOH HOH A . 
C 3 HOH 89  2089 2089 HOH HOH A . 
C 3 HOH 90  2090 2090 HOH HOH A . 
C 3 HOH 91  2091 2091 HOH HOH A . 
C 3 HOH 92  2092 2092 HOH HOH A . 
C 3 HOH 93  2093 2093 HOH HOH A . 
C 3 HOH 94  2094 2094 HOH HOH A . 
C 3 HOH 95  2095 2095 HOH HOH A . 
C 3 HOH 96  2096 2096 HOH HOH A . 
C 3 HOH 97  2097 2097 HOH HOH A . 
C 3 HOH 98  2098 2098 HOH HOH A . 
C 3 HOH 99  2099 2099 HOH HOH A . 
C 3 HOH 100 2100 2100 HOH HOH A . 
C 3 HOH 101 2101 2101 HOH HOH A . 
C 3 HOH 102 2102 2102 HOH HOH A . 
C 3 HOH 103 2103 2103 HOH HOH A . 
C 3 HOH 104 2104 2104 HOH HOH A . 
C 3 HOH 105 2105 2105 HOH HOH A . 
C 3 HOH 106 2106 2106 HOH HOH A . 
C 3 HOH 107 2107 2107 HOH HOH A . 
C 3 HOH 108 2108 2108 HOH HOH A . 
# 
loop_
_pdbx_unobs_or_zero_occ_atoms.id 
_pdbx_unobs_or_zero_occ_atoms.PDB_model_num 
_pdbx_unobs_or_zero_occ_atoms.polymer_flag 
_pdbx_unobs_or_zero_occ_atoms.occupancy_flag 
_pdbx_unobs_or_zero_occ_atoms.auth_asym_id 
_pdbx_unobs_or_zero_occ_atoms.auth_comp_id 
_pdbx_unobs_or_zero_occ_atoms.auth_seq_id 
_pdbx_unobs_or_zero_occ_atoms.PDB_ins_code 
_pdbx_unobs_or_zero_occ_atoms.auth_atom_id 
_pdbx_unobs_or_zero_occ_atoms.label_alt_id 
_pdbx_unobs_or_zero_occ_atoms.label_asym_id 
_pdbx_unobs_or_zero_occ_atoms.label_comp_id 
_pdbx_unobs_or_zero_occ_atoms.label_seq_id 
_pdbx_unobs_or_zero_occ_atoms.label_atom_id 
1 1 Y 0 A ASP 109 ? CG  ? A ASP 71 CG  
2 1 Y 0 A ASP 109 ? OD1 ? A ASP 71 OD1 
3 1 Y 0 A ASP 109 ? OD2 ? A ASP 71 OD2 
4 1 Y 0 A LYS 122 ? CE  ? A LYS 84 CE  
5 1 Y 0 A LYS 122 ? NZ  ? A LYS 84 NZ  
6 1 Y 0 A GLN 135 ? OE1 ? A GLN 97 OE1 
7 1 Y 0 A GLN 135 ? NE2 ? A GLN 97 NE2 
# 
loop_
_software.name 
_software.classification 
_software.version 
_software.citation_id 
_software.pdbx_ordinal 
REFMAC refinement       5.7.0029 ? 1 
MOSFLM 'data reduction' .        ? 2 
SCALA  'data scaling'   .        ? 3 
PHENIX phasing          .        ? 4 
# 
_cell.entry_id           3ZJA 
_cell.length_a           44.480 
_cell.length_b           47.840 
_cell.length_c           50.040 
_cell.angle_alpha        90.00 
_cell.angle_beta         90.00 
_cell.angle_gamma        90.00 
_cell.Z_PDB              4 
_cell.pdbx_unique_axis   ? 
# 
_symmetry.entry_id                         3ZJA 
_symmetry.space_group_name_H-M             'P 21 21 21' 
_symmetry.pdbx_full_space_group_name_H-M   ? 
_symmetry.cell_setting                     ? 
_symmetry.Int_Tables_number                19 
# 
_exptl.entry_id          3ZJA 
_exptl.method            'X-RAY DIFFRACTION' 
_exptl.crystals_number   1 
# 
_exptl_crystal.id                    1 
_exptl_crystal.density_meas          ? 
_exptl_crystal.density_Matthews      1.64 
_exptl_crystal.density_percent_sol   25.2 
_exptl_crystal.description           'CU K-EDGE SAD' 
# 
_exptl_crystal_grow.crystal_id      1 
_exptl_crystal_grow.method          ? 
_exptl_crystal_grow.temp            ? 
_exptl_crystal_grow.temp_details    ? 
_exptl_crystal_grow.pH              ? 
_exptl_crystal_grow.pdbx_pH_range   ? 
_exptl_crystal_grow.pdbx_details    '30% PEG-MME2000, 0.1M KSCN' 
# 
_diffrn.id                     1 
_diffrn.ambient_temp           100 
_diffrn.ambient_temp_details   ? 
_diffrn.crystal_id             1 
# 
_diffrn_detector.diffrn_id              1 
_diffrn_detector.detector               PIXEL 
_diffrn_detector.type                   'DECTRIS PILATUS 6M' 
_diffrn_detector.pdbx_collection_date   2011-07-25 
_diffrn_detector.details                MIRRORS 
# 
_diffrn_radiation.diffrn_id                        1 
_diffrn_radiation.wavelength_id                    1 
_diffrn_radiation.pdbx_monochromatic_or_laue_m_l   M 
_diffrn_radiation.monochromator                    'DOUBLE CRYSTAL' 
_diffrn_radiation.pdbx_diffrn_protocol             'SINGLE WAVELENGTH' 
_diffrn_radiation.pdbx_scattering_type             x-ray 
# 
_diffrn_radiation_wavelength.id           1 
_diffrn_radiation_wavelength.wavelength   0.9163 
_diffrn_radiation_wavelength.wt           1.0 
# 
_diffrn_source.diffrn_id                   1 
_diffrn_source.source                      SYNCHROTRON 
_diffrn_source.type                        'DIAMOND BEAMLINE I04-1' 
_diffrn_source.pdbx_synchrotron_site       Diamond 
_diffrn_source.pdbx_synchrotron_beamline   I04-1 
_diffrn_source.pdbx_wavelength             0.9163 
_diffrn_source.pdbx_wavelength_list        ? 
# 
_reflns.pdbx_diffrn_id               1 
_reflns.pdbx_ordinal                 1 
_reflns.entry_id                     3ZJA 
_reflns.observed_criterion_sigma_I   -10.0 
_reflns.observed_criterion_sigma_F   ? 
_reflns.d_resolution_low             32.60 
_reflns.d_resolution_high            1.48 
_reflns.number_obs                   17951 
_reflns.number_all                   ? 
_reflns.percent_possible_obs         98.1 
_reflns.pdbx_Rmerge_I_obs            0.06 
_reflns.pdbx_Rsym_value              ? 
_reflns.pdbx_netI_over_sigmaI        9.50 
_reflns.B_iso_Wilson_estimate        26.6 
_reflns.pdbx_redundancy              3.3 
# 
_reflns_shell.pdbx_diffrn_id         1 
_reflns_shell.pdbx_ordinal           1 
_reflns_shell.d_res_high             1.48 
_reflns_shell.d_res_low              1.56 
_reflns_shell.percent_possible_all   98.8 
_reflns_shell.Rmerge_I_obs           0.48 
_reflns_shell.pdbx_Rsym_value        ? 
_reflns_shell.meanI_over_sigI_obs    2.20 
_reflns_shell.pdbx_redundancy        3.4 
# 
_refine.pdbx_refine_id                           'X-RAY DIFFRACTION' 
_refine.entry_id                                 3ZJA 
_refine.pdbx_diffrn_id                           1 
_refine.pdbx_TLS_residual_ADP_flag               ? 
_refine.ls_number_reflns_obs                     16995 
_refine.ls_number_reflns_all                     ? 
_refine.pdbx_ls_sigma_I                          ? 
_refine.pdbx_ls_sigma_F                          . 
_refine.pdbx_data_cutoff_high_absF               ? 
_refine.pdbx_data_cutoff_low_absF                ? 
_refine.pdbx_data_cutoff_high_rms_absF           ? 
_refine.ls_d_res_low                             27.32 
_refine.ls_d_res_high                            1.48 
_refine.ls_percent_reflns_obs                    97.50 
_refine.ls_R_factor_obs                          0.18741 
_refine.ls_R_factor_all                          ? 
_refine.ls_R_factor_R_work                       0.18544 
_refine.ls_R_factor_R_free                       0.22675 
_refine.ls_R_factor_R_free_error                 ? 
_refine.ls_R_factor_R_free_error_details         ? 
_refine.ls_percent_reflns_R_free                 5.1 
_refine.ls_number_reflns_R_free                  913 
_refine.ls_number_parameters                     ? 
_refine.ls_number_restraints                     ? 
_refine.occupancy_min                            ? 
_refine.occupancy_max                            ? 
_refine.correlation_coeff_Fo_to_Fc               0.967 
_refine.correlation_coeff_Fo_to_Fc_free          0.950 
_refine.B_iso_mean                               20.460 
_refine.aniso_B[1][1]                            -0.94 
_refine.aniso_B[2][2]                            -0.74 
_refine.aniso_B[3][3]                            1.68 
_refine.aniso_B[1][2]                            0.00 
_refine.aniso_B[1][3]                            0.00 
_refine.aniso_B[2][3]                            0.00 
_refine.solvent_model_details                    MASK 
_refine.solvent_model_param_ksol                 ? 
_refine.solvent_model_param_bsol                 ? 
_refine.pdbx_solvent_vdw_probe_radii             1.20 
_refine.pdbx_solvent_ion_probe_radii             0.80 
_refine.pdbx_solvent_shrinkage_radii             0.80 
_refine.pdbx_ls_cross_valid_method               THROUGHOUT 
_refine.details                                  'HYDROGENS HAVE BEEN ADDED IN THE RIDING POSITIONS. U VALUES REFINED INDIVIDUALLY' 
_refine.pdbx_starting_model                      NONE 
_refine.pdbx_method_to_determine_struct          SAD 
_refine.pdbx_isotropic_thermal_model             ? 
_refine.pdbx_stereochemistry_target_values       'MAXIMUM LIKELIHOOD' 
_refine.pdbx_stereochem_target_val_spec_case     ? 
_refine.pdbx_R_Free_selection_details            RANDOM 
_refine.pdbx_overall_ESU_R                       0.078 
_refine.pdbx_overall_ESU_R_Free                  0.084 
_refine.overall_SU_ML                            0.057 
_refine.pdbx_overall_phase_error                 ? 
_refine.overall_SU_B                             1.489 
_refine.overall_SU_R_Cruickshank_DPI             ? 
_refine.pdbx_overall_SU_R_free_Cruickshank_DPI   ? 
_refine.pdbx_overall_SU_R_Blow_DPI               ? 
_refine.pdbx_overall_SU_R_free_Blow_DPI          ? 
# 
_refine_hist.pdbx_refine_id                   'X-RAY DIFFRACTION' 
_refine_hist.cycle_id                         LAST 
_refine_hist.pdbx_number_atoms_protein        849 
_refine_hist.pdbx_number_atoms_nucleic_acid   0 
_refine_hist.pdbx_number_atoms_ligand         1 
_refine_hist.number_atoms_solvent             108 
_refine_hist.number_atoms_total               958 
_refine_hist.d_res_high                       1.48 
_refine_hist.d_res_low                        27.32 
# 
loop_
_refine_ls_restr.type 
_refine_ls_restr.dev_ideal 
_refine_ls_restr.dev_ideal_target 
_refine_ls_restr.weight 
_refine_ls_restr.number 
_refine_ls_restr.pdbx_refine_id 
_refine_ls_restr.pdbx_restraint_function 
r_bond_refined_d             0.016  0.019  ? 923  'X-RAY DIFFRACTION' ? 
r_bond_other_d               0.001  0.020  ? 890  'X-RAY DIFFRACTION' ? 
r_angle_refined_deg          1.800  1.967  ? 1268 'X-RAY DIFFRACTION' ? 
r_angle_other_deg            0.802  3.000  ? 2077 'X-RAY DIFFRACTION' ? 
r_dihedral_angle_1_deg       6.446  5.000  ? 133  'X-RAY DIFFRACTION' ? 
r_dihedral_angle_2_deg       37.181 26.757 ? 37   'X-RAY DIFFRACTION' ? 
r_dihedral_angle_3_deg       14.377 15.000 ? 163  'X-RAY DIFFRACTION' ? 
r_dihedral_angle_4_deg       11.453 15.000 ? 1    'X-RAY DIFFRACTION' ? 
r_chiral_restr               0.100  0.200  ? 150  'X-RAY DIFFRACTION' ? 
r_gen_planes_refined         0.008  0.021  ? 1075 'X-RAY DIFFRACTION' ? 
r_gen_planes_other           0.001  0.020  ? 184  'X-RAY DIFFRACTION' ? 
r_nbd_refined                ?      ?      ? ?    'X-RAY DIFFRACTION' ? 
r_nbd_other                  ?      ?      ? ?    'X-RAY DIFFRACTION' ? 
r_nbtor_refined              ?      ?      ? ?    'X-RAY DIFFRACTION' ? 
r_nbtor_other                ?      ?      ? ?    'X-RAY DIFFRACTION' ? 
r_xyhbond_nbd_refined        ?      ?      ? ?    'X-RAY DIFFRACTION' ? 
r_xyhbond_nbd_other          ?      ?      ? ?    'X-RAY DIFFRACTION' ? 
r_metal_ion_refined          ?      ?      ? ?    'X-RAY DIFFRACTION' ? 
r_metal_ion_other            ?      ?      ? ?    'X-RAY DIFFRACTION' ? 
r_symmetry_vdw_refined       ?      ?      ? ?    'X-RAY DIFFRACTION' ? 
r_symmetry_vdw_other         ?      ?      ? ?    'X-RAY DIFFRACTION' ? 
r_symmetry_hbond_refined     ?      ?      ? ?    'X-RAY DIFFRACTION' ? 
r_symmetry_hbond_other       ?      ?      ? ?    'X-RAY DIFFRACTION' ? 
r_symmetry_metal_ion_refined ?      ?      ? ?    'X-RAY DIFFRACTION' ? 
r_symmetry_metal_ion_other   ?      ?      ? ?    'X-RAY DIFFRACTION' ? 
r_mcbond_it                  ?      ?      ? ?    'X-RAY DIFFRACTION' ? 
r_mcbond_other               ?      ?      ? ?    'X-RAY DIFFRACTION' ? 
r_mcangle_it                 ?      ?      ? ?    'X-RAY DIFFRACTION' ? 
r_mcangle_other              ?      ?      ? ?    'X-RAY DIFFRACTION' ? 
r_scbond_it                  ?      ?      ? ?    'X-RAY DIFFRACTION' ? 
r_scbond_other               ?      ?      ? ?    'X-RAY DIFFRACTION' ? 
r_scangle_it                 ?      ?      ? ?    'X-RAY DIFFRACTION' ? 
r_scangle_other              ?      ?      ? ?    'X-RAY DIFFRACTION' ? 
r_long_range_B_refined       ?      ?      ? ?    'X-RAY DIFFRACTION' ? 
r_long_range_B_other         ?      ?      ? ?    'X-RAY DIFFRACTION' ? 
r_rigid_bond_restr           ?      ?      ? ?    'X-RAY DIFFRACTION' ? 
r_sphericity_free            ?      ?      ? ?    'X-RAY DIFFRACTION' ? 
r_sphericity_bonded          ?      ?      ? ?    'X-RAY DIFFRACTION' ? 
# 
_refine_ls_shell.pdbx_refine_id                   'X-RAY DIFFRACTION' 
_refine_ls_shell.pdbx_total_number_of_bins_used   20 
_refine_ls_shell.d_res_high                       1.480 
_refine_ls_shell.d_res_low                        1.518 
_refine_ls_shell.number_reflns_R_work             1236 
_refine_ls_shell.R_factor_R_work                  0.295 
_refine_ls_shell.percent_reflns_obs               98.19 
_refine_ls_shell.R_factor_R_free                  0.334 
_refine_ls_shell.R_factor_R_free_error            ? 
_refine_ls_shell.percent_reflns_R_free            ? 
_refine_ls_shell.number_reflns_R_free             68 
_refine_ls_shell.number_reflns_all                ? 
_refine_ls_shell.R_factor_all                     ? 
# 
_struct.entry_id                  3ZJA 
_struct.title                     'The crystal structure of a Cu(I) metallochaperone from Streptomyces lividans' 
_struct.pdbx_model_details        ? 
_struct.pdbx_CASP_flag            ? 
_struct.pdbx_model_type_details   ? 
# 
_struct_keywords.entry_id        3ZJA 
_struct_keywords.pdbx_keywords   CHAPERONE 
_struct_keywords.text            CHAPERONE 
# 
loop_
_struct_asym.id 
_struct_asym.pdbx_blank_PDB_chainid_flag 
_struct_asym.pdbx_modified 
_struct_asym.entity_id 
_struct_asym.details 
A N N 1 ? 
B N N 2 ? 
C N N 3 ? 
# 
_struct_ref.id                         1 
_struct_ref.db_name                    UNP 
_struct_ref.db_code                    Q93J41_STRCO 
_struct_ref.entity_id                  1 
_struct_ref.pdbx_seq_one_letter_code   ? 
_struct_ref.pdbx_align_begin           ? 
_struct_ref.pdbx_db_accession          Q93J41 
_struct_ref.pdbx_db_isoform            ? 
# 
_struct_ref_seq.align_id                      1 
_struct_ref_seq.ref_id                        1 
_struct_ref_seq.pdbx_PDB_id_code              3ZJA 
_struct_ref_seq.pdbx_strand_id                A 
_struct_ref_seq.seq_align_beg                 4 
_struct_ref_seq.pdbx_seq_align_beg_ins_code   ? 
_struct_ref_seq.seq_align_end                 140 
_struct_ref_seq.pdbx_seq_align_end_ins_code   ? 
_struct_ref_seq.pdbx_db_accession             Q93J41 
_struct_ref_seq.db_align_beg                  42 
_struct_ref_seq.pdbx_db_align_beg_ins_code    ? 
_struct_ref_seq.db_align_end                  178 
_struct_ref_seq.pdbx_db_align_end_ins_code    ? 
_struct_ref_seq.pdbx_auth_seq_align_beg       42 
_struct_ref_seq.pdbx_auth_seq_align_end       178 
# 
loop_
_struct_ref_seq_dif.align_id 
_struct_ref_seq_dif.pdbx_pdb_id_code 
_struct_ref_seq_dif.mon_id 
_struct_ref_seq_dif.pdbx_pdb_strand_id 
_struct_ref_seq_dif.seq_num 
_struct_ref_seq_dif.pdbx_pdb_ins_code 
_struct_ref_seq_dif.pdbx_seq_db_name 
_struct_ref_seq_dif.pdbx_seq_db_accession_code 
_struct_ref_seq_dif.db_mon_id 
_struct_ref_seq_dif.pdbx_seq_db_seq_num 
_struct_ref_seq_dif.details 
_struct_ref_seq_dif.pdbx_auth_seq_num 
_struct_ref_seq_dif.pdbx_ordinal 
1 3ZJA SER A 1 ? UNP Q93J41 ? ? 'expression tag' 39 1 
1 3ZJA HIS A 2 ? UNP Q93J41 ? ? 'expression tag' 40 2 
1 3ZJA MET A 3 ? UNP Q93J41 ? ? 'expression tag' 41 3 
# 
_pdbx_struct_assembly.id                   1 
_pdbx_struct_assembly.details              author_and_software_defined_assembly 
_pdbx_struct_assembly.method_details       PISA 
_pdbx_struct_assembly.oligomeric_details   monomeric 
_pdbx_struct_assembly.oligomeric_count     1 
# 
_pdbx_struct_assembly_gen.assembly_id       1 
_pdbx_struct_assembly_gen.oper_expression   1 
_pdbx_struct_assembly_gen.asym_id_list      A,B,C 
# 
_pdbx_struct_oper_list.id                   1 
_pdbx_struct_oper_list.type                 'identity operation' 
_pdbx_struct_oper_list.name                 1_555 
_pdbx_struct_oper_list.symmetry_operation   x,y,z 
_pdbx_struct_oper_list.matrix[1][1]         1.0000000000 
_pdbx_struct_oper_list.matrix[1][2]         0.0000000000 
_pdbx_struct_oper_list.matrix[1][3]         0.0000000000 
_pdbx_struct_oper_list.vector[1]            0.0000000000 
_pdbx_struct_oper_list.matrix[2][1]         0.0000000000 
_pdbx_struct_oper_list.matrix[2][2]         1.0000000000 
_pdbx_struct_oper_list.matrix[2][3]         0.0000000000 
_pdbx_struct_oper_list.vector[2]            0.0000000000 
_pdbx_struct_oper_list.matrix[3][1]         0.0000000000 
_pdbx_struct_oper_list.matrix[3][2]         0.0000000000 
_pdbx_struct_oper_list.matrix[3][3]         1.0000000000 
_pdbx_struct_oper_list.vector[3]            0.0000000000 
# 
_struct_biol.id   1 
# 
loop_
_struct_conn.id 
_struct_conn.conn_type_id 
_struct_conn.pdbx_leaving_atom_flag 
_struct_conn.pdbx_PDB_id 
_struct_conn.ptnr1_label_asym_id 
_struct_conn.ptnr1_label_comp_id 
_struct_conn.ptnr1_label_seq_id 
_struct_conn.ptnr1_label_atom_id 
_struct_conn.pdbx_ptnr1_label_alt_id 
_struct_conn.pdbx_ptnr1_PDB_ins_code 
_struct_conn.pdbx_ptnr1_standard_comp_id 
_struct_conn.ptnr1_symmetry 
_struct_conn.ptnr2_label_asym_id 
_struct_conn.ptnr2_label_comp_id 
_struct_conn.ptnr2_label_seq_id 
_struct_conn.ptnr2_label_atom_id 
_struct_conn.pdbx_ptnr2_label_alt_id 
_struct_conn.pdbx_ptnr2_PDB_ins_code 
_struct_conn.ptnr1_auth_asym_id 
_struct_conn.ptnr1_auth_comp_id 
_struct_conn.ptnr1_auth_seq_id 
_struct_conn.ptnr2_auth_asym_id 
_struct_conn.ptnr2_auth_comp_id 
_struct_conn.ptnr2_auth_seq_id 
_struct_conn.ptnr2_symmetry 
_struct_conn.pdbx_ptnr3_label_atom_id 
_struct_conn.pdbx_ptnr3_label_seq_id 
_struct_conn.pdbx_ptnr3_label_comp_id 
_struct_conn.pdbx_ptnr3_label_asym_id 
_struct_conn.pdbx_ptnr3_label_alt_id 
_struct_conn.pdbx_ptnr3_PDB_ins_code 
_struct_conn.details 
_struct_conn.pdbx_dist_value 
_struct_conn.pdbx_value_order 
_struct_conn.pdbx_role 
metalc1 metalc ? ? A HIS 60 ND1 ? ? ? 1_555 B CU . CU ? ? A HIS 98  A CU 999 1_555 ? ? ? ? ? ? ? 2.152 ? ? 
metalc2 metalc ? ? A MET 67 SD  ? ? ? 1_555 B CU . CU ? ? A MET 105 A CU 999 1_555 ? ? ? ? ? ? ? 2.253 ? ? 
metalc3 metalc ? ? A HIS 89 NE2 ? ? ? 1_555 B CU . CU ? ? A HIS 127 A CU 999 1_555 ? ? ? ? ? ? ? 2.082 ? ? 
metalc4 metalc ? ? A MET 91 SD  ? ? ? 1_555 B CU . CU ? ? A MET 129 A CU 999 1_555 ? ? ? ? ? ? ? 2.306 ? ? 
# 
_struct_conn_type.id          metalc 
_struct_conn_type.criteria    ? 
_struct_conn_type.reference   ? 
# 
loop_
_pdbx_struct_conn_angle.id 
_pdbx_struct_conn_angle.ptnr1_label_atom_id 
_pdbx_struct_conn_angle.ptnr1_label_alt_id 
_pdbx_struct_conn_angle.ptnr1_label_asym_id 
_pdbx_struct_conn_angle.ptnr1_label_comp_id 
_pdbx_struct_conn_angle.ptnr1_label_seq_id 
_pdbx_struct_conn_angle.ptnr1_auth_atom_id 
_pdbx_struct_conn_angle.ptnr1_auth_asym_id 
_pdbx_struct_conn_angle.ptnr1_auth_comp_id 
_pdbx_struct_conn_angle.ptnr1_auth_seq_id 
_pdbx_struct_conn_angle.ptnr1_PDB_ins_code 
_pdbx_struct_conn_angle.ptnr1_symmetry 
_pdbx_struct_conn_angle.ptnr2_label_atom_id 
_pdbx_struct_conn_angle.ptnr2_label_alt_id 
_pdbx_struct_conn_angle.ptnr2_label_asym_id 
_pdbx_struct_conn_angle.ptnr2_label_comp_id 
_pdbx_struct_conn_angle.ptnr2_label_seq_id 
_pdbx_struct_conn_angle.ptnr2_auth_atom_id 
_pdbx_struct_conn_angle.ptnr2_auth_asym_id 
_pdbx_struct_conn_angle.ptnr2_auth_comp_id 
_pdbx_struct_conn_angle.ptnr2_auth_seq_id 
_pdbx_struct_conn_angle.ptnr2_PDB_ins_code 
_pdbx_struct_conn_angle.ptnr2_symmetry 
_pdbx_struct_conn_angle.ptnr3_label_atom_id 
_pdbx_struct_conn_angle.ptnr3_label_alt_id 
_pdbx_struct_conn_angle.ptnr3_label_asym_id 
_pdbx_struct_conn_angle.ptnr3_label_comp_id 
_pdbx_struct_conn_angle.ptnr3_label_seq_id 
_pdbx_struct_conn_angle.ptnr3_auth_atom_id 
_pdbx_struct_conn_angle.ptnr3_auth_asym_id 
_pdbx_struct_conn_angle.ptnr3_auth_comp_id 
_pdbx_struct_conn_angle.ptnr3_auth_seq_id 
_pdbx_struct_conn_angle.ptnr3_PDB_ins_code 
_pdbx_struct_conn_angle.ptnr3_symmetry 
_pdbx_struct_conn_angle.value 
_pdbx_struct_conn_angle.value_esd 
1 ND1 ? A HIS 60 ? A HIS 98  ? 1_555 CU ? B CU . ? A CU 999 ? 1_555 SD  ? A MET 67 ? A MET 105 ? 1_555 113.6 ? 
2 ND1 ? A HIS 60 ? A HIS 98  ? 1_555 CU ? B CU . ? A CU 999 ? 1_555 NE2 ? A HIS 89 ? A HIS 127 ? 1_555 108.3 ? 
3 SD  ? A MET 67 ? A MET 105 ? 1_555 CU ? B CU . ? A CU 999 ? 1_555 NE2 ? A HIS 89 ? A HIS 127 ? 1_555 109.9 ? 
4 ND1 ? A HIS 60 ? A HIS 98  ? 1_555 CU ? B CU . ? A CU 999 ? 1_555 SD  ? A MET 91 ? A MET 129 ? 1_555 109.9 ? 
5 SD  ? A MET 67 ? A MET 105 ? 1_555 CU ? B CU . ? A CU 999 ? 1_555 SD  ? A MET 91 ? A MET 129 ? 1_555 115.3 ? 
6 NE2 ? A HIS 89 ? A HIS 127 ? 1_555 CU ? B CU . ? A CU 999 ? 1_555 SD  ? A MET 91 ? A MET 129 ? 1_555 98.7  ? 
# 
loop_
_struct_sheet.id 
_struct_sheet.type 
_struct_sheet.number_strands 
_struct_sheet.details 
AA ? 5 ? 
AB ? 9 ? 
AC ? 2 ? 
# 
loop_
_struct_sheet_order.sheet_id 
_struct_sheet_order.range_id_1 
_struct_sheet_order.range_id_2 
_struct_sheet_order.offset 
_struct_sheet_order.sense 
AA 1 2 ? anti-parallel 
AA 2 3 ? parallel      
AA 3 4 ? parallel      
AA 4 5 ? anti-parallel 
AB 1 2 ? anti-parallel 
AB 2 3 ? parallel      
AB 3 4 ? parallel      
AB 4 5 ? anti-parallel 
AB 5 6 ? parallel      
AB 6 7 ? anti-parallel 
AB 7 8 ? anti-parallel 
AB 8 9 ? anti-parallel 
AC 1 2 ? anti-parallel 
# 
loop_
_struct_sheet_range.sheet_id 
_struct_sheet_range.id 
_struct_sheet_range.beg_label_comp_id 
_struct_sheet_range.beg_label_asym_id 
_struct_sheet_range.beg_label_seq_id 
_struct_sheet_range.pdbx_beg_PDB_ins_code 
_struct_sheet_range.end_label_comp_id 
_struct_sheet_range.end_label_asym_id 
_struct_sheet_range.end_label_seq_id 
_struct_sheet_range.pdbx_end_PDB_ins_code 
_struct_sheet_range.beg_auth_comp_id 
_struct_sheet_range.beg_auth_asym_id 
_struct_sheet_range.beg_auth_seq_id 
_struct_sheet_range.end_auth_comp_id 
_struct_sheet_range.end_auth_asym_id 
_struct_sheet_range.end_auth_seq_id 
AA 1 THR A 66  ? GLU A 69  ? THR A 104 GLU A 107 
AA 2 GLU A 56  ? ILE A 63  ? GLU A 94  ILE A 101 
AA 3 HIS A 89  ? GLU A 93  ? HIS A 127 GLU A 131 
AA 4 ALA A 31  ? ASN A 39  ? ALA A 69  ASN A 77  
AA 5 GLY A 79  ? PHE A 83  ? GLY A 117 PHE A 121 
AB 1 THR A 66  ? GLU A 69  ? THR A 104 GLU A 107 
AB 2 GLU A 56  ? ILE A 63  ? GLU A 94  ILE A 101 
AB 3 HIS A 89  ? GLU A 93  ? HIS A 127 GLU A 131 
AB 4 ALA A 31  ? ASN A 39  ? ALA A 69  ASN A 77  
AB 5 LEU A 15  ? PRO A 23  ? LEU A 53  PRO A 61  
AB 6 VAL A 117 ? LYS A 124 ? VAL A 155 LYS A 162 
AB 7 SER A 104 ? PHE A 111 ? SER A 142 PHE A 149 
AB 8 ASP A 45  ? THR A 51  ? ASP A 83  THR A 89  
AB 9 ILE A 73  ? VAL A 75  ? ILE A 111 VAL A 113 
AC 1 GLY A 79  ? PHE A 83  ? GLY A 117 PHE A 121 
AC 2 ALA A 31  ? ASN A 39  ? ALA A 69  ASN A 77  
# 
loop_
_pdbx_struct_sheet_hbond.sheet_id 
_pdbx_struct_sheet_hbond.range_id_1 
_pdbx_struct_sheet_hbond.range_id_2 
_pdbx_struct_sheet_hbond.range_1_label_atom_id 
_pdbx_struct_sheet_hbond.range_1_label_comp_id 
_pdbx_struct_sheet_hbond.range_1_label_asym_id 
_pdbx_struct_sheet_hbond.range_1_label_seq_id 
_pdbx_struct_sheet_hbond.range_1_PDB_ins_code 
_pdbx_struct_sheet_hbond.range_1_auth_atom_id 
_pdbx_struct_sheet_hbond.range_1_auth_comp_id 
_pdbx_struct_sheet_hbond.range_1_auth_asym_id 
_pdbx_struct_sheet_hbond.range_1_auth_seq_id 
_pdbx_struct_sheet_hbond.range_2_label_atom_id 
_pdbx_struct_sheet_hbond.range_2_label_comp_id 
_pdbx_struct_sheet_hbond.range_2_label_asym_id 
_pdbx_struct_sheet_hbond.range_2_label_seq_id 
_pdbx_struct_sheet_hbond.range_2_PDB_ins_code 
_pdbx_struct_sheet_hbond.range_2_auth_atom_id 
_pdbx_struct_sheet_hbond.range_2_auth_comp_id 
_pdbx_struct_sheet_hbond.range_2_auth_asym_id 
_pdbx_struct_sheet_hbond.range_2_auth_seq_id 
AA 1 2 N LYS A 68  ? N LYS A 106 O GLU A 61  ? O GLU A 99  
AA 2 3 N HIS A 60  ? N HIS A 98  O HIS A 89  ? O HIS A 127 
AA 3 4 N PHE A 92  ? N PHE A 130 O ALA A 31  ? O ALA A 69  
AA 4 5 N ASN A 39  ? N ASN A 77  O GLY A 79  ? O GLY A 117 
AB 1 2 N LYS A 68  ? N LYS A 106 O GLU A 61  ? O GLU A 99  
AB 2 3 N HIS A 60  ? N HIS A 98  O HIS A 89  ? O HIS A 127 
AB 3 4 N PHE A 92  ? N PHE A 130 O ALA A 31  ? O ALA A 69  
AB 4 5 N THR A 38  ? N THR A 76  O SER A 16  ? O SER A 54  
AB 5 6 N ILE A 22  ? N ILE A 60  O PRO A 122 ? O PRO A 160 
AB 6 7 N LEU A 121 ? N LEU A 159 O VAL A 105 ? O VAL A 143 
AB 7 8 O HIS A 110 ? O HIS A 148 N THR A 48  ? N THR A 86  
AB 8 9 N LEU A 47  ? N LEU A 85  O ILE A 73  ? O ILE A 111 
AC 1 2 N PHE A 83  ? N PHE A 121 O LEU A 35  ? O LEU A 73  
# 
_struct_site.id                   AC1 
_struct_site.pdbx_evidence_code   Software 
_struct_site.pdbx_auth_asym_id    A 
_struct_site.pdbx_auth_comp_id    CU 
_struct_site.pdbx_auth_seq_id     999 
_struct_site.pdbx_auth_ins_code   ? 
_struct_site.pdbx_num_residues    4 
_struct_site.details              'BINDING SITE FOR RESIDUE CU A 999' 
# 
loop_
_struct_site_gen.id 
_struct_site_gen.site_id 
_struct_site_gen.pdbx_num_res 
_struct_site_gen.label_comp_id 
_struct_site_gen.label_asym_id 
_struct_site_gen.label_seq_id 
_struct_site_gen.pdbx_auth_ins_code 
_struct_site_gen.auth_comp_id 
_struct_site_gen.auth_asym_id 
_struct_site_gen.auth_seq_id 
_struct_site_gen.label_atom_id 
_struct_site_gen.label_alt_id 
_struct_site_gen.symmetry 
_struct_site_gen.details 
1 AC1 4 HIS A 60 ? HIS A 98  . ? 1_555 ? 
2 AC1 4 MET A 67 ? MET A 105 . ? 1_555 ? 
3 AC1 4 HIS A 89 ? HIS A 127 . ? 1_555 ? 
4 AC1 4 MET A 91 ? MET A 129 . ? 1_555 ? 
# 
loop_
_pdbx_validate_close_contact.id 
_pdbx_validate_close_contact.PDB_model_num 
_pdbx_validate_close_contact.auth_atom_id_1 
_pdbx_validate_close_contact.auth_asym_id_1 
_pdbx_validate_close_contact.auth_comp_id_1 
_pdbx_validate_close_contact.auth_seq_id_1 
_pdbx_validate_close_contact.PDB_ins_code_1 
_pdbx_validate_close_contact.label_alt_id_1 
_pdbx_validate_close_contact.auth_atom_id_2 
_pdbx_validate_close_contact.auth_asym_id_2 
_pdbx_validate_close_contact.auth_comp_id_2 
_pdbx_validate_close_contact.auth_seq_id_2 
_pdbx_validate_close_contact.PDB_ins_code_2 
_pdbx_validate_close_contact.label_alt_id_2 
_pdbx_validate_close_contact.dist 
1 1 OE1 A GLU 84  ? ? NH1 A ARG 110  ? ? 2.09 
2 1 N   A ARG 110 ? ? O   A HOH 2074 ? ? 2.13 
# 
_pdbx_validate_symm_contact.id                1 
_pdbx_validate_symm_contact.PDB_model_num     1 
_pdbx_validate_symm_contact.auth_atom_id_1    OD2 
_pdbx_validate_symm_contact.auth_asym_id_1    A 
_pdbx_validate_symm_contact.auth_comp_id_1    ASP 
_pdbx_validate_symm_contact.auth_seq_id_1     102 
_pdbx_validate_symm_contact.PDB_ins_code_1    ? 
_pdbx_validate_symm_contact.label_alt_id_1    ? 
_pdbx_validate_symm_contact.site_symmetry_1   1_555 
_pdbx_validate_symm_contact.auth_atom_id_2    OE1 
_pdbx_validate_symm_contact.auth_asym_id_2    A 
_pdbx_validate_symm_contact.auth_comp_id_2    GLN 
_pdbx_validate_symm_contact.auth_seq_id_2     135 
_pdbx_validate_symm_contact.PDB_ins_code_2    ? 
_pdbx_validate_symm_contact.label_alt_id_2    ? 
_pdbx_validate_symm_contact.site_symmetry_2   3_554 
_pdbx_validate_symm_contact.dist              1.77 
# 
_pdbx_validate_rmsd_bond.id                        1 
_pdbx_validate_rmsd_bond.PDB_model_num             1 
_pdbx_validate_rmsd_bond.auth_atom_id_1            CD 
_pdbx_validate_rmsd_bond.auth_asym_id_1            A 
_pdbx_validate_rmsd_bond.auth_comp_id_1            GLN 
_pdbx_validate_rmsd_bond.auth_seq_id_1             135 
_pdbx_validate_rmsd_bond.PDB_ins_code_1            ? 
_pdbx_validate_rmsd_bond.label_alt_id_1            ? 
_pdbx_validate_rmsd_bond.auth_atom_id_2            OE1 
_pdbx_validate_rmsd_bond.auth_asym_id_2            A 
_pdbx_validate_rmsd_bond.auth_comp_id_2            GLN 
_pdbx_validate_rmsd_bond.auth_seq_id_2             135 
_pdbx_validate_rmsd_bond.PDB_ins_code_2            ? 
_pdbx_validate_rmsd_bond.label_alt_id_2            ? 
_pdbx_validate_rmsd_bond.bond_value                1.481 
_pdbx_validate_rmsd_bond.bond_target_value         1.235 
_pdbx_validate_rmsd_bond.bond_deviation            0.246 
_pdbx_validate_rmsd_bond.bond_standard_deviation   0.022 
_pdbx_validate_rmsd_bond.linker_flag               N 
# 
loop_
_pdbx_validate_rmsd_angle.id 
_pdbx_validate_rmsd_angle.PDB_model_num 
_pdbx_validate_rmsd_angle.auth_atom_id_1 
_pdbx_validate_rmsd_angle.auth_asym_id_1 
_pdbx_validate_rmsd_angle.auth_comp_id_1 
_pdbx_validate_rmsd_angle.auth_seq_id_1 
_pdbx_validate_rmsd_angle.PDB_ins_code_1 
_pdbx_validate_rmsd_angle.label_alt_id_1 
_pdbx_validate_rmsd_angle.auth_atom_id_2 
_pdbx_validate_rmsd_angle.auth_asym_id_2 
_pdbx_validate_rmsd_angle.auth_comp_id_2 
_pdbx_validate_rmsd_angle.auth_seq_id_2 
_pdbx_validate_rmsd_angle.PDB_ins_code_2 
_pdbx_validate_rmsd_angle.label_alt_id_2 
_pdbx_validate_rmsd_angle.auth_atom_id_3 
_pdbx_validate_rmsd_angle.auth_asym_id_3 
_pdbx_validate_rmsd_angle.auth_comp_id_3 
_pdbx_validate_rmsd_angle.auth_seq_id_3 
_pdbx_validate_rmsd_angle.PDB_ins_code_3 
_pdbx_validate_rmsd_angle.label_alt_id_3 
_pdbx_validate_rmsd_angle.angle_value 
_pdbx_validate_rmsd_angle.angle_target_value 
_pdbx_validate_rmsd_angle.angle_deviation 
_pdbx_validate_rmsd_angle.angle_standard_deviation 
_pdbx_validate_rmsd_angle.linker_flag 
1 1 OE1 A GLN 135 ? ? CD A GLN 135 ? ? NE2 A GLN 135 ? ? 105.30 121.90 -16.60 2.30 N 
2 1 CG  A GLN 135 ? ? CD A GLN 135 ? ? OE1 A GLN 135 ? ? 93.61  121.60 -27.99 2.00 N 
3 1 CG  A GLN 135 ? ? CD A GLN 135 ? ? NE2 A GLN 135 ? ? 95.36  116.70 -21.34 2.40 N 
# 
_pdbx_validate_torsion.id              1 
_pdbx_validate_torsion.PDB_model_num   1 
_pdbx_validate_torsion.auth_comp_id    ARG 
_pdbx_validate_torsion.auth_asym_id    A 
_pdbx_validate_torsion.auth_seq_id     110 
_pdbx_validate_torsion.PDB_ins_code    ? 
_pdbx_validate_torsion.label_alt_id    ? 
_pdbx_validate_torsion.phi             -153.36 
_pdbx_validate_torsion.psi             57.38 
# 
_pdbx_validate_planes.id              1 
_pdbx_validate_planes.PDB_model_num   1 
_pdbx_validate_planes.auth_comp_id    GLN 
_pdbx_validate_planes.auth_asym_id    A 
_pdbx_validate_planes.auth_seq_id     135 
_pdbx_validate_planes.PDB_ins_code    ? 
_pdbx_validate_planes.label_alt_id    ? 
_pdbx_validate_planes.rmsd            0.298 
_pdbx_validate_planes.type            'SIDE CHAIN' 
# 
_pdbx_entry_details.entry_id                 3ZJA 
_pdbx_entry_details.compound_details         ? 
_pdbx_entry_details.source_details           ? 
_pdbx_entry_details.nonpolymer_details       ? 
_pdbx_entry_details.sequence_details         
;FULL-LENGTH SEQUENCE IS 178 AMINO-ACIDS. N-TERMINAL
TRANSMEMBRANE HELIX REMOVED, AND CONSTRUCT CRYSTALLISED
BEGINS AT SER-42
;
_pdbx_entry_details.has_ligand_of_interest   ? 
# 
loop_
_pdbx_unobs_or_zero_occ_residues.id 
_pdbx_unobs_or_zero_occ_residues.PDB_model_num 
_pdbx_unobs_or_zero_occ_residues.polymer_flag 
_pdbx_unobs_or_zero_occ_residues.occupancy_flag 
_pdbx_unobs_or_zero_occ_residues.auth_asym_id 
_pdbx_unobs_or_zero_occ_residues.auth_comp_id 
_pdbx_unobs_or_zero_occ_residues.auth_seq_id 
_pdbx_unobs_or_zero_occ_residues.PDB_ins_code 
_pdbx_unobs_or_zero_occ_residues.label_asym_id 
_pdbx_unobs_or_zero_occ_residues.label_comp_id 
_pdbx_unobs_or_zero_occ_residues.label_seq_id 
1  1 Y 1 A SER 39  ? A SER 1   
2  1 Y 1 A HIS 40  ? A HIS 2   
3  1 Y 1 A MET 41  ? A MET 3   
4  1 Y 1 A SER 42  ? A SER 4   
5  1 Y 1 A GLY 43  ? A GLY 5   
6  1 Y 1 A ALA 44  ? A ALA 6   
7  1 Y 1 A ASP 45  ? A ASP 7   
8  1 Y 1 A SER 46  ? A SER 8   
9  1 Y 1 A ALA 47  ? A ALA 9   
10 1 Y 1 A SER 48  ? A SER 10  
11 1 Y 1 A PRO 49  ? A PRO 11  
12 1 Y 1 A GLY 50  ? A GLY 12  
13 1 Y 1 A THR 165 ? A THR 127 
14 1 Y 1 A TYR 166 ? A TYR 128 
15 1 Y 1 A GLN 167 ? A GLN 129 
16 1 Y 1 A PRO 168 ? A PRO 130 
17 1 Y 1 A THR 169 ? A THR 131 
18 1 Y 1 A ALA 170 ? A ALA 132 
19 1 Y 1 A GLY 171 ? A GLY 133 
20 1 Y 1 A HIS 172 ? A HIS 134 
21 1 Y 1 A SER 173 ? A SER 135 
22 1 Y 1 A GLU 174 ? A GLU 136 
23 1 Y 1 A ASP 175 ? A ASP 137 
24 1 Y 1 A SER 176 ? A SER 138 
25 1 Y 1 A GLY 177 ? A GLY 139 
26 1 Y 1 A HIS 178 ? A HIS 140 
# 
loop_
_chem_comp_atom.comp_id 
_chem_comp_atom.atom_id 
_chem_comp_atom.type_symbol 
_chem_comp_atom.pdbx_aromatic_flag 
_chem_comp_atom.pdbx_stereo_config 
_chem_comp_atom.pdbx_ordinal 
ALA N    N  N N 1   
ALA CA   C  N S 2   
ALA C    C  N N 3   
ALA O    O  N N 4   
ALA CB   C  N N 5   
ALA OXT  O  N N 6   
ALA H    H  N N 7   
ALA H2   H  N N 8   
ALA HA   H  N N 9   
ALA HB1  H  N N 10  
ALA HB2  H  N N 11  
ALA HB3  H  N N 12  
ALA HXT  H  N N 13  
ARG N    N  N N 14  
ARG CA   C  N S 15  
ARG C    C  N N 16  
ARG O    O  N N 17  
ARG CB   C  N N 18  
ARG CG   C  N N 19  
ARG CD   C  N N 20  
ARG NE   N  N N 21  
ARG CZ   C  N N 22  
ARG NH1  N  N N 23  
ARG NH2  N  N N 24  
ARG OXT  O  N N 25  
ARG H    H  N N 26  
ARG H2   H  N N 27  
ARG HA   H  N N 28  
ARG HB2  H  N N 29  
ARG HB3  H  N N 30  
ARG HG2  H  N N 31  
ARG HG3  H  N N 32  
ARG HD2  H  N N 33  
ARG HD3  H  N N 34  
ARG HE   H  N N 35  
ARG HH11 H  N N 36  
ARG HH12 H  N N 37  
ARG HH21 H  N N 38  
ARG HH22 H  N N 39  
ARG HXT  H  N N 40  
ASN N    N  N N 41  
ASN CA   C  N S 42  
ASN C    C  N N 43  
ASN O    O  N N 44  
ASN CB   C  N N 45  
ASN CG   C  N N 46  
ASN OD1  O  N N 47  
ASN ND2  N  N N 48  
ASN OXT  O  N N 49  
ASN H    H  N N 50  
ASN H2   H  N N 51  
ASN HA   H  N N 52  
ASN HB2  H  N N 53  
ASN HB3  H  N N 54  
ASN HD21 H  N N 55  
ASN HD22 H  N N 56  
ASN HXT  H  N N 57  
ASP N    N  N N 58  
ASP CA   C  N S 59  
ASP C    C  N N 60  
ASP O    O  N N 61  
ASP CB   C  N N 62  
ASP CG   C  N N 63  
ASP OD1  O  N N 64  
ASP OD2  O  N N 65  
ASP OXT  O  N N 66  
ASP H    H  N N 67  
ASP H2   H  N N 68  
ASP HA   H  N N 69  
ASP HB2  H  N N 70  
ASP HB3  H  N N 71  
ASP HD2  H  N N 72  
ASP HXT  H  N N 73  
CU  CU   CU N N 74  
GLN N    N  N N 75  
GLN CA   C  N S 76  
GLN C    C  N N 77  
GLN O    O  N N 78  
GLN CB   C  N N 79  
GLN CG   C  N N 80  
GLN CD   C  N N 81  
GLN OE1  O  N N 82  
GLN NE2  N  N N 83  
GLN OXT  O  N N 84  
GLN H    H  N N 85  
GLN H2   H  N N 86  
GLN HA   H  N N 87  
GLN HB2  H  N N 88  
GLN HB3  H  N N 89  
GLN HG2  H  N N 90  
GLN HG3  H  N N 91  
GLN HE21 H  N N 92  
GLN HE22 H  N N 93  
GLN HXT  H  N N 94  
GLU N    N  N N 95  
GLU CA   C  N S 96  
GLU C    C  N N 97  
GLU O    O  N N 98  
GLU CB   C  N N 99  
GLU CG   C  N N 100 
GLU CD   C  N N 101 
GLU OE1  O  N N 102 
GLU OE2  O  N N 103 
GLU OXT  O  N N 104 
GLU H    H  N N 105 
GLU H2   H  N N 106 
GLU HA   H  N N 107 
GLU HB2  H  N N 108 
GLU HB3  H  N N 109 
GLU HG2  H  N N 110 
GLU HG3  H  N N 111 
GLU HE2  H  N N 112 
GLU HXT  H  N N 113 
GLY N    N  N N 114 
GLY CA   C  N N 115 
GLY C    C  N N 116 
GLY O    O  N N 117 
GLY OXT  O  N N 118 
GLY H    H  N N 119 
GLY H2   H  N N 120 
GLY HA2  H  N N 121 
GLY HA3  H  N N 122 
GLY HXT  H  N N 123 
HIS N    N  N N 124 
HIS CA   C  N S 125 
HIS C    C  N N 126 
HIS O    O  N N 127 
HIS CB   C  N N 128 
HIS CG   C  Y N 129 
HIS ND1  N  Y N 130 
HIS CD2  C  Y N 131 
HIS CE1  C  Y N 132 
HIS NE2  N  Y N 133 
HIS OXT  O  N N 134 
HIS H    H  N N 135 
HIS H2   H  N N 136 
HIS HA   H  N N 137 
HIS HB2  H  N N 138 
HIS HB3  H  N N 139 
HIS HD1  H  N N 140 
HIS HD2  H  N N 141 
HIS HE1  H  N N 142 
HIS HE2  H  N N 143 
HIS HXT  H  N N 144 
HOH O    O  N N 145 
HOH H1   H  N N 146 
HOH H2   H  N N 147 
ILE N    N  N N 148 
ILE CA   C  N S 149 
ILE C    C  N N 150 
ILE O    O  N N 151 
ILE CB   C  N S 152 
ILE CG1  C  N N 153 
ILE CG2  C  N N 154 
ILE CD1  C  N N 155 
ILE OXT  O  N N 156 
ILE H    H  N N 157 
ILE H2   H  N N 158 
ILE HA   H  N N 159 
ILE HB   H  N N 160 
ILE HG12 H  N N 161 
ILE HG13 H  N N 162 
ILE HG21 H  N N 163 
ILE HG22 H  N N 164 
ILE HG23 H  N N 165 
ILE HD11 H  N N 166 
ILE HD12 H  N N 167 
ILE HD13 H  N N 168 
ILE HXT  H  N N 169 
LEU N    N  N N 170 
LEU CA   C  N S 171 
LEU C    C  N N 172 
LEU O    O  N N 173 
LEU CB   C  N N 174 
LEU CG   C  N N 175 
LEU CD1  C  N N 176 
LEU CD2  C  N N 177 
LEU OXT  O  N N 178 
LEU H    H  N N 179 
LEU H2   H  N N 180 
LEU HA   H  N N 181 
LEU HB2  H  N N 182 
LEU HB3  H  N N 183 
LEU HG   H  N N 184 
LEU HD11 H  N N 185 
LEU HD12 H  N N 186 
LEU HD13 H  N N 187 
LEU HD21 H  N N 188 
LEU HD22 H  N N 189 
LEU HD23 H  N N 190 
LEU HXT  H  N N 191 
LYS N    N  N N 192 
LYS CA   C  N S 193 
LYS C    C  N N 194 
LYS O    O  N N 195 
LYS CB   C  N N 196 
LYS CG   C  N N 197 
LYS CD   C  N N 198 
LYS CE   C  N N 199 
LYS NZ   N  N N 200 
LYS OXT  O  N N 201 
LYS H    H  N N 202 
LYS H2   H  N N 203 
LYS HA   H  N N 204 
LYS HB2  H  N N 205 
LYS HB3  H  N N 206 
LYS HG2  H  N N 207 
LYS HG3  H  N N 208 
LYS HD2  H  N N 209 
LYS HD3  H  N N 210 
LYS HE2  H  N N 211 
LYS HE3  H  N N 212 
LYS HZ1  H  N N 213 
LYS HZ2  H  N N 214 
LYS HZ3  H  N N 215 
LYS HXT  H  N N 216 
MET N    N  N N 217 
MET CA   C  N S 218 
MET C    C  N N 219 
MET O    O  N N 220 
MET CB   C  N N 221 
MET CG   C  N N 222 
MET SD   S  N N 223 
MET CE   C  N N 224 
MET OXT  O  N N 225 
MET H    H  N N 226 
MET H2   H  N N 227 
MET HA   H  N N 228 
MET HB2  H  N N 229 
MET HB3  H  N N 230 
MET HG2  H  N N 231 
MET HG3  H  N N 232 
MET HE1  H  N N 233 
MET HE2  H  N N 234 
MET HE3  H  N N 235 
MET HXT  H  N N 236 
PHE N    N  N N 237 
PHE CA   C  N S 238 
PHE C    C  N N 239 
PHE O    O  N N 240 
PHE CB   C  N N 241 
PHE CG   C  Y N 242 
PHE CD1  C  Y N 243 
PHE CD2  C  Y N 244 
PHE CE1  C  Y N 245 
PHE CE2  C  Y N 246 
PHE CZ   C  Y N 247 
PHE OXT  O  N N 248 
PHE H    H  N N 249 
PHE H2   H  N N 250 
PHE HA   H  N N 251 
PHE HB2  H  N N 252 
PHE HB3  H  N N 253 
PHE HD1  H  N N 254 
PHE HD2  H  N N 255 
PHE HE1  H  N N 256 
PHE HE2  H  N N 257 
PHE HZ   H  N N 258 
PHE HXT  H  N N 259 
PRO N    N  N N 260 
PRO CA   C  N S 261 
PRO C    C  N N 262 
PRO O    O  N N 263 
PRO CB   C  N N 264 
PRO CG   C  N N 265 
PRO CD   C  N N 266 
PRO OXT  O  N N 267 
PRO H    H  N N 268 
PRO HA   H  N N 269 
PRO HB2  H  N N 270 
PRO HB3  H  N N 271 
PRO HG2  H  N N 272 
PRO HG3  H  N N 273 
PRO HD2  H  N N 274 
PRO HD3  H  N N 275 
PRO HXT  H  N N 276 
SER N    N  N N 277 
SER CA   C  N S 278 
SER C    C  N N 279 
SER O    O  N N 280 
SER CB   C  N N 281 
SER OG   O  N N 282 
SER OXT  O  N N 283 
SER H    H  N N 284 
SER H2   H  N N 285 
SER HA   H  N N 286 
SER HB2  H  N N 287 
SER HB3  H  N N 288 
SER HG   H  N N 289 
SER HXT  H  N N 290 
THR N    N  N N 291 
THR CA   C  N S 292 
THR C    C  N N 293 
THR O    O  N N 294 
THR CB   C  N R 295 
THR OG1  O  N N 296 
THR CG2  C  N N 297 
THR OXT  O  N N 298 
THR H    H  N N 299 
THR H2   H  N N 300 
THR HA   H  N N 301 
THR HB   H  N N 302 
THR HG1  H  N N 303 
THR HG21 H  N N 304 
THR HG22 H  N N 305 
THR HG23 H  N N 306 
THR HXT  H  N N 307 
TYR N    N  N N 308 
TYR CA   C  N S 309 
TYR C    C  N N 310 
TYR O    O  N N 311 
TYR CB   C  N N 312 
TYR CG   C  Y N 313 
TYR CD1  C  Y N 314 
TYR CD2  C  Y N 315 
TYR CE1  C  Y N 316 
TYR CE2  C  Y N 317 
TYR CZ   C  Y N 318 
TYR OH   O  N N 319 
TYR OXT  O  N N 320 
TYR H    H  N N 321 
TYR H2   H  N N 322 
TYR HA   H  N N 323 
TYR HB2  H  N N 324 
TYR HB3  H  N N 325 
TYR HD1  H  N N 326 
TYR HD2  H  N N 327 
TYR HE1  H  N N 328 
TYR HE2  H  N N 329 
TYR HH   H  N N 330 
TYR HXT  H  N N 331 
VAL N    N  N N 332 
VAL CA   C  N S 333 
VAL C    C  N N 334 
VAL O    O  N N 335 
VAL CB   C  N N 336 
VAL CG1  C  N N 337 
VAL CG2  C  N N 338 
VAL OXT  O  N N 339 
VAL H    H  N N 340 
VAL H2   H  N N 341 
VAL HA   H  N N 342 
VAL HB   H  N N 343 
VAL HG11 H  N N 344 
VAL HG12 H  N N 345 
VAL HG13 H  N N 346 
VAL HG21 H  N N 347 
VAL HG22 H  N N 348 
VAL HG23 H  N N 349 
VAL HXT  H  N N 350 
# 
loop_
_chem_comp_bond.comp_id 
_chem_comp_bond.atom_id_1 
_chem_comp_bond.atom_id_2 
_chem_comp_bond.value_order 
_chem_comp_bond.pdbx_aromatic_flag 
_chem_comp_bond.pdbx_stereo_config 
_chem_comp_bond.pdbx_ordinal 
ALA N   CA   sing N N 1   
ALA N   H    sing N N 2   
ALA N   H2   sing N N 3   
ALA CA  C    sing N N 4   
ALA CA  CB   sing N N 5   
ALA CA  HA   sing N N 6   
ALA C   O    doub N N 7   
ALA C   OXT  sing N N 8   
ALA CB  HB1  sing N N 9   
ALA CB  HB2  sing N N 10  
ALA CB  HB3  sing N N 11  
ALA OXT HXT  sing N N 12  
ARG N   CA   sing N N 13  
ARG N   H    sing N N 14  
ARG N   H2   sing N N 15  
ARG CA  C    sing N N 16  
ARG CA  CB   sing N N 17  
ARG CA  HA   sing N N 18  
ARG C   O    doub N N 19  
ARG C   OXT  sing N N 20  
ARG CB  CG   sing N N 21  
ARG CB  HB2  sing N N 22  
ARG CB  HB3  sing N N 23  
ARG CG  CD   sing N N 24  
ARG CG  HG2  sing N N 25  
ARG CG  HG3  sing N N 26  
ARG CD  NE   sing N N 27  
ARG CD  HD2  sing N N 28  
ARG CD  HD3  sing N N 29  
ARG NE  CZ   sing N N 30  
ARG NE  HE   sing N N 31  
ARG CZ  NH1  sing N N 32  
ARG CZ  NH2  doub N N 33  
ARG NH1 HH11 sing N N 34  
ARG NH1 HH12 sing N N 35  
ARG NH2 HH21 sing N N 36  
ARG NH2 HH22 sing N N 37  
ARG OXT HXT  sing N N 38  
ASN N   CA   sing N N 39  
ASN N   H    sing N N 40  
ASN N   H2   sing N N 41  
ASN CA  C    sing N N 42  
ASN CA  CB   sing N N 43  
ASN CA  HA   sing N N 44  
ASN C   O    doub N N 45  
ASN C   OXT  sing N N 46  
ASN CB  CG   sing N N 47  
ASN CB  HB2  sing N N 48  
ASN CB  HB3  sing N N 49  
ASN CG  OD1  doub N N 50  
ASN CG  ND2  sing N N 51  
ASN ND2 HD21 sing N N 52  
ASN ND2 HD22 sing N N 53  
ASN OXT HXT  sing N N 54  
ASP N   CA   sing N N 55  
ASP N   H    sing N N 56  
ASP N   H2   sing N N 57  
ASP CA  C    sing N N 58  
ASP CA  CB   sing N N 59  
ASP CA  HA   sing N N 60  
ASP C   O    doub N N 61  
ASP C   OXT  sing N N 62  
ASP CB  CG   sing N N 63  
ASP CB  HB2  sing N N 64  
ASP CB  HB3  sing N N 65  
ASP CG  OD1  doub N N 66  
ASP CG  OD2  sing N N 67  
ASP OD2 HD2  sing N N 68  
ASP OXT HXT  sing N N 69  
GLN N   CA   sing N N 70  
GLN N   H    sing N N 71  
GLN N   H2   sing N N 72  
GLN CA  C    sing N N 73  
GLN CA  CB   sing N N 74  
GLN CA  HA   sing N N 75  
GLN C   O    doub N N 76  
GLN C   OXT  sing N N 77  
GLN CB  CG   sing N N 78  
GLN CB  HB2  sing N N 79  
GLN CB  HB3  sing N N 80  
GLN CG  CD   sing N N 81  
GLN CG  HG2  sing N N 82  
GLN CG  HG3  sing N N 83  
GLN CD  OE1  doub N N 84  
GLN CD  NE2  sing N N 85  
GLN NE2 HE21 sing N N 86  
GLN NE2 HE22 sing N N 87  
GLN OXT HXT  sing N N 88  
GLU N   CA   sing N N 89  
GLU N   H    sing N N 90  
GLU N   H2   sing N N 91  
GLU CA  C    sing N N 92  
GLU CA  CB   sing N N 93  
GLU CA  HA   sing N N 94  
GLU C   O    doub N N 95  
GLU C   OXT  sing N N 96  
GLU CB  CG   sing N N 97  
GLU CB  HB2  sing N N 98  
GLU CB  HB3  sing N N 99  
GLU CG  CD   sing N N 100 
GLU CG  HG2  sing N N 101 
GLU CG  HG3  sing N N 102 
GLU CD  OE1  doub N N 103 
GLU CD  OE2  sing N N 104 
GLU OE2 HE2  sing N N 105 
GLU OXT HXT  sing N N 106 
GLY N   CA   sing N N 107 
GLY N   H    sing N N 108 
GLY N   H2   sing N N 109 
GLY CA  C    sing N N 110 
GLY CA  HA2  sing N N 111 
GLY CA  HA3  sing N N 112 
GLY C   O    doub N N 113 
GLY C   OXT  sing N N 114 
GLY OXT HXT  sing N N 115 
HIS N   CA   sing N N 116 
HIS N   H    sing N N 117 
HIS N   H2   sing N N 118 
HIS CA  C    sing N N 119 
HIS CA  CB   sing N N 120 
HIS CA  HA   sing N N 121 
HIS C   O    doub N N 122 
HIS C   OXT  sing N N 123 
HIS CB  CG   sing N N 124 
HIS CB  HB2  sing N N 125 
HIS CB  HB3  sing N N 126 
HIS CG  ND1  sing Y N 127 
HIS CG  CD2  doub Y N 128 
HIS ND1 CE1  doub Y N 129 
HIS ND1 HD1  sing N N 130 
HIS CD2 NE2  sing Y N 131 
HIS CD2 HD2  sing N N 132 
HIS CE1 NE2  sing Y N 133 
HIS CE1 HE1  sing N N 134 
HIS NE2 HE2  sing N N 135 
HIS OXT HXT  sing N N 136 
HOH O   H1   sing N N 137 
HOH O   H2   sing N N 138 
ILE N   CA   sing N N 139 
ILE N   H    sing N N 140 
ILE N   H2   sing N N 141 
ILE CA  C    sing N N 142 
ILE CA  CB   sing N N 143 
ILE CA  HA   sing N N 144 
ILE C   O    doub N N 145 
ILE C   OXT  sing N N 146 
ILE CB  CG1  sing N N 147 
ILE CB  CG2  sing N N 148 
ILE CB  HB   sing N N 149 
ILE CG1 CD1  sing N N 150 
ILE CG1 HG12 sing N N 151 
ILE CG1 HG13 sing N N 152 
ILE CG2 HG21 sing N N 153 
ILE CG2 HG22 sing N N 154 
ILE CG2 HG23 sing N N 155 
ILE CD1 HD11 sing N N 156 
ILE CD1 HD12 sing N N 157 
ILE CD1 HD13 sing N N 158 
ILE OXT HXT  sing N N 159 
LEU N   CA   sing N N 160 
LEU N   H    sing N N 161 
LEU N   H2   sing N N 162 
LEU CA  C    sing N N 163 
LEU CA  CB   sing N N 164 
LEU CA  HA   sing N N 165 
LEU C   O    doub N N 166 
LEU C   OXT  sing N N 167 
LEU CB  CG   sing N N 168 
LEU CB  HB2  sing N N 169 
LEU CB  HB3  sing N N 170 
LEU CG  CD1  sing N N 171 
LEU CG  CD2  sing N N 172 
LEU CG  HG   sing N N 173 
LEU CD1 HD11 sing N N 174 
LEU CD1 HD12 sing N N 175 
LEU CD1 HD13 sing N N 176 
LEU CD2 HD21 sing N N 177 
LEU CD2 HD22 sing N N 178 
LEU CD2 HD23 sing N N 179 
LEU OXT HXT  sing N N 180 
LYS N   CA   sing N N 181 
LYS N   H    sing N N 182 
LYS N   H2   sing N N 183 
LYS CA  C    sing N N 184 
LYS CA  CB   sing N N 185 
LYS CA  HA   sing N N 186 
LYS C   O    doub N N 187 
LYS C   OXT  sing N N 188 
LYS CB  CG   sing N N 189 
LYS CB  HB2  sing N N 190 
LYS CB  HB3  sing N N 191 
LYS CG  CD   sing N N 192 
LYS CG  HG2  sing N N 193 
LYS CG  HG3  sing N N 194 
LYS CD  CE   sing N N 195 
LYS CD  HD2  sing N N 196 
LYS CD  HD3  sing N N 197 
LYS CE  NZ   sing N N 198 
LYS CE  HE2  sing N N 199 
LYS CE  HE3  sing N N 200 
LYS NZ  HZ1  sing N N 201 
LYS NZ  HZ2  sing N N 202 
LYS NZ  HZ3  sing N N 203 
LYS OXT HXT  sing N N 204 
MET N   CA   sing N N 205 
MET N   H    sing N N 206 
MET N   H2   sing N N 207 
MET CA  C    sing N N 208 
MET CA  CB   sing N N 209 
MET CA  HA   sing N N 210 
MET C   O    doub N N 211 
MET C   OXT  sing N N 212 
MET CB  CG   sing N N 213 
MET CB  HB2  sing N N 214 
MET CB  HB3  sing N N 215 
MET CG  SD   sing N N 216 
MET CG  HG2  sing N N 217 
MET CG  HG3  sing N N 218 
MET SD  CE   sing N N 219 
MET CE  HE1  sing N N 220 
MET CE  HE2  sing N N 221 
MET CE  HE3  sing N N 222 
MET OXT HXT  sing N N 223 
PHE N   CA   sing N N 224 
PHE N   H    sing N N 225 
PHE N   H2   sing N N 226 
PHE CA  C    sing N N 227 
PHE CA  CB   sing N N 228 
PHE CA  HA   sing N N 229 
PHE C   O    doub N N 230 
PHE C   OXT  sing N N 231 
PHE CB  CG   sing N N 232 
PHE CB  HB2  sing N N 233 
PHE CB  HB3  sing N N 234 
PHE CG  CD1  doub Y N 235 
PHE CG  CD2  sing Y N 236 
PHE CD1 CE1  sing Y N 237 
PHE CD1 HD1  sing N N 238 
PHE CD2 CE2  doub Y N 239 
PHE CD2 HD2  sing N N 240 
PHE CE1 CZ   doub Y N 241 
PHE CE1 HE1  sing N N 242 
PHE CE2 CZ   sing Y N 243 
PHE CE2 HE2  sing N N 244 
PHE CZ  HZ   sing N N 245 
PHE OXT HXT  sing N N 246 
PRO N   CA   sing N N 247 
PRO N   CD   sing N N 248 
PRO N   H    sing N N 249 
PRO CA  C    sing N N 250 
PRO CA  CB   sing N N 251 
PRO CA  HA   sing N N 252 
PRO C   O    doub N N 253 
PRO C   OXT  sing N N 254 
PRO CB  CG   sing N N 255 
PRO CB  HB2  sing N N 256 
PRO CB  HB3  sing N N 257 
PRO CG  CD   sing N N 258 
PRO CG  HG2  sing N N 259 
PRO CG  HG3  sing N N 260 
PRO CD  HD2  sing N N 261 
PRO CD  HD3  sing N N 262 
PRO OXT HXT  sing N N 263 
SER N   CA   sing N N 264 
SER N   H    sing N N 265 
SER N   H2   sing N N 266 
SER CA  C    sing N N 267 
SER CA  CB   sing N N 268 
SER CA  HA   sing N N 269 
SER C   O    doub N N 270 
SER C   OXT  sing N N 271 
SER CB  OG   sing N N 272 
SER CB  HB2  sing N N 273 
SER CB  HB3  sing N N 274 
SER OG  HG   sing N N 275 
SER OXT HXT  sing N N 276 
THR N   CA   sing N N 277 
THR N   H    sing N N 278 
THR N   H2   sing N N 279 
THR CA  C    sing N N 280 
THR CA  CB   sing N N 281 
THR CA  HA   sing N N 282 
THR C   O    doub N N 283 
THR C   OXT  sing N N 284 
THR CB  OG1  sing N N 285 
THR CB  CG2  sing N N 286 
THR CB  HB   sing N N 287 
THR OG1 HG1  sing N N 288 
THR CG2 HG21 sing N N 289 
THR CG2 HG22 sing N N 290 
THR CG2 HG23 sing N N 291 
THR OXT HXT  sing N N 292 
TYR N   CA   sing N N 293 
TYR N   H    sing N N 294 
TYR N   H2   sing N N 295 
TYR CA  C    sing N N 296 
TYR CA  CB   sing N N 297 
TYR CA  HA   sing N N 298 
TYR C   O    doub N N 299 
TYR C   OXT  sing N N 300 
TYR CB  CG   sing N N 301 
TYR CB  HB2  sing N N 302 
TYR CB  HB3  sing N N 303 
TYR CG  CD1  doub Y N 304 
TYR CG  CD2  sing Y N 305 
TYR CD1 CE1  sing Y N 306 
TYR CD1 HD1  sing N N 307 
TYR CD2 CE2  doub Y N 308 
TYR CD2 HD2  sing N N 309 
TYR CE1 CZ   doub Y N 310 
TYR CE1 HE1  sing N N 311 
TYR CE2 CZ   sing Y N 312 
TYR CE2 HE2  sing N N 313 
TYR CZ  OH   sing N N 314 
TYR OH  HH   sing N N 315 
TYR OXT HXT  sing N N 316 
VAL N   CA   sing N N 317 
VAL N   H    sing N N 318 
VAL N   H2   sing N N 319 
VAL CA  C    sing N N 320 
VAL CA  CB   sing N N 321 
VAL CA  HA   sing N N 322 
VAL C   O    doub N N 323 
VAL C   OXT  sing N N 324 
VAL CB  CG1  sing N N 325 
VAL CB  CG2  sing N N 326 
VAL CB  HB   sing N N 327 
VAL CG1 HG11 sing N N 328 
VAL CG1 HG12 sing N N 329 
VAL CG1 HG13 sing N N 330 
VAL CG2 HG21 sing N N 331 
VAL CG2 HG22 sing N N 332 
VAL CG2 HG23 sing N N 333 
VAL OXT HXT  sing N N 334 
# 
_atom_sites.entry_id                    3ZJA 
_atom_sites.fract_transf_matrix[1][1]   -0.01776434 
_atom_sites.fract_transf_matrix[1][2]   -0.00969295 
_atom_sites.fract_transf_matrix[1][3]   -0.00979364 
_atom_sites.fract_transf_matrix[2][1]   0.00992000 
_atom_sites.fract_transf_matrix[2][2]   0.00040532 
_atom_sites.fract_transf_matrix[2][3]   -0.01839469 
_atom_sites.fract_transf_matrix[3][1]   0.00775086 
_atom_sites.fract_transf_matrix[3][2]   -0.01802708 
_atom_sites.fract_transf_matrix[3][3]   0.00378272 
_atom_sites.fract_transf_vector[1]      0.016044 
_atom_sites.fract_transf_vector[2]      0.386322 
_atom_sites.fract_transf_vector[3]      -0.109815 
# 
loop_
_atom_type.symbol 
C  
CU 
N  
O  
S  
# 
loop_
_atom_site.group_PDB 
_atom_site.id 
_atom_site.type_symbol 
_atom_site.label_atom_id 
_atom_site.label_alt_id 
_atom_site.label_comp_id 
_atom_site.label_asym_id 
_atom_site.label_entity_id 
_atom_site.label_seq_id 
_atom_site.pdbx_PDB_ins_code 
_atom_site.Cartn_x 
_atom_site.Cartn_y 
_atom_site.Cartn_z 
_atom_site.occupancy 
_atom_site.B_iso_or_equiv 
_atom_site.pdbx_formal_charge 
_atom_site.auth_seq_id 
_atom_site.auth_comp_id 
_atom_site.auth_asym_id 
_atom_site.auth_atom_id 
_atom_site.pdbx_PDB_model_num 
ATOM   1    N  N   . ALA A 1 13  ? -6.592  -13.451 11.486  1.00   32.79 ? 51   ALA A N   1 
ATOM   2    C  CA  . ALA A 1 13  ? -6.047  -12.235 12.169  1.00   33.81 ? 51   ALA A CA  1 
ATOM   3    C  C   . ALA A 1 13  ? -4.523  -12.266 12.486  1.00   34.72 ? 51   ALA A C   1 
ATOM   4    O  O   . ALA A 1 13  ? -4.087  -11.635 13.462  1.00   37.02 ? 51   ALA A O   1 
ATOM   5    C  CB  . ALA A 1 13  ? -6.851  -11.965 13.451  1.00   31.30 ? 51   ALA A CB  1 
ATOM   6    N  N   . GLU A 1 14  ? -3.716  -12.956 11.667  1.00   33.73 ? 52   GLU A N   1 
ATOM   7    C  CA  . GLU A 1 14  ? -2.238  -13.112 11.923  1.00   30.96 ? 52   GLU A CA  1 
ATOM   8    C  C   . GLU A 1 14  ? -1.394  -12.173 11.021  1.00   25.17 ? 52   GLU A C   1 
ATOM   9    O  O   . GLU A 1 14  ? -0.135  -12.323 10.907  1.00   22.61 ? 52   GLU A O   1 
ATOM   10   C  CB  . GLU A 1 14  ? -1.820  -14.552 11.652  1.00   33.06 ? 52   GLU A CB  1 
ATOM   11   C  CG  . GLU A 1 14  ? -2.318  -15.512 12.720  1.00   35.05 ? 52   GLU A CG  1 
ATOM   12   C  CD  . GLU A 1 14  ? -2.390  -16.946 12.252  1.00   36.84 ? 52   GLU A CD  1 
ATOM   13   O  OE1 . GLU A 1 14  ? -2.926  -17.183 11.152  0.50   37.54 ? 52   GLU A OE1 1 
ATOM   14   O  OE2 . GLU A 1 14  ? -1.902  -17.837 12.986  0.50   39.39 ? 52   GLU A OE2 1 
ATOM   15   N  N   . LEU A 1 15  ? -2.127  -11.243 10.403  1.00   22.47 ? 53   LEU A N   1 
ATOM   16   C  CA  . LEU A 1 15  ? -1.533  -10.233 9.536   1.00   20.47 ? 53   LEU A CA  1 
ATOM   17   C  C   . LEU A 1 15  ? -1.479  -8.883  10.213  1.00   20.20 ? 53   LEU A C   1 
ATOM   18   O  O   . LEU A 1 15  ? -2.498  -8.412  10.741  1.00   21.30 ? 53   LEU A O   1 
ATOM   19   C  CB  . LEU A 1 15  ? -2.310  -10.072 8.222   1.00   19.18 ? 53   LEU A CB  1 
ATOM   20   C  CG  . LEU A 1 15  ? -2.469  -11.323 7.322   1.00   20.64 ? 53   LEU A CG  1 
ATOM   21   C  CD1 . LEU A 1 15  ? -3.295  -10.995 6.098   1.00   23.60 ? 53   LEU A CD1 1 
ATOM   22   C  CD2 . LEU A 1 15  ? -1.133  -11.937 6.919   1.00   20.31 ? 53   LEU A CD2 1 
ATOM   23   N  N   . SER A 1 16  ? -0.325  -8.251  10.162  1.00   17.96 ? 54   SER A N   1 
ATOM   24   C  CA  . SER A 1 16  ? -0.195  -6.896  10.705  1.00   17.88 ? 54   SER A CA  1 
ATOM   25   C  C   . SER A 1 16  ? 0.696   -6.056  9.813   1.00   14.41 ? 54   SER A C   1 
ATOM   26   O  O   . SER A 1 16  ? 1.371   -6.543  8.924   1.00   15.84 ? 54   SER A O   1 
ATOM   27   C  CB  . SER A 1 16  ? 0.385   -6.926  12.103  1.00   17.80 ? 54   SER A CB  1 
ATOM   28   O  OG  . SER A 1 16  ? 1.611   -7.575  12.058  1.00   20.34 ? 54   SER A OG  1 
ATOM   29   N  N   . VAL A 1 17  ? 0.559   -4.745  10.028  1.00   14.53 ? 55   VAL A N   1 
ATOM   30   C  CA  . VAL A 1 17  ? 1.184   -3.783  9.106   1.00   13.53 ? 55   VAL A CA  1 
ATOM   31   C  C   . VAL A 1 17  ? 2.015   -2.796  9.885   1.00   14.82 ? 55   VAL A C   1 
ATOM   32   O  O   . VAL A 1 17  ? 1.610   -2.354  10.964  1.00   16.06 ? 55   VAL A O   1 
ATOM   33   C  CB  . VAL A 1 17  ? 0.115   -3.016  8.308   1.00   14.14 ? 55   VAL A CB  1 
ATOM   34   C  CG1 . VAL A 1 17  ? 0.735   -1.996  7.372   1.00   16.29 ? 55   VAL A CG1 1 
ATOM   35   C  CG2 . VAL A 1 17  ? -0.807  -3.999  7.616   1.00   14.86 ? 55   VAL A CG2 1 
ATOM   36   N  N   . ASP A 1 18  ? 3.150   -2.417  9.314   1.00   12.90 ? 56   ASP A N   1 
ATOM   37   C  CA  . ASP A 1 18  ? 3.966   -1.344  9.833   1.00   13.31 ? 56   ASP A CA  1 
ATOM   38   C  C   . ASP A 1 18  ? 4.649   -0.599  8.674   1.00   12.26 ? 56   ASP A C   1 
ATOM   39   O  O   . ASP A 1 18  ? 4.333   -0.874  7.519   1.00   11.34 ? 56   ASP A O   1 
ATOM   40   C  CB  . ASP A 1 18  ? 4.938   -1.807  10.964  1.00   13.72 ? 56   ASP A CB  1 
ATOM   41   C  CG  . ASP A 1 18  ? 5.963   -2.740  10.502  1.00   14.71 ? 56   ASP A CG  1 
ATOM   42   O  OD1 . ASP A 1 18  ? 6.202   -2.928  9.278   1.00   15.11 ? 56   ASP A OD1 1 
ATOM   43   O  OD2 . ASP A 1 18  ? 6.637   -3.363  11.403  1.00   16.96 ? 56   ASP A OD2 1 
ATOM   44   N  N   . ALA A 1 19  ? 5.562   0.324   8.953   1.00   11.18 ? 57   ALA A N   1 
ATOM   45   C  CA  . ALA A 1 19  ? 6.327   0.981   7.914   1.00   10.64 ? 57   ALA A CA  1 
ATOM   46   C  C   . ALA A 1 19  ? 5.423   1.659   6.830   1.00   10.89 ? 57   ALA A C   1 
ATOM   47   O  O   . ALA A 1 19  ? 5.722   1.632   5.639   1.00   12.61 ? 57   ALA A O   1 
ATOM   48   C  CB  . ALA A 1 19  ? 7.403   0.093   7.312   1.00   12.57 ? 57   ALA A CB  1 
ATOM   49   N  N   . ALA A 1 20  ? 4.352   2.284   7.246   1.00   11.48 ? 58   ALA A N   1 
ATOM   50   C  CA  . ALA A 1 20  ? 3.273   2.692   6.341   1.00   12.68 ? 58   ALA A CA  1 
ATOM   51   C  C   . ALA A 1 20  ? 3.259   4.209   6.208   1.00   11.67 ? 58   ALA A C   1 
ATOM   52   O  O   . ALA A 1 20  ? 3.014   4.945   7.175   1.00   12.30 ? 58   ALA A O   1 
ATOM   53   C  CB  . ALA A 1 20  ? 1.914   2.210   6.887   1.00   13.77 ? 58   ALA A CB  1 
ATOM   54   N  N   . TYR A 1 21  ? 3.442   4.704   5.005   1.00   11.42 ? 59   TYR A N   1 
ATOM   55   C  CA  . TYR A 1 21  ? 3.466   6.157   4.728   1.00   11.74 ? 59   TYR A CA  1 
ATOM   56   C  C   . TYR A 1 21  ? 3.382   6.417   3.201   1.00   12.38 ? 59   TYR A C   1 
ATOM   57   O  O   . TYR A 1 21  ? 3.639   5.516   2.395   1.00   12.85 ? 59   TYR A O   1 
ATOM   58   C  CB  . TYR A 1 21  ? 4.759   6.818   5.288   1.00   12.46 ? 59   TYR A CB  1 
ATOM   59   C  CG  . TYR A 1 21  ? 6.058   6.191   4.753   1.00   13.71 ? 59   TYR A CG  1 
ATOM   60   C  CD1 . TYR A 1 21  ? 6.572   4.978   5.248   1.00   14.22 ? 59   TYR A CD1 1 
ATOM   61   C  CD2 . TYR A 1 21  ? 6.750   6.782   3.716   1.00   16.76 ? 59   TYR A CD2 1 
ATOM   62   C  CE1 . TYR A 1 21  ? 7.698   4.388   4.732   1.00   17.52 ? 59   TYR A CE1 1 
ATOM   63   C  CE2 . TYR A 1 21  ? 7.938   6.202   3.233   1.00   16.22 ? 59   TYR A CE2 1 
ATOM   64   C  CZ  . TYR A 1 21  ? 8.381   5.012   3.722   1.00   17.78 ? 59   TYR A CZ  1 
ATOM   65   O  OH  . TYR A 1 21  ? 9.496   4.359   3.233   1.00   23.18 ? 59   TYR A OH  1 
ATOM   66   N  N   . ILE A 1 22  ? 3.105   7.689   2.904   1.00   11.36 ? 60   ILE A N   1 
ATOM   67   C  CA  . ILE A 1 22  ? 3.075   8.194   1.520   1.00   11.93 ? 60   ILE A CA  1 
ATOM   68   C  C   . ILE A 1 22  ? 4.057   9.326   1.402   1.00   13.62 ? 60   ILE A C   1 
ATOM   69   O  O   . ILE A 1 22  ? 3.882   10.345  2.045   1.00   13.22 ? 60   ILE A O   1 
ATOM   70   C  CB  . ILE A 1 22  ? 1.645   8.702   1.190   1.00   11.87 ? 60   ILE A CB  1 
ATOM   71   C  CG1 . ILE A 1 22  ? 0.645   7.534   1.090   1.00   12.76 ? 60   ILE A CG1 1 
ATOM   72   C  CG2 . ILE A 1 22  ? 1.601   9.576   -0.107  1.00   12.11 ? 60   ILE A CG2 1 
ATOM   73   C  CD1 . ILE A 1 22  ? -0.788  7.938   1.202   1.00   14.04 ? 60   ILE A CD1 1 
ATOM   74   N  N   . PRO A 1 23  ? 5.052   9.231   0.512   1.00   13.47 ? 61   PRO A N   1 
ATOM   75   C  CA  . PRO A 1 23  ? 5.859   10.443  0.256   1.00   14.50 ? 61   PRO A CA  1 
ATOM   76   C  C   . PRO A 1 23  ? 5.055   11.495  -0.487  1.00   15.42 ? 61   PRO A C   1 
ATOM   77   O  O   . PRO A 1 23  ? 4.296   11.161  -1.382  1.00   15.46 ? 61   PRO A O   1 
ATOM   78   C  CB  . PRO A 1 23  ? 7.000   9.935   -0.646  1.00   15.33 ? 61   PRO A CB  1 
ATOM   79   C  CG  . PRO A 1 23  ? 6.948   8.484   -0.590  1.00   19.66 ? 61   PRO A CG  1 
ATOM   80   C  CD  . PRO A 1 23  ? 5.581   8.044   -0.164  1.00   16.32 ? 61   PRO A CD  1 
ATOM   81   N  N   A GLN A 1 24  ? 5.249   12.762  -0.138  0.50   14.54 ? 62   GLN A N   1 
ATOM   82   N  N   B GLN A 1 24  ? 5.152   12.783  -0.103  0.50   14.89 ? 62   GLN A N   1 
ATOM   83   C  CA  A GLN A 1 24  ? 4.509   13.819  -0.748  0.50   15.74 ? 62   GLN A CA  1 
ATOM   84   C  CA  B GLN A 1 24  ? 4.327   13.822  -0.731  0.50   16.50 ? 62   GLN A CA  1 
ATOM   85   C  C   A GLN A 1 24  ? 4.765   13.795  -2.272  0.50   15.34 ? 62   GLN A C   1 
ATOM   86   C  C   B GLN A 1 24  ? 4.698   13.821  -2.214  0.50   15.76 ? 62   GLN A C   1 
ATOM   87   O  O   A GLN A 1 24  ? 5.920   13.901  -2.682  0.50   17.25 ? 62   GLN A O   1 
ATOM   88   O  O   B GLN A 1 24  ? 5.878   13.966  -2.537  0.50   17.09 ? 62   GLN A O   1 
ATOM   89   C  CB  A GLN A 1 24  ? 4.940   15.144  -0.137  0.50   16.60 ? 62   GLN A CB  1 
ATOM   90   C  CB  B GLN A 1 24  ? 4.528   15.231  -0.122  0.50   18.03 ? 62   GLN A CB  1 
ATOM   91   C  CG  A GLN A 1 24  ? 4.251   16.288  -0.828  0.50   17.02 ? 62   GLN A CG  1 
ATOM   92   C  CG  B GLN A 1 24  ? 3.592   16.289  -0.713  0.50   19.51 ? 62   GLN A CG  1 
ATOM   93   C  CD  A GLN A 1 24  ? 4.207   17.580  -0.030  0.50   18.53 ? 62   GLN A CD  1 
ATOM   94   C  CD  B GLN A 1 24  ? 3.566   17.598  0.062   0.50   22.29 ? 62   GLN A CD  1 
ATOM   95   O  OE1 A GLN A 1 24  ? 3.775   17.622  1.124   0.50   19.99 ? 62   GLN A OE1 1 
ATOM   96   O  OE1 B GLN A 1 24  ? 2.765   18.492  -0.239  0.50   25.31 ? 62   GLN A OE1 1 
ATOM   97   N  NE2 A GLN A 1 24  ? 4.578   18.640  -0.665  0.50   21.05 ? 62   GLN A NE2 1 
ATOM   98   N  NE2 B GLN A 1 24  ? 4.423   17.708  1.070   0.50   23.62 ? 62   GLN A NE2 1 
ATOM   99   N  N   . PRO A 1 25  ? 3.709   13.627  -3.092  1.00   15.81 ? 63   PRO A N   1 
ATOM   100  C  CA  . PRO A 1 25  ? 3.964   13.567  -4.517  1.00   16.67 ? 63   PRO A CA  1 
ATOM   101  C  C   . PRO A 1 25  ? 3.996   14.954  -5.150  1.00   17.40 ? 63   PRO A C   1 
ATOM   102  O  O   . PRO A 1 25  ? 3.543   15.906  -4.604  1.00   16.82 ? 63   PRO A O   1 
ATOM   103  C  CB  . PRO A 1 25  ? 2.780   12.782  -5.015  1.00   17.19 ? 63   PRO A CB  1 
ATOM   104  C  CG  . PRO A 1 25  ? 1.671   13.327  -4.233  1.00   15.99 ? 63   PRO A CG  1 
ATOM   105  C  CD  . PRO A 1 25  ? 2.269   13.437  -2.835  1.00   16.67 ? 63   PRO A CD  1 
ATOM   106  N  N   . VAL A 1 26  ? 4.563   15.005  -6.351  1.00   16.66 ? 64   VAL A N   1 
ATOM   107  C  CA  . VAL A 1 26  ? 4.480   16.215  -7.193  1.00   17.86 ? 64   VAL A CA  1 
ATOM   108  C  C   . VAL A 1 26  ? 3.315   16.101  -8.170  1.00   19.27 ? 64   VAL A C   1 
ATOM   109  O  O   . VAL A 1 26  ? 3.430   16.160  -9.429  1.00   20.92 ? 64   VAL A O   1 
ATOM   110  C  CB  . VAL A 1 26  ? 5.816   16.582  -7.921  1.00   21.87 ? 64   VAL A CB  1 
ATOM   111  C  CG1 . VAL A 1 26  ? 6.879   16.969  -6.872  1.00   21.22 ? 64   VAL A CG1 1 
ATOM   112  C  CG2 . VAL A 1 26  ? 6.329   15.487  -8.854  1.00   24.13 ? 64   VAL A CG2 1 
ATOM   113  N  N   . SER A 1 27  ? 2.163   15.972  -7.596  1.00   19.37 ? 65   SER A N   1 
ATOM   114  C  CA  . SER A 1 27  ? 0.976   15.608  -8.361  1.00   20.03 ? 65   SER A CA  1 
ATOM   115  C  C   . SER A 1 27  ? -0.247  15.937  -7.603  1.00   22.34 ? 65   SER A C   1 
ATOM   116  O  O   . SER A 1 27  ? -0.298  15.734  -6.392  1.00   21.60 ? 65   SER A O   1 
ATOM   117  C  CB  . SER A 1 27  ? 0.936   14.133  -8.652  1.00   19.15 ? 65   SER A CB  1 
ATOM   118  O  OG  . SER A 1 27  ? -0.207  13.746  -9.426  1.00   20.06 ? 65   SER A OG  1 
ATOM   119  N  N   . ASP A 1 28  ? -1.259  16.395  -8.334  1.00   21.42 ? 66   ASP A N   1 
ATOM   120  C  CA  . ASP A 1 28  ? -2.533  16.638  -7.739  1.00   21.80 ? 66   ASP A CA  1 
ATOM   121  C  C   . ASP A 1 28  ? -3.512  15.475  -7.907  1.00   21.14 ? 66   ASP A C   1 
ATOM   122  O  O   . ASP A 1 28  ? -4.654  15.605  -7.498  1.00   22.49 ? 66   ASP A O   1 
ATOM   123  C  CB  . ASP A 1 28  ? -3.142  17.914  -8.299  1.00   25.55 ? 66   ASP A CB  1 
ATOM   124  C  CG  . ASP A 1 28  ? -3.395  17.851  -9.794  1.00   26.43 ? 66   ASP A CG  1 
ATOM   125  O  OD1 . ASP A 1 28  ? -3.256  16.791  -10.449 0.50   22.32 ? 66   ASP A OD1 1 
ATOM   126  O  OD2 . ASP A 1 28  ? -3.708  18.940  -10.325 1.00   36.76 ? 66   ASP A OD2 1 
ATOM   127  N  N   . SER A 1 29  ? -3.094  14.338  -8.481  1.00   17.44 ? 67   SER A N   1 
ATOM   128  C  CA  . SER A 1 29  ? -3.991  13.206  -8.700  1.00   18.87 ? 67   SER A CA  1 
ATOM   129  C  C   . SER A 1 29  ? -3.421  11.793  -8.381  1.00   18.15 ? 67   SER A C   1 
ATOM   130  O  O   . SER A 1 29  ? -4.251  10.886  -8.272  1.00   19.88 ? 67   SER A O   1 
ATOM   131  C  CB  . SER A 1 29  ? -4.584  13.203  -10.117 1.00   21.71 ? 67   SER A CB  1 
ATOM   132  O  OG  . SER A 1 29  ? -3.621  12.845  -11.068 1.00   23.22 ? 67   SER A OG  1 
ATOM   133  N  N   . MET A 1 30  ? -2.084  11.619  -8.225  1.00   16.45 ? 68   MET A N   1 
ATOM   134  C  CA  A MET A 1 30  ? -1.491  10.301  -8.057  0.30   17.37 ? 68   MET A CA  1 
ATOM   135  C  CA  B MET A 1 30  ? -1.465  10.296  -8.078  0.70   17.41 ? 68   MET A CA  1 
ATOM   136  C  C   . MET A 1 30  ? -0.429  10.303  -6.984  1.00   18.26 ? 68   MET A C   1 
ATOM   137  O  O   . MET A 1 30  ? 0.340   11.273  -6.847  1.00   19.22 ? 68   MET A O   1 
ATOM   138  C  CB  A MET A 1 30  ? -0.842  9.850   -9.364  0.30   18.09 ? 68   MET A CB  1 
ATOM   139  C  CB  B MET A 1 30  ? -0.730  9.889   -9.369  0.70   19.24 ? 68   MET A CB  1 
ATOM   140  C  CG  A MET A 1 30  ? -1.805  9.735   -10.519 0.30   18.88 ? 68   MET A CG  1 
ATOM   141  C  CG  B MET A 1 30  ? -1.542  9.973   -10.636 0.70   21.95 ? 68   MET A CG  1 
ATOM   142  S  SD  A MET A 1 30  ? -0.900  9.292   -12.022 0.25   18.45 ? 68   MET A SD  1 
ATOM   143  S  SD  B MET A 1 30  ? -0.405  9.685   -12.024 0.25   19.46 ? 68   MET A SD  1 
ATOM   144  C  CE  A MET A 1 30  ? -2.160  8.237   -12.724 0.30   19.08 ? 68   MET A CE  1 
ATOM   145  C  CE  B MET A 1 30  ? 0.223   11.331  -12.295 0.70   21.44 ? 68   MET A CE  1 
ATOM   146  N  N   . ALA A 1 31  ? -0.304  9.179   -6.297  1.00   15.94 ? 69   ALA A N   1 
ATOM   147  C  CA  . ALA A 1 31  ? 0.685   9.061   -5.214  1.00   15.69 ? 69   ALA A CA  1 
ATOM   148  C  C   . ALA A 1 31  ? 0.999   7.602   -4.976  1.00   15.92 ? 69   ALA A C   1 
ATOM   149  O  O   . ALA A 1 31  ? 0.196   6.755   -5.268  1.00   17.41 ? 69   ALA A O   1 
ATOM   150  C  CB  . ALA A 1 31  ? 0.146   9.654   -3.924  1.00   16.48 ? 69   ALA A CB  1 
ATOM   151  N  N   . ALA A 1 32  ? 2.176   7.354   -4.445  1.00   17.93 ? 70   ALA A N   1 
ATOM   152  C  CA  . ALA A 1 32  ? 2.601   5.991   -4.126  1.00   16.02 ? 70   ALA A CA  1 
ATOM   153  C  C   . ALA A 1 32  ? 2.557   5.835   -2.632  1.00   18.00 ? 70   ALA A C   1 
ATOM   154  O  O   . ALA A 1 32  ? 2.874   6.780   -1.894  1.00   20.83 ? 70   ALA A O   1 
ATOM   155  C  CB  . ALA A 1 32  ? 3.967   5.719   -4.634  1.00   16.83 ? 70   ALA A CB  1 
ATOM   156  N  N   . GLY A 1 33  ? 2.137   4.665   -2.178  1.00   16.13 ? 71   GLY A N   1 
ATOM   157  C  CA  . GLY A 1 33  ? 2.059   4.357   -0.743  1.00   14.53 ? 71   GLY A CA  1 
ATOM   158  C  C   . GLY A 1 33  ? 2.910   3.138   -0.428  1.00   13.43 ? 71   GLY A C   1 
ATOM   159  O  O   . GLY A 1 33  ? 2.962   2.171   -1.215  1.00   13.08 ? 71   GLY A O   1 
ATOM   160  N  N   . PHE A 1 34  ? 3.586   3.195   0.721   1.00   12.03 ? 72   PHE A N   1 
ATOM   161  C  CA  . PHE A 1 34  ? 4.470   2.123   1.169   1.00   12.29 ? 72   PHE A CA  1 
ATOM   162  C  C   . PHE A 1 34  ? 3.975   1.588   2.510   1.00   12.13 ? 72   PHE A C   1 
ATOM   163  O  O   . PHE A 1 34  ? 3.319   2.306   3.219   1.00   11.97 ? 72   PHE A O   1 
ATOM   164  C  CB  . PHE A 1 34  ? 5.924   2.659   1.297   1.00   13.85 ? 72   PHE A CB  1 
ATOM   165  C  CG  . PHE A 1 34  ? 6.417   3.364   0.050   1.00   14.29 ? 72   PHE A CG  1 
ATOM   166  C  CD1 . PHE A 1 34  ? 6.203   2.823   -1.183  1.00   15.88 ? 72   PHE A CD1 1 
ATOM   167  C  CD2 . PHE A 1 34  ? 7.094   4.559   0.142   1.00   17.52 ? 72   PHE A CD2 1 
ATOM   168  C  CE1 . PHE A 1 34  ? 6.645   3.484   -2.335  1.00   16.53 ? 72   PHE A CE1 1 
ATOM   169  C  CE2 . PHE A 1 34  ? 7.531   5.223   -1.007  1.00   17.97 ? 72   PHE A CE2 1 
ATOM   170  C  CZ  . PHE A 1 34  ? 7.277   4.682   -2.229  1.00   17.04 ? 72   PHE A CZ  1 
ATOM   171  N  N   . LEU A 1 35  ? 4.278   0.326   2.752   1.00   12.53 ? 73   LEU A N   1 
ATOM   172  C  CA  A LEU A 1 35  ? 3.829   -0.367  3.966   0.60   12.34 ? 73   LEU A CA  1 
ATOM   173  C  CA  B LEU A 1 35  ? 3.877   -0.345  3.987   0.40   12.08 ? 73   LEU A CA  1 
ATOM   174  C  C   . LEU A 1 35  ? 4.445   -1.751  3.919   1.00   13.18 ? 73   LEU A C   1 
ATOM   175  O  O   . LEU A 1 35  ? 4.807   -2.212  2.843   1.00   14.91 ? 73   LEU A O   1 
ATOM   176  C  CB  A LEU A 1 35  ? 2.310   -0.481  4.029   0.60   12.82 ? 73   LEU A CB  1 
ATOM   177  C  CB  B LEU A 1 35  ? 2.352   -0.337  4.202   0.40   11.78 ? 73   LEU A CB  1 
ATOM   178  C  CG  A LEU A 1 35  ? 1.626   -1.276  2.904   0.60   13.78 ? 73   LEU A CG  1 
ATOM   179  C  CG  B LEU A 1 35  ? 1.401   -0.997  3.183   0.40   11.66 ? 73   LEU A CG  1 
ATOM   180  C  CD1 A LEU A 1 35  ? 0.262   -1.818  3.282   0.60   14.76 ? 73   LEU A CD1 1 
ATOM   181  C  CD1 B LEU A 1 35  ? 1.402   -2.521  3.367   0.40   11.74 ? 73   LEU A CD1 1 
ATOM   182  C  CD2 A LEU A 1 35  ? 1.508   -0.500  1.616   0.60   14.75 ? 73   LEU A CD2 1 
ATOM   183  C  CD2 B LEU A 1 35  ? -0.011  -0.439  3.268   0.40   12.75 ? 73   LEU A CD2 1 
ATOM   184  N  N   . THR A 1 36  ? 4.542   -2.413  5.073   1.00   12.55 ? 74   THR A N   1 
ATOM   185  C  CA  . THR A 1 36  ? 5.025   -3.790  5.150   1.00   13.36 ? 74   THR A CA  1 
ATOM   186  C  C   . THR A 1 36  ? 3.990   -4.606  5.844   1.00   13.46 ? 74   THR A C   1 
ATOM   187  O  O   . THR A 1 36  ? 3.524   -4.239  6.919   1.00   13.45 ? 74   THR A O   1 
ATOM   188  C  CB  . THR A 1 36  ? 6.361   -3.879  5.922   1.00   13.04 ? 74   THR A CB  1 
ATOM   189  O  OG1 . THR A 1 36  ? 7.335   -3.185  5.135   1.00   14.07 ? 74   THR A OG1 1 
ATOM   190  C  CG2 . THR A 1 36  ? 6.782   -5.304  6.178   1.00   14.75 ? 74   THR A CG2 1 
ATOM   191  N  N   . ILE A 1 37  ? 3.576   -5.697  5.224   1.00   13.17 ? 75   ILE A N   1 
ATOM   192  C  CA  . ILE A 1 37  ? 2.659   -6.675  5.805   1.00   13.89 ? 75   ILE A CA  1 
ATOM   193  C  C   . ILE A 1 37  ? 3.406   -7.877  6.328   1.00   14.27 ? 75   ILE A C   1 
ATOM   194  O  O   . ILE A 1 37  ? 4.078   -8.509  5.550   1.00   15.59 ? 75   ILE A O   1 
ATOM   195  C  CB  . ILE A 1 37  ? 1.629   -7.122  4.731   1.00   13.54 ? 75   ILE A CB  1 
ATOM   196  C  CG1 . ILE A 1 37  ? 0.933   -5.944  4.063   1.00   13.87 ? 75   ILE A CG1 1 
ATOM   197  C  CG2 . ILE A 1 37  ? 0.524   -7.952  5.371   1.00   13.60 ? 75   ILE A CG2 1 
ATOM   198  C  CD1 . ILE A 1 37  ? 0.013   -6.292  2.888   1.00   13.77 ? 75   ILE A CD1 1 
ATOM   199  N  N   . THR A 1 38  ? 3.182   -8.218  7.585   1.00   15.61 ? 76   THR A N   1 
ATOM   200  C  CA  . THR A 1 38  ? 3.795   -9.399  8.194   1.00   16.74 ? 76   THR A CA  1 
ATOM   201  C  C   . THR A 1 38  ? 2.713   -10.454 8.468   1.00   15.74 ? 76   THR A C   1 
ATOM   202  O  O   . THR A 1 38  ? 1.660   -10.130 8.991   1.00   18.12 ? 76   THR A O   1 
ATOM   203  C  CB  . THR A 1 38  ? 4.539   -9.042  9.477   1.00   20.02 ? 76   THR A CB  1 
ATOM   204  O  OG1 . THR A 1 38  ? 5.621   -8.176  9.136   1.00   19.07 ? 76   THR A OG1 1 
ATOM   205  C  CG2 . THR A 1 38  ? 5.090   -10.294 10.181  1.00   20.51 ? 76   THR A CG2 1 
ATOM   206  N  N   . ASN A 1 39  ? 3.052   -11.691 8.077   1.00   17.78 ? 77   ASN A N   1 
ATOM   207  C  CA  . ASN A 1 39  ? 2.153   -12.871 8.192   1.00   17.32 ? 77   ASN A CA  1 
ATOM   208  C  C   . ASN A 1 39  ? 2.817   -13.842 9.179   1.00   18.88 ? 77   ASN A C   1 
ATOM   209  O  O   . ASN A 1 39  ? 3.807   -14.497 8.828   1.00   21.83 ? 77   ASN A O   1 
ATOM   210  C  CB  . ASN A 1 39  ? 1.960   -13.491 6.847   1.00   18.75 ? 77   ASN A CB  1 
ATOM   211  C  CG  . ASN A 1 39  ? 1.043   -14.716 6.865   1.00   17.40 ? 77   ASN A CG  1 
ATOM   212  O  OD1 . ASN A 1 39  ? 0.474   -15.027 7.894   1.00   19.47 ? 77   ASN A OD1 1 
ATOM   213  N  ND2 . ASN A 1 39  ? 0.799   -15.302 5.709   1.00   19.77 ? 77   ASN A ND2 1 
ATOM   214  N  N   . GLU A 1 40  ? 2.264   -13.889 10.375  1.00   22.14 ? 78   GLU A N   1 
ATOM   215  C  CA  . GLU A 1 40  ? 2.752   -14.772 11.455  1.00   25.55 ? 78   GLU A CA  1 
ATOM   216  C  C   . GLU A 1 40  ? 2.182   -16.188 11.354  1.00   26.04 ? 78   GLU A C   1 
ATOM   217  O  O   . GLU A 1 40  ? 2.589   -17.090 12.114  1.00   28.49 ? 78   GLU A O   1 
ATOM   218  C  CB  . GLU A 1 40  ? 2.417   -14.186 12.832  1.00   28.87 ? 78   GLU A CB  1 
ATOM   219  C  CG  . GLU A 1 40  ? 3.329   -13.038 13.249  1.00   33.71 ? 78   GLU A CG  1 
ATOM   220  C  CD  . GLU A 1 40  ? 2.993   -12.480 14.625  0.50   37.01 ? 78   GLU A CD  1 
ATOM   221  O  OE1 . GLU A 1 40  ? 1.831   -12.617 15.094  0.75   44.53 ? 78   GLU A OE1 1 
ATOM   222  O  OE2 . GLU A 1 40  ? 3.908   -11.902 15.238  0.75   44.87 ? 78   GLU A OE2 1 
ATOM   223  N  N   . GLY A 1 41  ? 1.249   -16.392 10.443  1.00   23.18 ? 79   GLY A N   1 
ATOM   224  C  CA  . GLY A 1 41  ? 0.583   -17.696 10.265  1.00   24.92 ? 79   GLY A CA  1 
ATOM   225  C  C   . GLY A 1 41  ? 1.294   -18.724 9.423   1.00   25.36 ? 79   GLY A C   1 
ATOM   226  O  O   . GLY A 1 41  ? 2.239   -18.430 8.692   1.00   25.58 ? 79   GLY A O   1 
ATOM   227  N  N   . ASP A 1 42  ? 0.795   -19.968 9.502   1.00   24.60 ? 80   ASP A N   1 
ATOM   228  C  CA  . ASP A 1 42  ? 1.336   -21.084 8.753   1.00   25.44 ? 80   ASP A CA  1 
ATOM   229  C  C   . ASP A 1 42  ? 0.949   -21.121 7.282   1.00   22.92 ? 80   ASP A C   1 
ATOM   230  O  O   . ASP A 1 42  ? 1.623   -21.790 6.490   1.00   28.13 ? 80   ASP A O   1 
ATOM   231  C  CB  . ASP A 1 42  ? 0.911   -22.440 9.397   1.00   26.33 ? 80   ASP A CB  1 
ATOM   232  C  CG  . ASP A 1 42  ? 1.425   -22.641 10.838  1.00   33.48 ? 80   ASP A CG  1 
ATOM   233  O  OD1 . ASP A 1 42  ? 2.349   -21.914 11.275  1.00   35.75 ? 80   ASP A OD1 1 
ATOM   234  O  OD2 . ASP A 1 42  ? 0.894   -23.559 11.557  1.00   32.21 ? 80   ASP A OD2 1 
ATOM   235  N  N   . SER A 1 43  ? -0.064  -20.354 6.895   1.00   23.98 ? 81   SER A N   1 
ATOM   236  C  CA  A SER A 1 43  ? -0.520  -20.370 5.517   0.50   23.43 ? 81   SER A CA  1 
ATOM   237  C  CA  B SER A 1 43  ? -0.606  -20.350 5.531   0.50   24.30 ? 81   SER A CA  1 
ATOM   238  C  C   . SER A 1 43  ? -0.359  -18.985 4.893   1.00   21.69 ? 81   SER A C   1 
ATOM   239  O  O   . SER A 1 43  ? -0.535  -17.952 5.560   1.00   21.27 ? 81   SER A O   1 
ATOM   240  C  CB  A SER A 1 43  ? -1.959  -20.883 5.414   0.50   24.63 ? 81   SER A CB  1 
ATOM   241  C  CB  B SER A 1 43  ? -2.125  -20.609 5.512   0.50   27.03 ? 81   SER A CB  1 
ATOM   242  O  OG  A SER A 1 43  ? -2.851  -20.069 6.159   0.50   24.46 ? 81   SER A OG  1 
ATOM   243  O  OG  B SER A 1 43  ? -2.594  -21.327 6.637   0.50   28.31 ? 81   SER A OG  1 
ATOM   244  N  N   . ALA A 1 44  ? 0.021   -19.009 3.625   1.00   22.28 ? 82   ALA A N   1 
ATOM   245  C  CA  . ALA A 1 44  ? 0.212   -17.800 2.800   1.00   22.06 ? 82   ALA A CA  1 
ATOM   246  C  C   . ALA A 1 44  ? -1.136  -17.173 2.527   1.00   20.62 ? 82   ALA A C   1 
ATOM   247  O  O   . ALA A 1 44  ? -2.166  -17.851 2.560   1.00   22.25 ? 82   ALA A O   1 
ATOM   248  C  CB  . ALA A 1 44  ? 0.875   -18.139 1.486   1.00   22.50 ? 82   ALA A CB  1 
ATOM   249  N  N   . ASP A 1 45  ? -1.156  -15.857 2.288   1.00   17.59 ? 83   ASP A N   1 
ATOM   250  C  CA  . ASP A 1 45  ? -2.377  -15.191 1.918   1.00   16.46 ? 83   ASP A CA  1 
ATOM   251  C  C   . ASP A 1 45  ? -2.085  -14.306 0.727   1.00   16.59 ? 83   ASP A C   1 
ATOM   252  O  O   . ASP A 1 45  ? -0.971  -14.320 0.206   1.00   16.62 ? 83   ASP A O   1 
ATOM   253  C  CB  . ASP A 1 45  ? -2.914  -14.409 3.112   1.00   16.07 ? 83   ASP A CB  1 
ATOM   254  C  CG  . ASP A 1 45  ? -4.467  -14.275 3.124   1.00   17.62 ? 83   ASP A CG  1 
ATOM   255  O  OD1 . ASP A 1 45  ? -5.102  -14.097 2.087   1.00   16.70 ? 83   ASP A OD1 1 
ATOM   256  O  OD2 . ASP A 1 45  ? -4.968  -14.355 4.240   1.00   20.48 ? 83   ASP A OD2 1 
ATOM   257  N  N   . GLU A 1 46  ? -3.088  -13.579 0.245   1.00   16.27 ? 84   GLU A N   1 
ATOM   258  C  CA  . GLU A 1 46  ? -2.964  -12.689 -0.900  1.00   17.38 ? 84   GLU A CA  1 
ATOM   259  C  C   . GLU A 1 46  ? -3.685  -11.407 -0.559  1.00   16.66 ? 84   GLU A C   1 
ATOM   260  O  O   . GLU A 1 46  ? -4.828  -11.430 -0.067  1.00   14.83 ? 84   GLU A O   1 
ATOM   261  C  CB  . GLU A 1 46  ? -3.626  -13.269 -2.154  1.00   19.78 ? 84   GLU A CB  1 
ATOM   262  C  CG  . GLU A 1 46  ? -2.967  -14.520 -2.722  1.00   22.78 ? 84   GLU A CG  1 
ATOM   263  C  CD  . GLU A 1 46  ? -3.932  -15.493 -3.442  1.00   22.71 ? 84   GLU A CD  1 
ATOM   264  O  OE1 . GLU A 1 46  ? -5.126  -15.202 -3.655  0.25   19.72 ? 84   GLU A OE1 1 
ATOM   265  O  OE2 . GLU A 1 46  ? -3.456  -16.588 -3.792  0.25   21.56 ? 84   GLU A OE2 1 
ATOM   266  N  N   . LEU A 1 47  ? -3.052  -10.276 -0.892  1.00   15.06 ? 85   LEU A N   1 
ATOM   267  C  CA  . LEU A 1 47  ? -3.745  -9.002  -0.877  1.00   13.57 ? 85   LEU A CA  1 
ATOM   268  C  C   . LEU A 1 47  ? -4.597  -8.867  -2.137  1.00   15.48 ? 85   LEU A C   1 
ATOM   269  O  O   . LEU A 1 47  ? -4.040  -8.780  -3.241  1.00   17.63 ? 85   LEU A O   1 
ATOM   270  C  CB  . LEU A 1 47  ? -2.700  -7.920  -0.757  1.00   15.59 ? 85   LEU A CB  1 
ATOM   271  C  CG  . LEU A 1 47  ? -3.213  -6.504  -0.750  1.00   14.86 ? 85   LEU A CG  1 
ATOM   272  C  CD1 . LEU A 1 47  ? -3.952  -6.198  0.527   1.00   15.76 ? 85   LEU A CD1 1 
ATOM   273  C  CD2 . LEU A 1 47  ? -2.101  -5.472  -0.884  1.00   13.58 ? 85   LEU A CD2 1 
ATOM   274  N  N   . THR A 1 48  ? -5.916  -8.873  -1.994  1.00   14.73 ? 86   THR A N   1 
ATOM   275  C  CA  . THR A 1 48  ? -6.825  -8.997  -3.104  1.00   16.16 ? 86   THR A CA  1 
ATOM   276  C  C   . THR A 1 48  ? -7.430  -7.676  -3.516  1.00   14.84 ? 86   THR A C   1 
ATOM   277  O  O   . THR A 1 48  ? -7.886  -7.568  -4.666  1.00   17.61 ? 86   THR A O   1 
ATOM   278  C  CB  . THR A 1 48  ? -7.926  -10.045 -2.835  1.00   16.71 ? 86   THR A CB  1 
ATOM   279  O  OG1 . THR A 1 48  ? -8.471  -9.803  -1.528  1.00   17.50 ? 86   THR A OG1 1 
ATOM   280  C  CG2 . THR A 1 48  ? -7.281  -11.424 -2.814  1.00   17.78 ? 86   THR A CG2 1 
ATOM   281  N  N   . SER A 1 49  ? -7.519  -6.677  -2.623  1.00   13.28 ? 87   SER A N   1 
ATOM   282  C  CA  . SER A 1 49  ? -7.968  -5.363  -2.987  1.00   13.67 ? 87   SER A CA  1 
ATOM   283  C  C   . SER A 1 49  ? -7.608  -4.374  -1.864  1.00   14.15 ? 87   SER A C   1 
ATOM   284  O  O   . SER A 1 49  ? -7.371  -4.750  -0.729  1.00   13.87 ? 87   SER A O   1 
ATOM   285  C  CB  . SER A 1 49  ? -9.505  -5.366  -3.260  1.00   13.63 ? 87   SER A CB  1 
ATOM   286  O  OG  . SER A 1 49  ? -10.290 -5.575  -2.072  1.00   15.45 ? 87   SER A OG  1 
ATOM   287  N  N   . VAL A 1 50  ? -7.654  -3.083  -2.178  1.00   14.75 ? 88   VAL A N   1 
ATOM   288  C  CA  . VAL A 1 50  ? -7.389  -2.019  -1.250  1.00   14.46 ? 88   VAL A CA  1 
ATOM   289  C  C   . VAL A 1 50  ? -8.398  -0.932  -1.544  1.00   15.78 ? 88   VAL A C   1 
ATOM   290  O  O   . VAL A 1 50  ? -8.576  -0.570  -2.737  1.00   16.82 ? 88   VAL A O   1 
ATOM   291  C  CB  . VAL A 1 50  ? -5.961  -1.437  -1.399  1.00   14.75 ? 88   VAL A CB  1 
ATOM   292  C  CG1 . VAL A 1 50  ? -5.698  -0.360  -0.379  1.00   16.27 ? 88   VAL A CG1 1 
ATOM   293  C  CG2 . VAL A 1 50  ? -4.919  -2.489  -1.287  1.00   15.39 ? 88   VAL A CG2 1 
ATOM   294  N  N   . THR A 1 51  ? -9.013  -0.403  -0.527  1.00   16.28 ? 89   THR A N   1 
ATOM   295  C  CA  . THR A 1 51  ? -10.006 0.645   -0.641  1.00   18.26 ? 89   THR A CA  1 
ATOM   296  C  C   . THR A 1 51  ? -9.609  1.845   0.171   1.00   17.20 ? 89   THR A C   1 
ATOM   297  O  O   . THR A 1 51  ? -8.887  1.714   1.166   1.00   17.44 ? 89   THR A O   1 
ATOM   298  C  CB  . THR A 1 51  ? -11.420 0.224   -0.258  1.00   19.69 ? 89   THR A CB  1 
ATOM   299  O  OG1 . THR A 1 51  ? -11.448 -0.170  1.101   1.00   22.54 ? 89   THR A OG1 1 
ATOM   300  C  CG2 . THR A 1 51  ? -11.877 -0.941  -1.122  1.00   23.21 ? 89   THR A CG2 1 
ATOM   301  N  N   . SER A 1 52  ? -10.050 3.000   -0.282  1.00   16.92 ? 90   SER A N   1 
ATOM   302  C  CA  . SER A 1 52  ? -9.785  4.252   0.409   1.00   16.87 ? 90   SER A CA  1 
ATOM   303  C  C   . SER A 1 52  ? -10.799 5.309   0.019   1.00   18.37 ? 90   SER A C   1 
ATOM   304  O  O   . SER A 1 52  ? -11.254 5.351   -1.148  1.00   18.88 ? 90   SER A O   1 
ATOM   305  C  CB  . SER A 1 52  ? -8.392  4.794   0.066   1.00   17.59 ? 90   SER A CB  1 
ATOM   306  O  OG  . SER A 1 52  ? -8.110  6.026   0.752   1.00   18.00 ? 90   SER A OG  1 
ATOM   307  N  N   . GLU A 1 53  ? -11.113 6.230   0.936   1.00   18.85 ? 91   GLU A N   1 
ATOM   308  C  CA  . GLU A 1 53  ? -11.967 7.341   0.525   1.00   19.46 ? 91   GLU A CA  1 
ATOM   309  C  C   . GLU A 1 53  ? -11.211 8.410   -0.243  1.00   19.42 ? 91   GLU A C   1 
ATOM   310  O  O   . GLU A 1 53  ? -11.845 9.313   -0.829  1.00   20.65 ? 91   GLU A O   1 
ATOM   311  C  CB  . GLU A 1 53  ? -12.662 7.965   1.727   1.00   22.90 ? 91   GLU A CB  1 
ATOM   312  C  CG  . GLU A 1 53  ? -13.605 6.981   2.417   1.00   23.68 ? 91   GLU A CG  1 
ATOM   313  C  CD  . GLU A 1 53  ? -14.869 6.607   1.632   1.00   28.41 ? 91   GLU A CD  1 
ATOM   314  O  OE1 . GLU A 1 53  ? -14.771 6.073   0.509   0.50   29.70 ? 91   GLU A OE1 1 
ATOM   315  O  OE2 . GLU A 1 53  ? -15.992 6.768   2.169   0.50   30.80 ? 91   GLU A OE2 1 
ATOM   316  N  N   . ALA A 1 54  ? -9.888  8.331   -0.267  1.00   17.69 ? 92   ALA A N   1 
ATOM   317  C  CA  . ALA A 1 54  ? -9.061  9.325   -0.935  1.00   18.32 ? 92   ALA A CA  1 
ATOM   318  C  C   . ALA A 1 54  ? -9.034  9.199   -2.462  1.00   19.02 ? 92   ALA A C   1 
ATOM   319  O  O   . ALA A 1 54  ? -8.817  10.209  -3.169  1.00   20.42 ? 92   ALA A O   1 
ATOM   320  C  CB  . ALA A 1 54  ? -7.667  9.288   -0.346  1.00   17.59 ? 92   ALA A CB  1 
ATOM   321  N  N   . GLY A 1 55  ? -9.299  8.005   -2.986  1.00   18.41 ? 93   GLY A N   1 
ATOM   322  C  CA  . GLY A 1 55  ? -9.098  7.763   -4.415  1.00   20.67 ? 93   GLY A CA  1 
ATOM   323  C  C   . GLY A 1 55  ? -9.103  6.274   -4.648  1.00   20.40 ? 93   GLY A C   1 
ATOM   324  O  O   . GLY A 1 55  ? -9.386  5.465   -3.751  1.00   21.29 ? 93   GLY A O   1 
ATOM   325  N  N   . GLU A 1 56  ? -8.755  5.885   -5.870  1.00   19.39 ? 94   GLU A N   1 
ATOM   326  C  CA  . GLU A 1 56  ? -8.695  4.495   -6.210  1.00   19.07 ? 94   GLU A CA  1 
ATOM   327  C  C   . GLU A 1 56  ? -7.301  3.998   -5.912  1.00   19.08 ? 94   GLU A C   1 
ATOM   328  O  O   . GLU A 1 56  ? -6.327  4.726   -6.071  1.00   21.01 ? 94   GLU A O   1 
ATOM   329  C  CB  . GLU A 1 56  ? -9.094  4.305   -7.684  1.00   22.24 ? 94   GLU A CB  1 
ATOM   330  C  CG  . GLU A 1 56  ? -10.606 4.355   -7.843  1.00   24.99 ? 94   GLU A CG  1 
ATOM   331  C  CD  . GLU A 1 56  ? -11.052 4.405   -9.297  0.50   28.56 ? 94   GLU A CD  1 
ATOM   332  O  OE1 . GLU A 1 56  ? -10.382 3.764   -10.153 0.50   26.59 ? 94   GLU A OE1 1 
ATOM   333  O  OE2 . GLU A 1 56  ? -12.077 5.084   -9.562  0.50   32.30 ? 94   GLU A OE2 1 
ATOM   334  N  N   . VAL A 1 57  ? -7.203  2.764   -5.406  1.00   16.86 ? 95   VAL A N   1 
ATOM   335  C  CA  . VAL A 1 57  ? -5.917  2.250   -5.060  1.00   18.11 ? 95   VAL A CA  1 
ATOM   336  C  C   . VAL A 1 57  ? -5.726  0.945   -5.789  1.00   17.61 ? 95   VAL A C   1 
ATOM   337  O  O   . VAL A 1 57  ? -6.635  0.093   -5.821  1.00   18.98 ? 95   VAL A O   1 
ATOM   338  C  CB  . VAL A 1 57  ? -5.797  1.970   -3.547  1.00   18.49 ? 95   VAL A CB  1 
ATOM   339  C  CG1 . VAL A 1 57  ? -4.342  1.745   -3.152  1.00   17.92 ? 95   VAL A CG1 1 
ATOM   340  C  CG2 . VAL A 1 57  ? -6.413  3.089   -2.753  1.00   20.00 ? 95   VAL A CG2 1 
ATOM   341  N  N   . THR A 1 58  ? -4.554  0.756   -6.366  1.00   16.91 ? 96   THR A N   1 
ATOM   342  C  CA  A THR A 1 58  ? -4.198  -0.504  -6.960  0.40   19.23 ? 96   THR A CA  1 
ATOM   343  C  CA  B THR A 1 58  ? -4.165  -0.487  -7.012  0.60   18.36 ? 96   THR A CA  1 
ATOM   344  C  C   . THR A 1 58  ? -2.792  -0.858  -6.504  1.00   18.41 ? 96   THR A C   1 
ATOM   345  O  O   . THR A 1 58  ? -2.093  -0.031  -5.912  1.00   21.35 ? 96   THR A O   1 
ATOM   346  C  CB  A THR A 1 58  ? -4.300  -0.431  -8.488  0.40   21.15 ? 96   THR A CB  1 
ATOM   347  C  CB  B THR A 1 58  ? -4.120  -0.362  -8.553  0.60   18.82 ? 96   THR A CB  1 
ATOM   348  O  OG1 A THR A 1 58  ? -4.597  -1.732  -8.998  0.40   24.50 ? 96   THR A OG1 1 
ATOM   349  O  OG1 B THR A 1 58  ? -3.393  0.776   -8.938  0.60   21.67 ? 96   THR A OG1 1 
ATOM   350  C  CG2 A THR A 1 58  ? -3.062  0.039   -9.077  0.40   20.59 ? 96   THR A CG2 1 
ATOM   351  C  CG2 B THR A 1 58  ? -5.539  -0.216  -9.088  0.60   18.19 ? 96   THR A CG2 1 
ATOM   352  N  N   . VAL A 1 59  ? -2.400  -2.107  -6.665  1.00   17.38 ? 97   VAL A N   1 
ATOM   353  C  CA  . VAL A 1 59  ? -1.084  -2.598  -6.328  1.00   16.12 ? 97   VAL A CA  1 
ATOM   354  C  C   . VAL A 1 59  ? -0.233  -2.606  -7.579  1.00   15.35 ? 97   VAL A C   1 
ATOM   355  O  O   . VAL A 1 59  ? -0.660  -3.151  -8.617  1.00   15.09 ? 97   VAL A O   1 
ATOM   356  C  CB  . VAL A 1 59  ? -1.143  -4.027  -5.713  1.00   17.06 ? 97   VAL A CB  1 
ATOM   357  C  CG1 . VAL A 1 59  ? 0.235   -4.621  -5.566  1.00   17.79 ? 97   VAL A CG1 1 
ATOM   358  C  CG2 . VAL A 1 59  ? -1.928  -4.072  -4.390  1.00   20.21 ? 97   VAL A CG2 1 
ATOM   359  N  N   . HIS A 1 60  ? 0.931   -1.996  -7.482  1.00   15.04 ? 98   HIS A N   1 
ATOM   360  C  CA  . HIS A 1 60  ? 1.912   -2.005  -8.545  1.00   15.79 ? 98   HIS A CA  1 
ATOM   361  C  C   . HIS A 1 60  ? 3.206   -2.690  -8.124  1.00   16.35 ? 98   HIS A C   1 
ATOM   362  O  O   . HIS A 1 60  ? 3.662   -2.561  -6.946  1.00   17.98 ? 98   HIS A O   1 
ATOM   363  C  CB  . HIS A 1 60  ? 2.287   -0.605  -8.899  1.00   16.40 ? 98   HIS A CB  1 
ATOM   364  C  CG  . HIS A 1 60  ? 1.275   0.105   -9.703  1.00   17.14 ? 98   HIS A CG  1 
ATOM   365  N  ND1 . HIS A 1 60  ? 1.509   1.361   -10.218 1.00   18.28 ? 98   HIS A ND1 1 
ATOM   366  C  CD2 . HIS A 1 60  ? 0.053   -0.250  -10.139 1.00   16.95 ? 98   HIS A CD2 1 
ATOM   367  C  CE1 . HIS A 1 60  ? 0.474   1.748   -10.926 1.00   18.96 ? 98   HIS A CE1 1 
ATOM   368  N  NE2 . HIS A 1 60  ? -0.431  0.786   -10.898 1.00   18.95 ? 98   HIS A NE2 1 
ATOM   369  N  N   . GLU A 1 61  ? 3.826   -3.358  -9.111  1.00   17.40 ? 99   GLU A N   1 
ATOM   370  C  CA  A GLU A 1 61  ? 5.216   -3.770  -8.981  0.60   19.75 ? 99   GLU A CA  1 
ATOM   371  C  CA  B GLU A 1 61  ? 5.197   -3.815  -9.014  0.40   19.53 ? 99   GLU A CA  1 
ATOM   372  C  C   . GLU A 1 61  ? 6.059   -2.810  -9.805  1.00   19.57 ? 99   GLU A C   1 
ATOM   373  O  O   . GLU A 1 61  ? 5.513   -2.058  -10.658 1.00   19.97 ? 99   GLU A O   1 
ATOM   374  C  CB  A GLU A 1 61  ? 5.444   -5.226  -9.422  0.60   22.03 ? 99   GLU A CB  1 
ATOM   375  C  CB  B GLU A 1 61  ? 5.311   -5.273  -9.532  0.40   21.36 ? 99   GLU A CB  1 
ATOM   376  C  CG  A GLU A 1 61  ? 5.347   -5.415  -10.926 0.60   24.06 ? 99   GLU A CG  1 
ATOM   377  C  CG  B GLU A 1 61  ? 4.304   -6.235  -8.882  0.40   23.17 ? 99   GLU A CG  1 
ATOM   378  C  CD  A GLU A 1 61  ? 5.586   -6.847  -11.382 0.60   28.16 ? 99   GLU A CD  1 
ATOM   379  C  CD  B GLU A 1 61  ? 4.406   -7.689  -9.349  0.40   25.82 ? 99   GLU A CD  1 
ATOM   380  O  OE1 A GLU A 1 61  ? 6.220   -7.623  -10.639 0.60   31.46 ? 99   GLU A OE1 1 
ATOM   381  O  OE1 B GLU A 1 61  ? 4.825   -7.954  -10.495 0.40   24.79 ? 99   GLU A OE1 1 
ATOM   382  O  OE2 A GLU A 1 61  ? 5.125   -7.179  -12.491 0.60   28.40 ? 99   GLU A OE2 1 
ATOM   383  O  OE2 B GLU A 1 61  ? 4.020   -8.580  -8.559  0.40   27.03 ? 99   GLU A OE2 1 
ATOM   384  N  N   . THR A 1 62  ? 7.346   -2.765  -9.527  1.00   19.19 ? 100  THR A N   1 
ATOM   385  C  CA  . THR A 1 62  ? 8.282   -1.924  -10.293 1.00   21.56 ? 100  THR A CA  1 
ATOM   386  C  C   . THR A 1 62  ? 9.284   -2.831  -10.984 1.00   23.13 ? 100  THR A C   1 
ATOM   387  O  O   . THR A 1 62  ? 9.863   -3.727  -10.348 1.00   25.69 ? 100  THR A O   1 
ATOM   388  C  CB  . THR A 1 62  ? 9.027   -0.933  -9.406  1.00   23.73 ? 100  THR A CB  1 
ATOM   389  O  OG1 . THR A 1 62  ? 8.092   -0.073  -8.733  1.00   22.50 ? 100  THR A OG1 1 
ATOM   390  C  CG2 . THR A 1 62  ? 9.966   -0.052  -10.265 1.00   26.28 ? 100  THR A CG2 1 
ATOM   391  N  N   . ILE A 1 63  ? 9.439   -2.626  -12.283 1.00   24.59 ? 101  ILE A N   1 
ATOM   392  C  CA  . ILE A 1 63  ? 10.208  -3.498  -13.147 1.00   29.80 ? 101  ILE A CA  1 
ATOM   393  C  C   . ILE A 1 63  ? 11.072  -2.586  -14.043 1.00   29.77 ? 101  ILE A C   1 
ATOM   394  O  O   . ILE A 1 63  ? 10.579  -1.950  -14.994 1.00   27.55 ? 101  ILE A O   1 
ATOM   395  C  CB  . ILE A 1 63  ? 9.292   -4.497  -13.916 1.00   30.65 ? 101  ILE A CB  1 
ATOM   396  C  CG1 . ILE A 1 63  ? 8.131   -3.805  -14.636 0.50   29.74 ? 101  ILE A CG1 1 
ATOM   397  C  CG2 . ILE A 1 63  ? 8.722   -5.528  -12.966 0.50   29.81 ? 101  ILE A CG2 1 
ATOM   398  C  CD1 . ILE A 1 63  ? 6.905   -3.589  -13.786 0.50   29.54 ? 101  ILE A CD1 1 
ATOM   399  N  N   . ASP A 1 64  ? 12.338  -2.489  -13.663 1.00   34.31 ? 102  ASP A N   1 
ATOM   400  C  CA  . ASP A 1 64  ? 13.313  -1.606  -14.328 1.00   35.98 ? 102  ASP A CA  1 
ATOM   401  C  C   . ASP A 1 64  ? 12.790  -0.158  -14.487 1.00   33.76 ? 102  ASP A C   1 
ATOM   402  O  O   . ASP A 1 64  ? 12.788  0.419   -15.597 1.00   28.53 ? 102  ASP A O   1 
ATOM   403  C  CB  . ASP A 1 64  ? 13.734  -2.211  -15.675 1.00   40.82 ? 102  ASP A CB  1 
ATOM   404  C  CG  . ASP A 1 64  ? 14.568  -3.515  -15.522 1.00   43.31 ? 102  ASP A CG  1 
ATOM   405  O  OD1 . ASP A 1 64  ? 15.516  -3.554  -14.686 1.00   44.17 ? 102  ASP A OD1 1 
ATOM   406  O  OD2 . ASP A 1 64  ? 14.267  -4.483  -16.264 1.00   43.92 ? 102  ASP A OD2 1 
ATOM   407  N  N   . GLY A 1 65  ? 12.305  0.375   -13.365 1.00   27.23 ? 103  GLY A N   1 
ATOM   408  C  CA  . GLY A 1 65  ? 11.785  1.723   -13.266 1.00   26.20 ? 103  GLY A CA  1 
ATOM   409  C  C   . GLY A 1 65  ? 10.423  1.967   -13.926 1.00   24.57 ? 103  GLY A C   1 
ATOM   410  O  O   . GLY A 1 65  ? 10.026  3.121   -14.070 1.00   26.77 ? 103  GLY A O   1 
ATOM   411  N  N   . THR A 1 66  ? 9.742   0.912   -14.364 1.00   19.38 ? 104  THR A N   1 
ATOM   412  C  CA  . THR A 1 66  ? 8.386   0.970   -14.943 1.00   18.84 ? 104  THR A CA  1 
ATOM   413  C  C   . THR A 1 66  ? 7.447   0.309   -13.927 1.00   18.61 ? 104  THR A C   1 
ATOM   414  O  O   . THR A 1 66  ? 7.885   -0.547  -13.130 1.00   19.92 ? 104  THR A O   1 
ATOM   415  C  CB  . THR A 1 66  ? 8.206   0.257   -16.291 1.00   21.31 ? 104  THR A CB  1 
ATOM   416  O  OG1 . THR A 1 66  ? 8.145   -1.142  -16.112 1.00   24.28 ? 104  THR A OG1 1 
ATOM   417  C  CG2 . THR A 1 66  ? 9.354   0.633   -17.282 1.00   21.04 ? 104  THR A CG2 1 
ATOM   418  N  N   . MET A 1 67  ? 6.181   0.695   -13.999 1.00   18.39 ? 105  MET A N   1 
ATOM   419  C  CA  . MET A 1 67  ? 5.173   0.181   -13.069 1.00   18.03 ? 105  MET A CA  1 
ATOM   420  C  C   . MET A 1 67  ? 4.226   -0.776  -13.764 1.00   17.95 ? 105  MET A C   1 
ATOM   421  O  O   . MET A 1 67  ? 3.871   -0.617  -14.923 1.00   18.87 ? 105  MET A O   1 
ATOM   422  C  CB  . MET A 1 67  ? 4.414   1.341   -12.459 1.00   17.79 ? 105  MET A CB  1 
ATOM   423  C  CG  . MET A 1 67  ? 5.312   2.329   -11.708 1.00   17.50 ? 105  MET A CG  1 
ATOM   424  S  SD  . MET A 1 67  ? 4.241   3.680   -11.082 1.00   21.26 ? 105  MET A SD  1 
ATOM   425  C  CE  . MET A 1 67  ? 5.401   4.623   -10.051 1.00   28.00 ? 105  MET A CE  1 
ATOM   426  N  N   . LYS A 1 68  ? 3.779   -1.806  -13.041 1.00   16.66 ? 106  LYS A N   1 
ATOM   427  C  CA  . LYS A 1 68  ? 2.868   -2.779  -13.606 1.00   17.03 ? 106  LYS A CA  1 
ATOM   428  C  C   . LYS A 1 68  ? 1.851   -3.152  -12.545 1.00   18.02 ? 106  LYS A C   1 
ATOM   429  O  O   . LYS A 1 68  ? 2.262   -3.569  -11.432 1.00   18.57 ? 106  LYS A O   1 
ATOM   430  C  CB  . LYS A 1 68  ? 3.626   -4.024  -14.041 1.00   19.58 ? 106  LYS A CB  1 
ATOM   431  C  CG  . LYS A 1 68  ? 2.771   -5.037  -14.766 1.00   24.51 ? 106  LYS A CG  1 
ATOM   432  C  CD  . LYS A 1 68  ? 3.581   -6.190  -15.327 0.50   24.18 ? 106  LYS A CD  1 
ATOM   433  C  CE  . LYS A 1 68  ? 2.661   -7.333  -15.687 0.50   25.16 ? 106  LYS A CE  1 
ATOM   434  N  NZ  . LYS A 1 68  ? 1.725   -6.918  -16.757 0.50   25.50 ? 106  LYS A NZ  1 
ATOM   435  N  N   . GLU A 1 69  ? 0.575   -3.083  -12.900 1.00   18.47 ? 107  GLU A N   1 
ATOM   436  C  CA  . GLU A 1 69  ? -0.521  -3.505  -11.982 1.00   21.87 ? 107  GLU A CA  1 
ATOM   437  C  C   . GLU A 1 69  ? -0.438  -5.016  -11.729 1.00   25.73 ? 107  GLU A C   1 
ATOM   438  O  O   . GLU A 1 69  ? 0.024   -5.824  -12.590 1.00   26.43 ? 107  GLU A O   1 
ATOM   439  C  CB  . GLU A 1 69  ? -1.879  -3.084  -12.492 1.00   28.90 ? 107  GLU A CB  1 
ATOM   440  C  CG  . GLU A 1 69  ? -2.973  -3.204  -11.441 1.00   32.27 ? 107  GLU A CG  1 
ATOM   441  C  CD  . GLU A 1 69  ? -4.320  -2.644  -11.889 1.00   36.01 ? 107  GLU A CD  1 
ATOM   442  O  OE1 . GLU A 1 69  ? -4.362  -1.581  -12.562 0.50   32.95 ? 107  GLU A OE1 1 
ATOM   443  O  OE2 . GLU A 1 69  ? -5.337  -3.248  -11.475 0.50   38.49 ? 107  GLU A OE2 1 
ATOM   444  N  N   . VAL A 1 70  ? -0.801  -5.430  -10.521 1.00   25.96 ? 108  VAL A N   1 
ATOM   445  C  CA  . VAL A 1 70  ? -0.940  -6.867  -10.220 1.00   30.72 ? 108  VAL A CA  1 
ATOM   446  C  C   . VAL A 1 70  ? -2.113  -7.111  -9.301  1.00   32.65 ? 108  VAL A C   1 
ATOM   447  O  O   . VAL A 1 70  ? -2.261  -6.410  -8.334  1.00   29.84 ? 108  VAL A O   1 
ATOM   448  C  CB  . VAL A 1 70  ? 0.328   -7.494  -9.650  1.00   31.09 ? 108  VAL A CB  1 
ATOM   449  C  CG1 . VAL A 1 70  ? 1.414   -7.580  -10.717 1.00   33.09 ? 108  VAL A CG1 1 
ATOM   450  C  CG2 . VAL A 1 70  ? 0.840   -6.787  -8.402  1.00   29.31 ? 108  VAL A CG2 1 
ATOM   451  N  N   . ASP A 1 71  ? -2.960  -8.086  -9.637  1.00   36.30 ? 109  ASP A N   1 
ATOM   452  C  CA  . ASP A 1 71  ? -4.307  -8.197  -9.015  1.00   36.39 ? 109  ASP A CA  1 
ATOM   453  C  C   . ASP A 1 71  ? -4.390  -8.758  -7.565  1.00   33.00 ? 109  ASP A C   1 
ATOM   454  O  O   . ASP A 1 71  ? -5.340  -8.289  -6.856  1.00   28.29 ? 109  ASP A O   1 
ATOM   455  C  CB  . ASP A 1 71  ? -5.296  -8.969  -9.940  1.00   35.86 ? 109  ASP A CB  1 
ATOM   456  C  CG  . ASP A 1 71  ? -6.749  -8.570  -9.672  0.0000 34.63 ? 109  ASP A CG  1 
ATOM   457  O  OD1 . ASP A 1 71  ? -7.103  -7.374  -9.774  0.0000 34.25 ? 109  ASP A OD1 1 
ATOM   458  O  OD2 . ASP A 1 71  ? -7.538  -9.482  -9.339  0.0000 34.89 ? 109  ASP A OD2 1 
ATOM   459  N  N   . ARG A 1 72  ? -3.431  -9.663  -7.160  1.00   30.20 ? 110  ARG A N   1 
ATOM   460  C  CA  . ARG A 1 72  ? -3.458  -10.670 -6.011  1.00   28.17 ? 110  ARG A CA  1 
ATOM   461  C  C   . ARG A 1 72  ? -2.047  -11.065 -5.423  1.00   27.07 ? 110  ARG A C   1 
ATOM   462  O  O   . ARG A 1 72  ? -1.633  -12.286 -5.282  1.00   26.49 ? 110  ARG A O   1 
ATOM   463  C  CB  . ARG A 1 72  ? -4.088  -12.002 -6.427  1.00   33.21 ? 110  ARG A CB  1 
ATOM   464  C  CG  . ARG A 1 72  ? -5.474  -11.908 -7.001  1.00   37.07 ? 110  ARG A CG  1 
ATOM   465  C  CD  . ARG A 1 72  ? -5.996  -13.287 -7.350  1.00   41.67 ? 110  ARG A CD  1 
ATOM   466  N  NE  . ARG A 1 72  ? -7.333  -13.425 -6.794  1.00   45.50 ? 110  ARG A NE  1 
ATOM   467  C  CZ  . ARG A 1 72  ? -7.615  -14.088 -5.676  1.00   48.27 ? 110  ARG A CZ  1 
ATOM   468  N  NH1 . ARG A 1 72  ? -6.658  -14.726 -4.999  1.00   46.55 ? 110  ARG A NH1 1 
ATOM   469  N  NH2 . ARG A 1 72  ? -8.866  -14.115 -5.229  1.00   49.36 ? 110  ARG A NH2 1 
ATOM   470  N  N   . ILE A 1 73  ? -1.331  -10.056 -4.980  1.00   17.89 ? 111  ILE A N   1 
ATOM   471  C  CA  . ILE A 1 73  ? 0.040   -10.223 -4.526  1.00   17.25 ? 111  ILE A CA  1 
ATOM   472  C  C   . ILE A 1 73  ? 0.180   -11.060 -3.233  1.00   16.61 ? 111  ILE A C   1 
ATOM   473  O  O   . ILE A 1 73  ? -0.577  -10.873 -2.272  1.00   16.35 ? 111  ILE A O   1 
ATOM   474  C  CB  . ILE A 1 73  ? 0.722   -8.809  -4.437  1.00   16.05 ? 111  ILE A CB  1 
ATOM   475  C  CG1 . ILE A 1 73  ? 2.217   -8.918  -4.300  1.00   17.77 ? 111  ILE A CG1 1 
ATOM   476  C  CG2 . ILE A 1 73  ? 0.141   -7.962  -3.320  1.00   17.59 ? 111  ILE A CG2 1 
ATOM   477  C  CD1 . ILE A 1 73  ? 2.862   -7.558  -4.547  1.00   18.11 ? 111  ILE A CD1 1 
ATOM   478  N  N   . GLU A 1 74  ? 1.138   -11.979 -3.220  1.00   19.03 ? 112  GLU A N   1 
ATOM   479  C  CA  . GLU A 1 74  ? 1.291   -12.908 -2.129  1.00   19.26 ? 112  GLU A CA  1 
ATOM   480  C  C   . GLU A 1 74  ? 1.936   -12.356 -0.856  1.00   18.78 ? 112  GLU A C   1 
ATOM   481  O  O   . GLU A 1 74  ? 2.932   -11.632 -0.932  1.00   20.12 ? 112  GLU A O   1 
ATOM   482  C  CB  . GLU A 1 74  ? 2.030   -14.188 -2.567  1.00   22.02 ? 112  GLU A CB  1 
ATOM   483  C  CG  . GLU A 1 74  ? 1.926   -15.269 -1.498  1.00   27.39 ? 112  GLU A CG  1 
ATOM   484  C  CD  . GLU A 1 74  ? 2.608   -16.610 -1.790  1.00   34.75 ? 112  GLU A CD  1 
ATOM   485  O  OE1 . GLU A 1 74  ? 3.862   -16.662 -1.862  1.00   40.44 ? 112  GLU A OE1 1 
ATOM   486  O  OE2 . GLU A 1 74  ? 1.879   -17.623 -1.880  0.50   31.47 ? 112  GLU A OE2 1 
ATOM   487  N  N   . VAL A 1 75  ? 1.378   -12.695 0.322   1.00   16.87 ? 113  VAL A N   1 
ATOM   488  C  CA  . VAL A 1 75  ? 2.003   -12.454 1.608   1.00   18.65 ? 113  VAL A CA  1 
ATOM   489  C  C   . VAL A 1 75  ? 2.379   -13.828 2.159   1.00   20.63 ? 113  VAL A C   1 
ATOM   490  O  O   . VAL A 1 75  ? 1.521   -14.590 2.586   1.00   21.50 ? 113  VAL A O   1 
ATOM   491  C  CB  . VAL A 1 75  ? 1.072   -11.752 2.661   1.00   19.91 ? 113  VAL A CB  1 
ATOM   492  C  CG1 . VAL A 1 75  ? 1.919   -11.300 3.855   1.00   21.18 ? 113  VAL A CG1 1 
ATOM   493  C  CG2 . VAL A 1 75  ? 0.358   -10.596 1.995   1.00   20.57 ? 113  VAL A CG2 1 
ATOM   494  N  N   . PRO A 1 76  ? 3.655   -14.161 2.144   1.00   19.24 ? 114  PRO A N   1 
ATOM   495  C  CA  . PRO A 1 76  ? 4.057   -15.546 2.445   1.00   21.10 ? 114  PRO A CA  1 
ATOM   496  C  C   . PRO A 1 76  ? 3.862   -15.938 3.894   1.00   19.02 ? 114  PRO A C   1 
ATOM   497  O  O   . PRO A 1 76  ? 3.844   -15.085 4.796   1.00   19.92 ? 114  PRO A O   1 
ATOM   498  C  CB  . PRO A 1 76  ? 5.550   -15.529 2.114   1.00   22.92 ? 114  PRO A CB  1 
ATOM   499  C  CG  . PRO A 1 76  ? 5.717   -14.386 1.157   1.00   25.36 ? 114  PRO A CG  1 
ATOM   500  C  CD  . PRO A 1 76  ? 4.783   -13.338 1.670   1.00   22.68 ? 114  PRO A CD  1 
ATOM   501  N  N   . ALA A 1 77  ? 3.644   -17.235 4.119   1.00   21.68 ? 115  ALA A N   1 
ATOM   502  C  CA  . ALA A 1 77  ? 3.560   -17.785 5.458   1.00   22.65 ? 115  ALA A CA  1 
ATOM   503  C  C   . ALA A 1 77  ? 4.837   -17.470 6.221   1.00   22.33 ? 115  ALA A C   1 
ATOM   504  O  O   . ALA A 1 77  ? 5.915   -17.504 5.623   1.00   23.81 ? 115  ALA A O   1 
ATOM   505  C  CB  . ALA A 1 77  ? 3.352   -19.286 5.403   1.00   24.25 ? 115  ALA A CB  1 
ATOM   506  N  N   . HIS A 1 78  ? 4.726   -17.154 7.500   1.00   22.43 ? 116  HIS A N   1 
ATOM   507  C  CA  . HIS A 1 78  ? 5.899   -16.796 8.328   1.00   24.66 ? 116  HIS A CA  1 
ATOM   508  C  C   . HIS A 1 78  ? 6.843   -15.909 7.545   1.00   25.35 ? 116  HIS A C   1 
ATOM   509  O  O   . HIS A 1 78  ? 8.033   -16.171 7.443   1.00   25.91 ? 116  HIS A O   1 
ATOM   510  C  CB  . HIS A 1 78  ? 6.624   -18.045 8.768   1.00   25.87 ? 116  HIS A CB  1 
ATOM   511  C  CG  . HIS A 1 78  ? 5.751   -18.928 9.584   1.00   29.09 ? 116  HIS A CG  1 
ATOM   512  N  ND1 . HIS A 1 78  ? 5.271   -18.530 10.810  1.00   29.83 ? 116  HIS A ND1 1 
ATOM   513  C  CD2 . HIS A 1 78  ? 5.224   -20.146 9.334   1.00   29.43 ? 116  HIS A CD2 1 
ATOM   514  C  CE1 . HIS A 1 78  ? 4.499   -19.485 11.301  1.00   29.93 ? 116  HIS A CE1 1 
ATOM   515  N  NE2 . HIS A 1 78  ? 4.455   -20.475 10.420  1.00   29.78 ? 116  HIS A NE2 1 
ATOM   516  N  N   . GLY A 1 79  ? 6.294   -14.855 6.957   1.00   22.59 ? 117  GLY A N   1 
ATOM   517  C  CA  . GLY A 1 79  ? 7.054   -13.996 6.069   1.00   24.53 ? 117  GLY A CA  1 
ATOM   518  C  C   . GLY A 1 79  ? 6.491   -12.586 6.005   1.00   21.29 ? 117  GLY A C   1 
ATOM   519  O  O   . GLY A 1 79  ? 5.607   -12.198 6.807   1.00   19.35 ? 117  GLY A O   1 
ATOM   520  N  N   A GLN A 1 80  ? 7.010   -11.758 5.107   0.50   19.81 ? 118  GLN A N   1 
ATOM   521  N  N   B GLN A 1 80  ? 7.006   -11.825 5.038   0.50   19.82 ? 118  GLN A N   1 
ATOM   522  C  CA  A GLN A 1 80  ? 6.487   -10.384 5.020   0.50   18.13 ? 118  GLN A CA  1 
ATOM   523  C  CA  B GLN A 1 80  ? 6.637   -10.415 4.885   0.50   18.59 ? 118  GLN A CA  1 
ATOM   524  C  C   A GLN A 1 80  ? 6.497   -9.966  3.580   0.50   17.73 ? 118  GLN A C   1 
ATOM   525  C  C   B GLN A 1 80  ? 6.372   -10.090 3.450   0.50   17.74 ? 118  GLN A C   1 
ATOM   526  O  O   A GLN A 1 80  ? 7.295   -10.474 2.797   0.50   18.97 ? 118  GLN A O   1 
ATOM   527  O  O   B GLN A 1 80  ? 6.839   -10.754 2.534   0.50   19.24 ? 118  GLN A O   1 
ATOM   528  C  CB  A GLN A 1 80  ? 7.304   -9.405  5.898   0.50   18.73 ? 118  GLN A CB  1 
ATOM   529  C  CB  B GLN A 1 80  ? 7.763   -9.500  5.380   0.50   19.67 ? 118  GLN A CB  1 
ATOM   530  C  CG  A GLN A 1 80  ? 8.803   -9.538  5.688   0.50   19.90 ? 118  GLN A CG  1 
ATOM   531  C  CG  B GLN A 1 80  ? 7.940   -9.501  6.877   0.50   20.29 ? 118  GLN A CG  1 
ATOM   532  C  CD  A GLN A 1 80  ? 9.641   -8.329  6.074   0.50   20.71 ? 118  GLN A CD  1 
ATOM   533  C  CD  B GLN A 1 80  ? 8.837   -8.375  7.370   0.50   19.79 ? 118  GLN A CD  1 
ATOM   534  O  OE1 A GLN A 1 80  ? 9.407   -7.663  7.097   0.50   21.74 ? 118  GLN A OE1 1 
ATOM   535  O  OE1 B GLN A 1 80  ? 9.895   -8.109  6.782   0.50   21.08 ? 118  GLN A OE1 1 
ATOM   536  N  NE2 A GLN A 1 80  ? 10.655  -8.068  5.277   0.50   21.88 ? 118  GLN A NE2 1 
ATOM   537  N  NE2 B GLN A 1 80  ? 8.430   -7.710  8.444   0.50   18.88 ? 118  GLN A NE2 1 
ATOM   538  N  N   . LEU A 1 81  ? 5.584   -9.044  3.261   1.00   16.18 ? 119  LEU A N   1 
ATOM   539  C  CA  . LEU A 1 81  ? 5.446   -8.422  1.936   1.00   16.02 ? 119  LEU A CA  1 
ATOM   540  C  C   . LEU A 1 81  ? 5.774   -6.939  2.190   1.00   16.30 ? 119  LEU A C   1 
ATOM   541  O  O   . LEU A 1 81  ? 5.058   -6.244  2.897   1.00   16.00 ? 119  LEU A O   1 
ATOM   542  C  CB  . LEU A 1 81  ? 4.076   -8.587  1.357   1.00   16.65 ? 119  LEU A CB  1 
ATOM   543  C  CG  . LEU A 1 81  ? 3.830   -7.888  0.022   1.00   19.39 ? 119  LEU A CG  1 
ATOM   544  C  CD1 . LEU A 1 81  ? 4.814   -8.402  -1.038  1.00   19.07 ? 119  LEU A CD1 1 
ATOM   545  C  CD2 . LEU A 1 81  ? 2.408   -8.091  -0.457  1.00   19.29 ? 119  LEU A CD2 1 
ATOM   546  N  N   . VAL A 1 82  ? 6.857   -6.499  1.548   1.00   17.38 ? 120  VAL A N   1 
ATOM   547  C  CA  . VAL A 1 82  ? 7.355   -5.112  1.646   1.00   17.54 ? 120  VAL A CA  1 
ATOM   548  C  C   . VAL A 1 82  ? 6.969   -4.320  0.394   1.00   17.76 ? 120  VAL A C   1 
ATOM   549  O  O   . VAL A 1 82  ? 7.154   -4.734  -0.767  1.00   18.64 ? 120  VAL A O   1 
ATOM   550  C  CB  . VAL A 1 82  ? 8.886   -5.040  1.893   1.00   18.87 ? 120  VAL A CB  1 
ATOM   551  C  CG1 . VAL A 1 82  ? 9.340   -3.585  2.032   1.00   20.48 ? 120  VAL A CG1 1 
ATOM   552  C  CG2 . VAL A 1 82  ? 9.299   -5.819  3.117   1.00   19.18 ? 120  VAL A CG2 1 
ATOM   553  N  N   . PHE A 1 83  ? 6.385   -3.181  0.666   1.00   15.53 ? 121  PHE A N   1 
ATOM   554  C  CA  . PHE A 1 83  ? 6.055   -2.155  -0.320  1.00   15.29 ? 121  PHE A CA  1 
ATOM   555  C  C   . PHE A 1 83  ? 6.973   -0.980  0.025   1.00   16.60 ? 121  PHE A C   1 
ATOM   556  O  O   . PHE A 1 83  ? 6.848   -0.412  1.122   1.00   15.92 ? 121  PHE A O   1 
ATOM   557  C  CB  . PHE A 1 83  ? 4.593   -1.701  -0.283  1.00   15.80 ? 121  PHE A CB  1 
ATOM   558  C  CG  . PHE A 1 83  ? 3.588   -2.767  -0.586  1.00   17.43 ? 121  PHE A CG  1 
ATOM   559  C  CD1 . PHE A 1 83  ? 3.245   -3.686  0.397   1.00   20.98 ? 121  PHE A CD1 1 
ATOM   560  C  CD2 . PHE A 1 83  ? 2.905   -2.785  -1.776  1.00   20.86 ? 121  PHE A CD2 1 
ATOM   561  C  CE1 . PHE A 1 83  ? 2.294   -4.662  0.141   1.00   20.60 ? 121  PHE A CE1 1 
ATOM   562  C  CE2 . PHE A 1 83  ? 1.936   -3.755  -2.009  1.00   20.95 ? 121  PHE A CE2 1 
ATOM   563  C  CZ  . PHE A 1 83  ? 1.649   -4.673  -1.072  1.00   20.54 ? 121  PHE A CZ  1 
ATOM   564  N  N   . LYS A 1 84  ? 7.837   -0.615  -0.926  1.00   16.75 ? 122  LYS A N   1 
ATOM   565  C  CA  . LYS A 1 84  ? 8.823   0.467   -0.694  1.00   17.73 ? 122  LYS A CA  1 
ATOM   566  C  C   . LYS A 1 84  ? 9.166   1.095   -2.051  1.00   17.54 ? 122  LYS A C   1 
ATOM   567  O  O   . LYS A 1 84  ? 8.864   0.534   -3.132  1.00   20.55 ? 122  LYS A O   1 
ATOM   568  C  CB  . LYS A 1 84  ? 10.060  -0.149  -0.042  1.00   20.75 ? 122  LYS A CB  1 
ATOM   569  C  CG  . LYS A 1 84  ? 10.828  -1.090  -0.962  1.00   22.64 ? 122  LYS A CG  1 
ATOM   570  C  CD  . LYS A 1 84  ? 11.953  -1.882  -0.292  1.00   26.02 ? 122  LYS A CD  1 
ATOM   571  C  CE  . LYS A 1 84  ? 12.598  -2.889  -1.224  0.0000 29.54 ? 122  LYS A CE  1 
ATOM   572  N  NZ  . LYS A 1 84  ? 13.854  -3.496  -0.690  0.0000 30.25 ? 122  LYS A NZ  1 
ATOM   573  N  N   . SER A 1 85  ? 9.879   2.217   -1.975  1.00   18.48 ? 123  SER A N   1 
ATOM   574  C  CA  . SER A 1 85  ? 10.284  2.974   -3.189  1.00   20.50 ? 123  SER A CA  1 
ATOM   575  C  C   . SER A 1 85  ? 11.141  2.101   -4.091  1.00   21.90 ? 123  SER A C   1 
ATOM   576  O  O   . SER A 1 85  ? 12.041  1.363   -3.622  1.00   23.06 ? 123  SER A O   1 
ATOM   577  C  CB  . SER A 1 85  ? 10.999  4.279   -2.803  1.00   23.52 ? 123  SER A CB  1 
ATOM   578  O  OG  . SER A 1 85  ? 11.173  5.077   -3.957  1.00   25.43 ? 123  SER A OG  1 
ATOM   579  N  N   . GLY A 1 86  ? 10.793  2.137   -5.379  1.00   23.39 ? 124  GLY A N   1 
ATOM   580  C  CA  . GLY A 1 86  ? 11.393  1.303   -6.413  1.00   22.25 ? 124  GLY A CA  1 
ATOM   581  C  C   . GLY A 1 86  ? 11.058  -0.176  -6.437  1.00   21.13 ? 124  GLY A C   1 
ATOM   582  O  O   . GLY A 1 86  ? 11.588  -0.915  -7.248  1.00   23.51 ? 124  GLY A O   1 
ATOM   583  N  N   . GLY A 1 87  ? 10.123  -0.593  -5.568  1.00   21.20 ? 125  GLY A N   1 
ATOM   584  C  CA  . GLY A 1 87  ? 9.600   -1.936  -5.519  1.00   18.36 ? 125  GLY A CA  1 
ATOM   585  C  C   . GLY A 1 87  ? 8.089   -2.002  -5.590  1.00   19.78 ? 125  GLY A C   1 
ATOM   586  O  O   . GLY A 1 87  ? 7.426   -1.265  -6.358  1.00   18.99 ? 125  GLY A O   1 
ATOM   587  N  N   . ASN A 1 88  ? 7.504   -2.898  -4.791  1.00   19.20 ? 126  ASN A N   1 
ATOM   588  C  CA  . ASN A 1 88  ? 6.030   -2.953  -4.779  1.00   17.20 ? 126  ASN A CA  1 
ATOM   589  C  C   . ASN A 1 88  ? 5.485   -1.676  -4.116  1.00   17.49 ? 126  ASN A C   1 
ATOM   590  O  O   . ASN A 1 88  ? 6.095   -1.120  -3.213  1.00   18.44 ? 126  ASN A O   1 
ATOM   591  C  CB  . ASN A 1 88  ? 5.530   -4.142  -3.998  1.00   19.57 ? 126  ASN A CB  1 
ATOM   592  C  CG  . ASN A 1 88  ? 6.094   -5.393  -4.473  1.00   20.26 ? 126  ASN A CG  1 
ATOM   593  O  OD1 . ASN A 1 88  ? 6.190   -5.671  -5.681  1.00   21.48 ? 126  ASN A OD1 1 
ATOM   594  N  ND2 . ASN A 1 88  ? 6.602   -6.156  -3.519  1.00   22.47 ? 126  ASN A ND2 1 
ATOM   595  N  N   . HIS A 1 89  ? 4.318   -1.203  -4.524  1.00   16.42 ? 127  HIS A N   1 
ATOM   596  C  CA  . HIS A 1 89  ? 3.759   -0.031  -3.892  1.00   16.57 ? 127  HIS A CA  1 
ATOM   597  C  C   . HIS A 1 89  ? 2.277   0.019   -4.129  1.00   16.91 ? 127  HIS A C   1 
ATOM   598  O  O   . HIS A 1 89  ? 1.757   -0.570  -5.105  1.00   17.76 ? 127  HIS A O   1 
ATOM   599  C  CB  . HIS A 1 89  ? 4.431   1.289   -4.363  1.00   15.81 ? 127  HIS A CB  1 
ATOM   600  C  CG  . HIS A 1 89  ? 4.367   1.510   -5.835  1.00   15.37 ? 127  HIS A CG  1 
ATOM   601  N  ND1 . HIS A 1 89  ? 5.225   0.880   -6.711  1.00   18.11 ? 127  HIS A ND1 1 
ATOM   602  C  CD2 . HIS A 1 89  ? 3.550   2.287   -6.594  1.00   15.92 ? 127  HIS A CD2 1 
ATOM   603  C  CE1 . HIS A 1 89  ? 4.928   1.250   -7.940  1.00   16.16 ? 127  HIS A CE1 1 
ATOM   604  N  NE2 . HIS A 1 89  ? 3.937   2.111   -7.911  1.00   18.03 ? 127  HIS A NE2 1 
ATOM   605  N  N   . LEU A 1 90  ? 1.536   0.659   -3.240  1.00   14.82 ? 128  LEU A N   1 
ATOM   606  C  CA  . LEU A 1 90  ? 0.192   1.026   -3.556  1.00   14.32 ? 128  LEU A CA  1 
ATOM   607  C  C   . LEU A 1 90  ? 0.258   2.215   -4.518  1.00   14.59 ? 128  LEU A C   1 
ATOM   608  O  O   . LEU A 1 90  ? 1.042   3.131   -4.292  1.00   15.47 ? 128  LEU A O   1 
ATOM   609  C  CB  . LEU A 1 90  ? -0.582  1.372   -2.290  1.00   14.06 ? 128  LEU A CB  1 
ATOM   610  C  CG  . LEU A 1 90  ? -0.583  0.289   -1.219  1.00   15.68 ? 128  LEU A CG  1 
ATOM   611  C  CD1 . LEU A 1 90  ? -1.416  0.772   -0.049  1.00   16.74 ? 128  LEU A CD1 1 
ATOM   612  C  CD2 . LEU A 1 90  ? -1.098  -1.043  -1.753  1.00   16.79 ? 128  LEU A CD2 1 
ATOM   613  N  N   . MET A 1 91  ? -0.638  2.219   -5.497  1.00   14.42 ? 129  MET A N   1 
ATOM   614  C  CA  . MET A 1 91  ? -0.769  3.387   -6.324  1.00   15.54 ? 129  MET A CA  1 
ATOM   615  C  C   . MET A 1 91  ? -2.103  4.026   -6.144  1.00   16.37 ? 129  MET A C   1 
ATOM   616  O  O   . MET A 1 91  ? -3.111  3.389   -6.407  1.00   16.37 ? 129  MET A O   1 
ATOM   617  C  CB  . MET A 1 91  ? -0.539  3.019   -7.788  1.00   16.94 ? 129  MET A CB  1 
ATOM   618  C  CG  . MET A 1 91  ? -0.119  4.217   -8.605  1.00   20.88 ? 129  MET A CG  1 
ATOM   619  S  SD  . MET A 1 91  ? 1.650   4.495   -8.351  1.00   24.11 ? 129  MET A SD  1 
ATOM   620  C  CE  . MET A 1 91  ? 1.821   6.166   -8.982  1.00   28.28 ? 129  MET A CE  1 
ATOM   621  N  N   . PHE A 1 92  ? -2.115  5.231   -5.584  1.00   16.09 ? 130  PHE A N   1 
ATOM   622  C  CA  . PHE A 1 92  ? -3.315  6.047   -5.458  1.00   16.09 ? 130  PHE A CA  1 
ATOM   623  C  C   . PHE A 1 92  ? -3.504  6.837   -6.734  1.00   17.63 ? 130  PHE A C   1 
ATOM   624  O  O   . PHE A 1 92  ? -2.568  7.484   -7.231  1.00   18.86 ? 130  PHE A O   1 
ATOM   625  C  CB  . PHE A 1 92  ? -3.226  7.021   -4.280  1.00   17.08 ? 130  PHE A CB  1 
ATOM   626  C  CG  . PHE A 1 92  ? -3.125  6.332   -2.950  1.00   15.56 ? 130  PHE A CG  1 
ATOM   627  C  CD1 . PHE A 1 92  ? -1.904  5.908   -2.478  1.00   15.46 ? 130  PHE A CD1 1 
ATOM   628  C  CD2 . PHE A 1 92  ? -4.262  6.099   -2.204  1.00   17.23 ? 130  PHE A CD2 1 
ATOM   629  C  CE1 . PHE A 1 92  ? -1.784  5.226   -1.288  1.00   15.90 ? 130  PHE A CE1 1 
ATOM   630  C  CE2 . PHE A 1 92  ? -4.149  5.489   -0.975  1.00   17.29 ? 130  PHE A CE2 1 
ATOM   631  C  CZ  . PHE A 1 92  ? -2.939  5.028   -0.529  1.00   16.44 ? 130  PHE A CZ  1 
ATOM   632  N  N   . GLU A 1 93  ? -4.691  6.730   -7.301  1.00   18.07 ? 131  GLU A N   1 
ATOM   633  C  CA  . GLU A 1 93  ? -5.005  7.499   -8.477  1.00   18.06 ? 131  GLU A CA  1 
ATOM   634  C  C   . GLU A 1 93  ? -6.393  8.183   -8.282  1.00   18.37 ? 131  GLU A C   1 
ATOM   635  O  O   . GLU A 1 93  ? -7.189  7.877   -7.388  1.00   17.84 ? 131  GLU A O   1 
ATOM   636  C  CB  . GLU A 1 93  ? -4.944  6.662   -9.779  1.00   20.99 ? 131  GLU A CB  1 
ATOM   637  C  CG  . GLU A 1 93  ? -3.540  6.085   -9.994  1.00   22.54 ? 131  GLU A CG  1 
ATOM   638  C  CD  . GLU A 1 93  ? -3.354  5.096   -11.121 1.00   27.00 ? 131  GLU A CD  1 
ATOM   639  O  OE1 . GLU A 1 93  ? -3.691  3.871   -10.979 1.00   27.61 ? 131  GLU A OE1 1 
ATOM   640  O  OE2 . GLU A 1 93  ? -2.722  5.509   -12.107 1.00   28.61 ? 131  GLU A OE2 1 
ATOM   641  N  N   . LYS A 1 94  ? -6.673  9.154   -9.123  1.00   19.49 ? 132  LYS A N   1 
ATOM   642  C  CA  . LYS A 1 94  ? -7.934  9.866   -9.048  1.00   21.98 ? 132  LYS A CA  1 
ATOM   643  C  C   . LYS A 1 94  ? -8.079  10.581  -7.703  1.00   21.75 ? 132  LYS A C   1 
ATOM   644  O  O   . LYS A 1 94  ? -9.201  10.832  -7.252  1.00   21.46 ? 132  LYS A O   1 
ATOM   645  C  CB  . LYS A 1 94  ? -9.129  8.934   -9.324  1.00   24.84 ? 132  LYS A CB  1 
ATOM   646  C  CG  . LYS A 1 94  ? -9.001  8.145   -10.636 1.00   29.01 ? 132  LYS A CG  1 
ATOM   647  C  CD  . LYS A 1 94  ? -10.339 7.702   -11.260 1.00   34.41 ? 132  LYS A CD  1 
ATOM   648  C  CE  . LYS A 1 94  ? -10.100 6.861   -12.522 1.00   40.12 ? 132  LYS A CE  1 
ATOM   649  N  NZ  . LYS A 1 94  ? -11.345 6.581   -13.301 1.00   45.67 ? 132  LYS A NZ  1 
ATOM   650  N  N   . LEU A 1 95  ? -6.955  11.019  -7.140  1.00   20.05 ? 133  LEU A N   1 
ATOM   651  C  CA  . LEU A 1 95  ? -6.993  11.853  -5.953  1.00   19.83 ? 133  LEU A CA  1 
ATOM   652  C  C   . LEU A 1 95  ? -7.597  13.198  -6.352  1.00   20.78 ? 133  LEU A C   1 
ATOM   653  O  O   . LEU A 1 95  ? -7.464  13.634  -7.493  1.00   22.32 ? 133  LEU A O   1 
ATOM   654  C  CB  . LEU A 1 95  ? -5.589  12.088  -5.363  1.00   19.34 ? 133  LEU A CB  1 
ATOM   655  C  CG  . LEU A 1 95  ? -4.838  10.791  -4.934  1.00   18.28 ? 133  LEU A CG  1 
ATOM   656  C  CD1 . LEU A 1 95  ? -3.395  11.143  -4.653  1.00   20.06 ? 133  LEU A CD1 1 
ATOM   657  C  CD2 . LEU A 1 95  ? -5.548  10.171  -3.726  1.00   20.60 ? 133  LEU A CD2 1 
ATOM   658  N  N   . LYS A 1 96  ? -8.189  13.900  -5.396  1.00   22.84 ? 134  LYS A N   1 
ATOM   659  C  CA  . LYS A 1 96  ? -8.836  15.186  -5.674  1.00   25.71 ? 134  LYS A CA  1 
ATOM   660  C  C   . LYS A 1 96  ? -7.894  16.390  -5.572  1.00   25.46 ? 134  LYS A C   1 
ATOM   661  O  O   . LYS A 1 96  ? -8.188  17.475  -6.091  1.00   30.66 ? 134  LYS A O   1 
ATOM   662  C  CB  . LYS A 1 96  ? -9.984  15.394  -4.693  1.00   29.28 ? 134  LYS A CB  1 
ATOM   663  C  CG  . LYS A 1 96  ? -10.996 14.264  -4.591  1.00   34.00 ? 134  LYS A CG  1 
ATOM   664  C  CD  . LYS A 1 96  ? -11.944 14.255  -5.766  1.00   35.98 ? 134  LYS A CD  1 
ATOM   665  C  CE  . LYS A 1 96  ? -13.051 15.294  -5.613  0.50   36.58 ? 134  LYS A CE  1 
ATOM   666  N  NZ  . LYS A 1 96  ? -13.209 16.162  -6.814  0.50   37.18 ? 134  LYS A NZ  1 
ATOM   667  N  N   . GLN A 1 97  ? -6.791  16.233  -4.849  1.00   23.41 ? 135  GLN A N   1 
ATOM   668  C  CA  . GLN A 1 97  ? -5.831  17.299  -4.691  1.00   25.39 ? 135  GLN A CA  1 
ATOM   669  C  C   . GLN A 1 97  ? -4.515  16.635  -4.258  1.00   22.39 ? 135  GLN A C   1 
ATOM   670  O  O   . GLN A 1 97  ? -4.524  15.416  -3.916  1.00   22.61 ? 135  GLN A O   1 
ATOM   671  C  CB  . GLN A 1 97  ? -6.325  18.341  -3.673  1.00   28.90 ? 135  GLN A CB  1 
ATOM   672  C  CG  . GLN A 1 97  ? -6.107  17.967  -2.221  1.00   31.08 ? 135  GLN A CG  1 
ATOM   673  C  CD  . GLN A 1 97  ? -7.234  17.162  -1.610  1.00   33.32 ? 135  GLN A CD  1 
ATOM   674  O  OE1 . GLN A 1 97  ? -8.243  18.220  -1.845  0.0000 43.04 ? 135  GLN A OE1 1 
ATOM   675  N  NE2 . GLN A 1 97  ? -6.844  17.327  -0.372  0.0000 40.87 ? 135  GLN A NE2 1 
ATOM   676  N  N   . GLN A 1 98  ? -3.435  17.413  -4.281  1.00   23.87 ? 136  GLN A N   1 
ATOM   677  C  CA  . GLN A 1 98  ? -2.109  16.935  -3.841  1.00   24.38 ? 136  GLN A CA  1 
ATOM   678  C  C   . GLN A 1 98  ? -2.193  16.626  -2.348  1.00   24.17 ? 136  GLN A C   1 
ATOM   679  O  O   . GLN A 1 98  ? -2.477  17.514  -1.563  1.00   26.01 ? 136  GLN A O   1 
ATOM   680  C  CB  . GLN A 1 98  ? -1.028  17.988  -4.088  1.00   26.01 ? 136  GLN A CB  1 
ATOM   681  C  CG  . GLN A 1 98  ? 0.396   17.523  -3.759  1.00   27.82 ? 136  GLN A CG  1 
ATOM   682  C  CD  . GLN A 1 98  ? 1.352   18.689  -3.610  1.00   29.20 ? 136  GLN A CD  1 
ATOM   683  O  OE1 . GLN A 1 98  ? 0.948   19.779  -3.227  1.00   36.24 ? 136  GLN A OE1 1 
ATOM   684  N  NE2 . GLN A 1 98  ? 2.627   18.462  -3.884  1.00   29.35 ? 136  GLN A NE2 1 
ATOM   685  N  N   . PRO A 1 99  ? -1.903  15.375  -1.979  1.00   23.70 ? 137  PRO A N   1 
ATOM   686  C  CA  . PRO A 1 99  ? -1.810  15.078  -0.545  1.00   24.06 ? 137  PRO A CA  1 
ATOM   687  C  C   . PRO A 1 99  ? -0.605  15.855  0.024   1.00   22.98 ? 137  PRO A C   1 
ATOM   688  O  O   . PRO A 1 99  ? 0.491   15.889  -0.610  1.00   24.91 ? 137  PRO A O   1 
ATOM   689  C  CB  . PRO A 1 99  ? -1.516  13.586  -0.508  1.00   26.33 ? 137  PRO A CB  1 
ATOM   690  C  CG  . PRO A 1 99  ? -1.910  13.040  -1.840  1.00   25.12 ? 137  PRO A CG  1 
ATOM   691  C  CD  . PRO A 1 99  ? -1.657  14.172  -2.806  1.00   24.69 ? 137  PRO A CD  1 
ATOM   692  N  N   . LYS A 1 100 ? -0.784  16.440  1.207   1.00   22.31 ? 138  LYS A N   1 
ATOM   693  C  CA  . LYS A 1 100 ? 0.228   17.299  1.791   1.00   23.87 ? 138  LYS A CA  1 
ATOM   694  C  C   . LYS A 1 100 ? 0.689   16.814  3.140   1.00   20.15 ? 138  LYS A C   1 
ATOM   695  O  O   . LYS A 1 100 ? -0.100  16.263  3.868   1.00   17.41 ? 138  LYS A O   1 
ATOM   696  C  CB  . LYS A 1 100 ? -0.327  18.700  1.932   1.00   30.24 ? 138  LYS A CB  1 
ATOM   697  C  CG  . LYS A 1 100 ? -0.388  19.405  0.580   1.00   38.10 ? 138  LYS A CG  1 
ATOM   698  C  CD  . LYS A 1 100 ? -0.919  20.819  0.693   1.00   44.09 ? 138  LYS A CD  1 
ATOM   699  C  CE  . LYS A 1 100 ? -0.376  21.706  -0.433  1.00   49.11 ? 138  LYS A CE  1 
ATOM   700  N  NZ  . LYS A 1 100 ? -0.927  21.319  -1.766  1.00   51.18 ? 138  LYS A NZ  1 
ATOM   701  N  N   . GLN A 1 101 ? 1.916   17.160  3.517   1.00   19.97 ? 139  GLN A N   1 
ATOM   702  C  CA  . GLN A 1 101 ? 2.359   16.947  4.899   1.00   21.93 ? 139  GLN A CA  1 
ATOM   703  C  C   . GLN A 1 101 ? 1.360   17.540  5.867   1.00   21.59 ? 139  GLN A C   1 
ATOM   704  O  O   . GLN A 1 101 ? 0.805   18.602  5.644   1.00   21.51 ? 139  GLN A O   1 
ATOM   705  C  CB  . GLN A 1 101 ? 3.763   17.537  5.129   1.00   26.19 ? 139  GLN A CB  1 
ATOM   706  C  CG  . GLN A 1 101 ? 4.839   16.661  4.516   1.00   30.34 ? 139  GLN A CG  1 
ATOM   707  C  CD  . GLN A 1 101 ? 6.207   16.809  5.171   1.00   35.95 ? 139  GLN A CD  1 
ATOM   708  O  OE1 . GLN A 1 101 ? 7.065   17.499  4.640   1.00   38.29 ? 139  GLN A OE1 1 
ATOM   709  N  NE2 . GLN A 1 101 ? 6.420   16.139  6.306   1.00   37.87 ? 139  GLN A NE2 1 
ATOM   710  N  N   . GLY A 1 102 ? 1.083   16.755  6.901   1.00   20.38 ? 140  GLY A N   1 
ATOM   711  C  CA  . GLY A 1 102 ? 0.058   17.015  7.887   1.00   20.98 ? 140  GLY A CA  1 
ATOM   712  C  C   . GLY A 1 102 ? -1.182  16.175  7.712   1.00   20.50 ? 140  GLY A C   1 
ATOM   713  O  O   . GLY A 1 102 ? -2.004  16.077  8.654   1.00   24.91 ? 140  GLY A O   1 
ATOM   714  N  N   . GLN A 1 103 ? -1.392  15.652  6.513   1.00   16.57 ? 141  GLN A N   1 
ATOM   715  C  CA  . GLN A 1 103 ? -2.576  14.835  6.174   1.00   15.12 ? 141  GLN A CA  1 
ATOM   716  C  C   . GLN A 1 103 ? -2.158  13.382  6.256   1.00   15.76 ? 141  GLN A C   1 
ATOM   717  O  O   . GLN A 1 103 ? -0.971  13.063  6.139   1.00   16.35 ? 141  GLN A O   1 
ATOM   718  C  CB  . GLN A 1 103 ? -3.093  15.083  4.804   1.00   17.33 ? 141  GLN A CB  1 
ATOM   719  C  CG  . GLN A 1 103 ? -3.644  16.512  4.637   1.00   19.04 ? 141  GLN A CG  1 
ATOM   720  C  CD  . GLN A 1 103 ? -3.926  16.857  3.205   1.00   22.83 ? 141  GLN A CD  1 
ATOM   721  O  OE1 . GLN A 1 103 ? -3.444  16.210  2.277   1.00   24.82 ? 141  GLN A OE1 1 
ATOM   722  N  NE2 . GLN A 1 103 ? -4.716  17.859  3.015   1.00   28.02 ? 141  GLN A NE2 1 
ATOM   723  N  N   . SER A 1 104 ? -3.149  12.534  6.476   1.00   15.25 ? 142  SER A N   1 
ATOM   724  C  CA  A SER A 1 104 ? -2.957  11.087  6.390   0.50   15.68 ? 142  SER A CA  1 
ATOM   725  C  CA  B SER A 1 104 ? -2.954  11.099  6.365   0.50   15.60 ? 142  SER A CA  1 
ATOM   726  C  C   . SER A 1 104 ? -4.083  10.500  5.551   1.00   16.23 ? 142  SER A C   1 
ATOM   727  O  O   . SER A 1 104 ? -5.200  11.016  5.491   1.00   16.00 ? 142  SER A O   1 
ATOM   728  C  CB  A SER A 1 104 ? -2.931  10.427  7.784   0.50   15.55 ? 142  SER A CB  1 
ATOM   729  C  CB  B SER A 1 104 ? -2.919  10.476  7.751   0.50   15.42 ? 142  SER A CB  1 
ATOM   730  O  OG  A SER A 1 104 ? -1.853  10.847  8.614   0.50   16.55 ? 142  SER A OG  1 
ATOM   731  O  OG  B SER A 1 104 ? -4.157  10.728  8.393   0.50   16.40 ? 142  SER A OG  1 
ATOM   732  N  N   . VAL A 1 105 ? -3.771  9.433   4.874   1.00   14.86 ? 143  VAL A N   1 
ATOM   733  C  CA  . VAL A 1 105 ? -4.727  8.709   4.072   1.00   13.97 ? 143  VAL A CA  1 
ATOM   734  C  C   . VAL A 1 105 ? -5.026  7.386   4.753   1.00   14.67 ? 143  VAL A C   1 
ATOM   735  O  O   . VAL A 1 105 ? -4.058  6.641   5.060   1.00   14.89 ? 143  VAL A O   1 
ATOM   736  C  CB  . VAL A 1 105 ? -4.228  8.449   2.652   1.00   15.75 ? 143  VAL A CB  1 
ATOM   737  C  CG1 . VAL A 1 105 ? -5.223  7.672   1.855   1.00   16.87 ? 143  VAL A CG1 1 
ATOM   738  C  CG2 . VAL A 1 105 ? -3.959  9.761   1.960   1.00   18.09 ? 143  VAL A CG2 1 
ATOM   739  N  N   . ALA A 1 106 ? -6.296  7.046   4.982   1.00   15.92 ? 144  ALA A N   1 
ATOM   740  C  CA  . ALA A 1 106 ? -6.636  5.705   5.513   1.00   14.84 ? 144  ALA A CA  1 
ATOM   741  C  C   . ALA A 1 106 ? -6.981  4.787   4.338   1.00   15.69 ? 144  ALA A C   1 
ATOM   742  O  O   . ALA A 1 106 ? -7.630  5.250   3.365   1.00   18.28 ? 144  ALA A O   1 
ATOM   743  C  CB  . ALA A 1 106 ? -7.810  5.782   6.451   1.00   16.75 ? 144  ALA A CB  1 
ATOM   744  N  N   . VAL A 1 107 ? -6.546  3.542   4.443   1.00   13.78 ? 145  VAL A N   1 
ATOM   745  C  CA  . VAL A 1 107 ? -6.975  2.504   3.520   1.00   14.94 ? 145  VAL A CA  1 
ATOM   746  C  C   . VAL A 1 107 ? -7.434  1.292   4.292   1.00   16.05 ? 145  VAL A C   1 
ATOM   747  O  O   . VAL A 1 107 ? -7.161  1.101   5.509   1.00   15.43 ? 145  VAL A O   1 
ATOM   748  C  CB  . VAL A 1 107 ? -5.840  2.023   2.563   1.00   15.65 ? 145  VAL A CB  1 
ATOM   749  C  CG1 . VAL A 1 107 ? -5.238  3.189   1.773   1.00   15.89 ? 145  VAL A CG1 1 
ATOM   750  C  CG2 . VAL A 1 107 ? -4.718  1.270   3.258   1.00   15.17 ? 145  VAL A CG2 1 
ATOM   751  N  N   . GLU A 1 108 ? -8.159  0.428   3.583   1.00   15.03 ? 146  GLU A N   1 
ATOM   752  C  CA  . GLU A 1 108 ? -8.477  -0.904  4.139   1.00   15.51 ? 146  GLU A CA  1 
ATOM   753  C  C   . GLU A 1 108 ? -7.911  -1.939  3.190   1.00   15.06 ? 146  GLU A C   1 
ATOM   754  O  O   . GLU A 1 108 ? -8.157  -1.880  1.987   1.00   14.84 ? 146  GLU A O   1 
ATOM   755  C  CB  . GLU A 1 108 ? -9.987  -1.139  4.201   1.00   18.07 ? 146  GLU A CB  1 
ATOM   756  C  CG  . GLU A 1 108 ? -10.748 -0.385  5.270   1.00   21.65 ? 146  GLU A CG  1 
ATOM   757  C  CD  . GLU A 1 108 ? -12.267 -0.743  5.284   1.00   23.91 ? 146  GLU A CD  1 
ATOM   758  O  OE1 . GLU A 1 108 ? -12.693 -1.689  4.565   1.00   30.10 ? 146  GLU A OE1 1 
ATOM   759  O  OE2 . GLU A 1 108 ? -12.995 -0.038  6.018   1.00   31.58 ? 146  GLU A OE2 1 
ATOM   760  N  N   . LEU A 1 109 ? -7.081  -2.818  3.721   1.00   12.30 ? 147  LEU A N   1 
ATOM   761  C  CA  . LEU A 1 109 ? -6.468  -3.940  3.019   1.00   13.16 ? 147  LEU A CA  1 
ATOM   762  C  C   . LEU A 1 109 ? -7.376  -5.152  3.114   1.00   12.82 ? 147  LEU A C   1 
ATOM   763  O  O   . LEU A 1 109 ? -7.801  -5.497  4.234   1.00   14.20 ? 147  LEU A O   1 
ATOM   764  C  CB  . LEU A 1 109 ? -5.112  -4.348  3.579   1.00   13.67 ? 147  LEU A CB  1 
ATOM   765  C  CG  . LEU A 1 109 ? -4.111  -3.196  3.725   1.00   14.24 ? 147  LEU A CG  1 
ATOM   766  C  CD1 . LEU A 1 109 ? -2.862  -3.781  4.323   1.00   15.26 ? 147  LEU A CD1 1 
ATOM   767  C  CD2 . LEU A 1 109 ? -3.813  -2.509  2.429   1.00   15.75 ? 147  LEU A CD2 1 
ATOM   768  N  N   . HIS A 1 110 ? -7.725  -5.730  1.973   1.00   12.56 ? 148  HIS A N   1 
ATOM   769  C  CA  . HIS A 1 110 ? -8.573  -6.910  1.986   1.00   12.21 ? 148  HIS A CA  1 
ATOM   770  C  C   . HIS A 1 110 ? -7.730  -8.073  1.465   1.00   11.97 ? 148  HIS A C   1 
ATOM   771  O  O   . HIS A 1 110 ? -6.932  -7.918  0.516   1.00   12.32 ? 148  HIS A O   1 
ATOM   772  C  CB  . HIS A 1 110 ? -9.819  -6.728  1.127   1.00   12.52 ? 148  HIS A CB  1 
ATOM   773  C  CG  . HIS A 1 110 ? -10.754 -5.706  1.648   1.00   16.09 ? 148  HIS A CG  1 
ATOM   774  N  ND1 . HIS A 1 110 ? -11.835 -6.024  2.441   1.00   17.22 ? 148  HIS A ND1 1 
ATOM   775  C  CD2 . HIS A 1 110 ? -10.748 -4.358  1.565   1.00   19.73 ? 148  HIS A CD2 1 
ATOM   776  C  CE1 . HIS A 1 110 ? -12.457 -4.929  2.814   1.00   21.93 ? 148  HIS A CE1 1 
ATOM   777  N  NE2 . HIS A 1 110 ? -11.814 -3.901  2.301   1.00   21.42 ? 148  HIS A NE2 1 
ATOM   778  N  N   . PHE A 1 111 ? -7.974  -9.255  2.019   1.00   11.71 ? 149  PHE A N   1 
ATOM   779  C  CA  . PHE A 1 111 ? -7.182  -10.439 1.807   1.00   11.73 ? 149  PHE A CA  1 
ATOM   780  C  C   . PHE A 1 111 ? -8.047  -11.593 1.330   1.00   11.62 ? 149  PHE A C   1 
ATOM   781  O  O   . PHE A 1 111 ? -9.208  -11.694 1.700   1.00   11.78 ? 149  PHE A O   1 
ATOM   782  C  CB  . PHE A 1 111 ? -6.427  -10.824 3.073   1.00   11.88 ? 149  PHE A CB  1 
ATOM   783  C  CG  . PHE A 1 111 ? -5.437  -9.785  3.510   1.00   12.00 ? 149  PHE A CG  1 
ATOM   784  C  CD1 . PHE A 1 111 ? -4.232  -9.649  2.899   1.00   14.33 ? 149  PHE A CD1 1 
ATOM   785  C  CD2 . PHE A 1 111 ? -5.784  -8.893  4.472   1.00   12.30 ? 149  PHE A CD2 1 
ATOM   786  C  CE1 . PHE A 1 111 ? -3.322  -8.639  3.287   1.00   14.14 ? 149  PHE A CE1 1 
ATOM   787  C  CE2 . PHE A 1 111 ? -4.898  -7.864  4.859   1.00   13.59 ? 149  PHE A CE2 1 
ATOM   788  C  CZ  . PHE A 1 111 ? -3.660  -7.745  4.274   1.00   14.02 ? 149  PHE A CZ  1 
ATOM   789  N  N   . ALA A 1 112 ? -7.436  -12.517 0.606   1.00   12.32 ? 150  ALA A N   1 
ATOM   790  C  CA  . ALA A 1 112 ? -8.173  -13.701 0.180   1.00   12.24 ? 150  ALA A CA  1 
ATOM   791  C  C   . ALA A 1 112 ? -8.656  -14.572 1.332   1.00   11.50 ? 150  ALA A C   1 
ATOM   792  O  O   . ALA A 1 112 ? -9.761  -15.141 1.219   1.00   13.44 ? 150  ALA A O   1 
ATOM   793  C  CB  . ALA A 1 112 ? -7.333  -14.557 -0.742  1.00   13.17 ? 150  ALA A CB  1 
ATOM   794  N  N   . HIS A 1 113 ? -7.858  -14.680 2.379   1.00   11.87 ? 151  HIS A N   1 
ATOM   795  C  CA  . HIS A 1 113 ? -8.126  -15.701 3.413   1.00   12.59 ? 151  HIS A CA  1 
ATOM   796  C  C   . HIS A 1 113 ? -7.986  -15.171 4.820   1.00   12.52 ? 151  HIS A C   1 
ATOM   797  O  O   . HIS A 1 113 ? -7.751  -15.971 5.741   1.00   14.23 ? 151  HIS A O   1 
ATOM   798  C  CB  . HIS A 1 113 ? -7.210  -16.906 3.185   1.00   13.94 ? 151  HIS A CB  1 
ATOM   799  C  CG  . HIS A 1 113 ? -7.337  -17.509 1.821   1.00   13.09 ? 151  HIS A CG  1 
ATOM   800  N  ND1 . HIS A 1 113 ? -8.523  -17.959 1.312   1.00   12.96 ? 151  HIS A ND1 1 
ATOM   801  C  CD2 . HIS A 1 113 ? -6.446  -17.613 0.803   1.00   15.57 ? 151  HIS A CD2 1 
ATOM   802  C  CE1 . HIS A 1 113 ? -8.362  -18.384 0.076   1.00   14.56 ? 151  HIS A CE1 1 
ATOM   803  N  NE2 . HIS A 1 113 ? -7.103  -18.161 -0.263  1.00   16.00 ? 151  HIS A NE2 1 
ATOM   804  N  N   . SER A 1 114 ? -8.181  -13.865 5.006   1.00   13.67 ? 152  SER A N   1 
ATOM   805  C  CA  . SER A 1 114 ? -8.025  -13.222 6.288   1.00   14.15 ? 152  SER A CA  1 
ATOM   806  C  C   . SER A 1 114 ? -8.894  -12.024 6.373   1.00   13.54 ? 152  SER A C   1 
ATOM   807  O  O   . SER A 1 114 ? -9.350  -11.532 5.334   1.00   12.65 ? 152  SER A O   1 
ATOM   808  C  CB  . SER A 1 114 ? -6.563  -12.761 6.564   1.00   15.64 ? 152  SER A CB  1 
ATOM   809  O  OG  . SER A 1 114 ? -5.639  -13.827 6.562   1.00   20.23 ? 152  SER A OG  1 
ATOM   810  N  N   . ASP A 1 115 ? -9.172  -11.573 7.588   1.00   14.36 ? 153  ASP A N   1 
ATOM   811  C  CA  . ASP A 1 115 ? -10.002 -10.408 7.798   1.00   13.68 ? 153  ASP A CA  1 
ATOM   812  C  C   . ASP A 1 115 ? -9.297  -9.102  7.308   1.00   13.97 ? 153  ASP A C   1 
ATOM   813  O  O   . ASP A 1 115 ? -8.036  -9.066  7.282   1.00   15.16 ? 153  ASP A O   1 
ATOM   814  C  CB  . ASP A 1 115 ? -10.325 -10.225 9.261   1.00   14.44 ? 153  ASP A CB  1 
ATOM   815  C  CG  . ASP A 1 115 ? -11.086 -11.379 9.843   1.00   18.66 ? 153  ASP A CG  1 
ATOM   816  O  OD1 . ASP A 1 115 ? -11.799 -12.055 9.114   1.00   20.28 ? 153  ASP A OD1 1 
ATOM   817  O  OD2 . ASP A 1 115 ? -10.943 -11.605 11.076  1.00   21.88 ? 153  ASP A OD2 1 
ATOM   818  N  N   . PRO A 1 116 ? -10.082 -8.060  7.008   1.00   14.23 ? 154  PRO A N   1 
ATOM   819  C  CA  . PRO A 1 116 ? -9.490  -6.801  6.520   1.00   13.73 ? 154  PRO A CA  1 
ATOM   820  C  C   . PRO A 1 116 ? -8.697  -6.110  7.582   1.00   13.51 ? 154  PRO A C   1 
ATOM   821  O  O   . PRO A 1 116 ? -9.002  -6.241  8.774   1.00   14.96 ? 154  PRO A O   1 
ATOM   822  C  CB  . PRO A 1 116 ? -10.659 -5.944  6.044   1.00   15.83 ? 154  PRO A CB  1 
ATOM   823  C  CG  . PRO A 1 116 ? -11.867 -6.589  6.579   1.00   15.91 ? 154  PRO A CG  1 
ATOM   824  C  CD  . PRO A 1 116 ? -11.543 -8.017  6.956   1.00   14.12 ? 154  PRO A CD  1 
ATOM   825  N  N   . VAL A 1 117 ? -7.756  -5.279  7.161   1.00   13.80 ? 155  VAL A N   1 
ATOM   826  C  CA  . VAL A 1 117 ? -6.887  -4.522  8.057   1.00   14.83 ? 155  VAL A CA  1 
ATOM   827  C  C   . VAL A 1 117 ? -6.867  -3.065  7.623   1.00   14.09 ? 155  VAL A C   1 
ATOM   828  O  O   . VAL A 1 117 ? -6.490  -2.752  6.487   1.00   13.94 ? 155  VAL A O   1 
ATOM   829  C  CB  . VAL A 1 117 ? -5.466  -5.088  8.015   1.00   16.41 ? 155  VAL A CB  1 
ATOM   830  C  CG1 . VAL A 1 117 ? -4.497  -4.191  8.829   1.00   16.90 ? 155  VAL A CG1 1 
ATOM   831  C  CG2 . VAL A 1 117 ? -5.479  -6.500  8.558   1.00   17.70 ? 155  VAL A CG2 1 
ATOM   832  N  N   . ALA A 1 118 ? -7.179  -2.185  8.550   1.00   13.85 ? 156  ALA A N   1 
ATOM   833  C  CA  . ALA A 1 118 ? -7.116  -0.758  8.341   1.00   13.46 ? 156  ALA A CA  1 
ATOM   834  C  C   . ALA A 1 118 ? -5.713  -0.236  8.548   1.00   13.09 ? 156  ALA A C   1 
ATOM   835  O  O   . ALA A 1 118 ? -5.039  -0.658  9.444   1.00   13.97 ? 156  ALA A O   1 
ATOM   836  C  CB  . ALA A 1 118 ? -8.040  -0.045  9.291   1.00   13.21 ? 156  ALA A CB  1 
ATOM   837  N  N   . VAL A 1 119 ? -5.258  0.672   7.685   1.00   13.33 ? 157  VAL A N   1 
ATOM   838  C  CA  . VAL A 1 119 ? -3.881  1.205   7.814   1.00   13.53 ? 157  VAL A CA  1 
ATOM   839  C  C   . VAL A 1 119 ? -4.006  2.715   7.646   1.00   12.47 ? 157  VAL A C   1 
ATOM   840  O  O   . VAL A 1 119 ? -4.772  3.202   6.787   1.00   13.93 ? 157  VAL A O   1 
ATOM   841  C  CB  . VAL A 1 119 ? -2.951  0.600   6.695   1.00   13.15 ? 157  VAL A CB  1 
ATOM   842  C  CG1 . VAL A 1 119 ? -1.512  1.111   6.829   1.00   14.26 ? 157  VAL A CG1 1 
ATOM   843  C  CG2 . VAL A 1 119 ? -2.947  -0.938  6.745   1.00   13.90 ? 157  VAL A CG2 1 
ATOM   844  N  N   . LYS A 1 120 ? -3.260  3.467   8.459   1.00   14.06 ? 158  LYS A N   1 
ATOM   845  C  CA  . LYS A 1 120 ? -3.086  4.909   8.282   1.00   14.66 ? 158  LYS A CA  1 
ATOM   846  C  C   . LYS A 1 120 ? -1.716  5.233   7.675   1.00   14.77 ? 158  LYS A C   1 
ATOM   847  O  O   . LYS A 1 120 ? -0.692  4.729   8.119   1.00   14.24 ? 158  LYS A O   1 
ATOM   848  C  CB  . LYS A 1 120 ? -3.156  5.569   9.672   1.00   17.47 ? 158  LYS A CB  1 
ATOM   849  C  CG  . LYS A 1 120 ? -2.777  7.049   9.630   1.00   21.43 ? 158  LYS A CG  1 
ATOM   850  C  CD  . LYS A 1 120 ? -3.078  7.749   10.954  1.00   26.33 ? 158  LYS A CD  1 
ATOM   851  C  CE  . LYS A 1 120 ? -1.873  7.906   11.809  1.00   29.75 ? 158  LYS A CE  1 
ATOM   852  N  NZ  . LYS A 1 120 ? -2.115  8.948   12.867  1.00   27.51 ? 158  LYS A NZ  1 
ATOM   853  N  N   . LEU A 1 121 ? -1.733  6.013   6.580   1.00   13.07 ? 159  LEU A N   1 
ATOM   854  C  CA  . LEU A 1 121 ? -0.552  6.407   5.849   1.00   13.43 ? 159  LEU A CA  1 
ATOM   855  C  C   . LEU A 1 121 ? -0.351  7.927   5.895   1.00   12.58 ? 159  LEU A C   1 
ATOM   856  O  O   . LEU A 1 121 ? -0.971  8.656   5.129   1.00   13.22 ? 159  LEU A O   1 
ATOM   857  C  CB  . LEU A 1 121 ? -0.623  5.938   4.398   1.00   13.19 ? 159  LEU A CB  1 
ATOM   858  C  CG  . LEU A 1 121 ? -0.582  4.446   4.147   1.00   14.04 ? 159  LEU A CG  1 
ATOM   859  C  CD1 . LEU A 1 121 ? -2.003  3.933   4.170   1.00   15.70 ? 159  LEU A CD1 1 
ATOM   860  C  CD2 . LEU A 1 121 ? 0.105   4.127   2.797   1.00   13.54 ? 159  LEU A CD2 1 
ATOM   861  N  N   . PRO A 1 122 ? 0.456   8.397   6.818   1.00   13.11 ? 160  PRO A N   1 
ATOM   862  C  CA  . PRO A 1 122 ? 0.760   9.804   6.861   1.00   13.24 ? 160  PRO A CA  1 
ATOM   863  C  C   . PRO A 1 122 ? 1.543   10.207  5.642   1.00   12.70 ? 160  PRO A C   1 
ATOM   864  O  O   . PRO A 1 122 ? 2.412   9.459   5.117   1.00   13.70 ? 160  PRO A O   1 
ATOM   865  C  CB  . PRO A 1 122 ? 1.658   9.953   8.100   1.00   14.04 ? 160  PRO A CB  1 
ATOM   866  C  CG  . PRO A 1 122 ? 1.460   8.711   8.901   1.00   16.28 ? 160  PRO A CG  1 
ATOM   867  C  CD  . PRO A 1 122 ? 1.155   7.656   7.896   1.00   13.35 ? 160  PRO A CD  1 
ATOM   868  N  N   . VAL A 1 123 ? 1.286   11.432  5.198   1.00   13.52 ? 161  VAL A N   1 
ATOM   869  C  CA  . VAL A 1 123 ? 2.053   12.004  4.103   1.00   14.14 ? 161  VAL A CA  1 
ATOM   870  C  C   . VAL A 1 123 ? 3.323   12.602  4.683   1.00   16.08 ? 161  VAL A C   1 
ATOM   871  O  O   . VAL A 1 123 ? 3.258   13.421  5.631   1.00   17.39 ? 161  VAL A O   1 
ATOM   872  C  CB  . VAL A 1 123 ? 1.264   13.079  3.342   1.00   16.13 ? 161  VAL A CB  1 
ATOM   873  C  CG1 . VAL A 1 123 ? 2.150   13.608  2.223   1.00   16.94 ? 161  VAL A CG1 1 
ATOM   874  C  CG2 . VAL A 1 123 ? 0.011   12.523  2.724   1.00   17.72 ? 161  VAL A CG2 1 
ATOM   875  N  N   . LYS A 1 124 ? 4.456   12.212  4.120   1.00   16.36 ? 162  LYS A N   1 
ATOM   876  C  CA  A LYS A 1 124 ? 5.731   12.700  4.632   0.25   16.92 ? 162  LYS A CA  1 
ATOM   877  C  CA  B LYS A 1 124 ? 5.769   12.646  4.617   0.25   16.92 ? 162  LYS A CA  1 
ATOM   878  C  CA  C LYS A 1 124 ? 5.807   12.586  4.590   0.50   17.79 ? 162  LYS A CA  1 
ATOM   879  C  C   . LYS A 1 124 ? 6.542   13.405  3.528   1.00   18.91 ? 162  LYS A C   1 
ATOM   880  O  O   . LYS A 1 124 ? 6.190   13.390  2.379   1.00   21.89 ? 162  LYS A O   1 
ATOM   881  C  CB  A LYS A 1 124 ? 6.491   11.541  5.269   0.25   15.94 ? 162  LYS A CB  1 
ATOM   882  C  CB  B LYS A 1 124 ? 6.588   11.435  5.079   0.25   15.99 ? 162  LYS A CB  1 
ATOM   883  C  CB  C LYS A 1 124 ? 6.659   11.332  4.773   0.50   18.88 ? 162  LYS A CB  1 
ATOM   884  C  CG  A LYS A 1 124 ? 5.741   10.874  6.416   0.25   15.42 ? 162  LYS A CG  1 
ATOM   885  C  CG  B LYS A 1 124 ? 6.036   10.714  6.297   0.25   15.30 ? 162  LYS A CG  1 
ATOM   886  C  CG  C LYS A 1 124 ? 6.138   10.323  5.752   0.50   20.40 ? 162  LYS A CG  1 
ATOM   887  C  CD  A LYS A 1 124 ? 6.425   9.583   6.851   0.25   14.38 ? 162  LYS A CD  1 
ATOM   888  C  CD  B LYS A 1 124 ? 6.891   9.514   6.703   0.25   14.20 ? 162  LYS A CD  1 
ATOM   889  C  CD  C LYS A 1 124 ? 6.268   10.790  7.177   0.50   21.63 ? 162  LYS A CD  1 
ATOM   890  C  CE  A LYS A 1 124 ? 7.896   9.807   7.156   0.25   14.33 ? 162  LYS A CE  1 
ATOM   891  C  CE  B LYS A 1 124 ? 7.965   9.891   7.723   0.25   13.88 ? 162  LYS A CE  1 
ATOM   892  C  CE  C LYS A 1 124 ? 5.922   9.671   8.120   0.50   21.67 ? 162  LYS A CE  1 
ATOM   893  N  NZ  A LYS A 1 124 ? 8.502   8.620   7.829   0.25   13.66 ? 162  LYS A NZ  1 
ATOM   894  N  NZ  B LYS A 1 124 ? 9.337   10.119  7.174   0.25   12.93 ? 162  LYS A NZ  1 
ATOM   895  N  NZ  C LYS A 1 124 ? 7.158   8.955   8.526   0.50   22.14 ? 162  LYS A NZ  1 
ATOM   896  N  N   . ALA A 1 125 ? 7.646   14.049  3.896   1.00   23.05 ? 163  ALA A N   1 
ATOM   897  C  CA  . ALA A 1 125 ? 8.447   14.748  2.890   1.00   26.62 ? 163  ALA A CA  1 
ATOM   898  C  C   . ALA A 1 125 ? 8.892   13.767  1.816   1.00   32.59 ? 163  ALA A C   1 
ATOM   899  O  O   . ALA A 1 125 ? 9.161   12.586  2.125   1.00   37.70 ? 163  ALA A O   1 
ATOM   900  C  CB  . ALA A 1 125 ? 9.673   15.383  3.528   1.00   27.27 ? 163  ALA A CB  1 
ATOM   901  N  N   . ALA A 1 126 ? 8.987   14.256  0.568   1.00   35.58 ? 164  ALA A N   1 
ATOM   902  C  CA  . ALA A 1 126 ? 9.597   13.480  -0.522  1.00   41.03 ? 164  ALA A CA  1 
ATOM   903  C  C   . ALA A 1 126 ? 11.084  13.760  -0.551  1.00   40.71 ? 164  ALA A C   1 
ATOM   904  O  O   . ALA A 1 126 ? 11.834  13.102  0.158   1.00   47.60 ? 164  ALA A O   1 
ATOM   905  C  CB  . ALA A 1 126 ? 8.983   13.841  -1.843  1.00   40.82 ? 164  ALA A CB  1 
HETATM 906  CU CU  . CU  B 2 .   ? 2.842   2.891   -9.502  1.00   19.65 ? 999  CU  A CU  1 
HETATM 907  O  O   . HOH C 3 .   ? -6.199  -15.623 13.839  1.00   35.95 ? 2001 HOH A O   1 
HETATM 908  O  O   . HOH C 3 .   ? -1.365  -10.863 13.691  1.00   39.98 ? 2002 HOH A O   1 
HETATM 909  O  O   . HOH C 3 .   ? -4.148  -14.267 8.886   1.00   26.63 ? 2003 HOH A O   1 
HETATM 910  O  O   . HOH C 3 .   ? 1.539   -10.333 12.145  1.00   28.58 ? 2004 HOH A O   1 
HETATM 911  O  O   . HOH C 3 .   ? -2.046  -16.120 7.813   1.00   23.71 ? 2005 HOH A O   1 
HETATM 912  O  O   . HOH C 3 .   ? -2.303  -18.811 8.456   1.00   29.31 ? 2006 HOH A O   1 
HETATM 913  O  O   . HOH C 3 .   ? -1.028  -20.595 11.642  1.00   33.73 ? 2007 HOH A O   1 
HETATM 914  O  O   . HOH C 3 .   ? -3.510  -6.015  12.270  1.00   26.21 ? 2008 HOH A O   1 
HETATM 915  O  O   . HOH C 3 .   ? 4.666   -5.492  9.232   1.00   13.88 ? 2009 HOH A O   1 
HETATM 916  O  O   . HOH C 3 .   ? 3.707   -5.785  11.746  1.00   24.36 ? 2010 HOH A O   1 
HETATM 917  O  O   . HOH C 3 .   ? -1.745  -3.891  11.696  1.00   20.43 ? 2011 HOH A O   1 
HETATM 918  O  O   . HOH C 3 .   ? 1.224   -0.068  12.627  1.00   30.04 ? 2012 HOH A O   1 
HETATM 919  O  O   . HOH C 3 .   ? 8.903   -2.686  9.188   1.00   15.85 ? 2013 HOH A O   1 
HETATM 920  O  O   . HOH C 3 .   ? 7.602   -5.860  10.739  1.00   27.90 ? 2014 HOH A O   1 
HETATM 921  O  O   . HOH C 3 .   ? 7.198   -0.448  4.092   1.00   19.54 ? 2015 HOH A O   1 
HETATM 922  O  O   . HOH C 3 .   ? 10.470  3.620   0.519   1.00   23.42 ? 2016 HOH A O   1 
HETATM 923  O  O   . HOH C 3 .   ? 3.772   9.470   -3.368  1.00   22.07 ? 2017 HOH A O   1 
HETATM 924  O  O   . HOH C 3 .   ? 7.221   16.396  -3.112  1.00   37.01 ? 2018 HOH A O   1 
HETATM 925  O  O   . HOH C 3 .   ? 7.449   12.042  -3.936  1.00   41.06 ? 2019 HOH A O   1 
HETATM 926  O  O   . HOH C 3 .   ? 2.912   20.132  2.258   1.00   44.85 ? 2020 HOH A O   1 
HETATM 927  O  O   . HOH C 3 .   ? 5.433   18.435  -3.690  1.00   36.00 ? 2021 HOH A O   1 
HETATM 928  O  O   . HOH C 3 .   ? 5.007   12.504  -7.638  1.00   27.70 ? 2022 HOH A O   1 
HETATM 929  O  O   . HOH C 3 .   ? 0.942   19.115  -7.199  1.00   33.07 ? 2023 HOH A O   1 
HETATM 930  O  O   . HOH C 3 .   ? -0.140  17.666  -11.031 1.00   21.67 ? 2024 HOH A O   1 
HETATM 931  O  O   . HOH C 3 .   ? -6.900  16.242  -8.825  1.00   34.62 ? 2025 HOH A O   1 
HETATM 932  O  O   . HOH C 3 .   ? -5.042  9.929   -11.431 1.00   26.96 ? 2026 HOH A O   1 
HETATM 933  O  O   . HOH C 3 .   ? 2.878   10.895  -8.257  1.00   31.49 ? 2027 HOH A O   1 
HETATM 934  O  O   . HOH C 3 .   ? 3.469   -4.434  14.120  1.00   24.76 ? 2028 HOH A O   1 
HETATM 935  O  O   . HOH C 3 .   ? 5.248   -7.732  13.086  1.00   33.68 ? 2029 HOH A O   1 
HETATM 936  O  O   . HOH C 3 .   ? 10.605  6.456   0.241   1.00   37.46 ? 2030 HOH A O   1 
HETATM 937  O  O   . HOH C 3 .   ? 5.758   9.839   -4.990  1.00   40.81 ? 2031 HOH A O   1 
HETATM 938  O  O   . HOH C 3 .   ? 9.484   16.001  -4.887  1.00   38.15 ? 2032 HOH A O   1 
HETATM 939  O  O   . HOH C 3 .   ? 6.614   20.115  -5.905  1.00   31.58 ? 2033 HOH A O   1 
HETATM 940  O  O   . HOH C 3 .   ? 9.714   -2.916  6.509   1.00   19.61 ? 2034 HOH A O   1 
HETATM 941  O  O   . HOH C 3 .   ? 4.226   9.276   -10.619 1.00   33.74 ? 2035 HOH A O   1 
HETATM 942  O  O   . HOH C 3 .   ? 6.302   -13.544 10.289  1.00   30.49 ? 2036 HOH A O   1 
HETATM 943  O  O   . HOH C 3 .   ? -0.795  -24.271 6.659   1.00   30.23 ? 2037 HOH A O   1 
HETATM 944  O  O   . HOH C 3 .   ? -5.427  -4.210  -5.869  1.00   33.77 ? 2038 HOH A O   1 
HETATM 945  O  O   . HOH C 3 .   ? -3.667  -16.525 5.668   1.00   28.54 ? 2039 HOH A O   1 
HETATM 946  O  O   . HOH C 3 .   ? -4.249  -18.908 3.730   1.00   38.99 ? 2040 HOH A O   1 
HETATM 947  O  O   . HOH C 3 .   ? 0.629   -21.637 2.472   1.00   32.67 ? 2041 HOH A O   1 
HETATM 948  O  O   . HOH C 3 .   ? -3.232  -17.418 -0.644  1.00   33.75 ? 2042 HOH A O   1 
HETATM 949  O  O   . HOH C 3 .   ? -4.905  -18.409 -1.956  1.00   40.78 ? 2043 HOH A O   1 
HETATM 950  O  O   . HOH C 3 .   ? 10.545  -5.360  -6.244  1.00   40.68 ? 2044 HOH A O   1 
HETATM 951  O  O   . HOH C 3 .   ? -4.745  -6.474  -4.900  1.00   26.93 ? 2045 HOH A O   1 
HETATM 952  O  O   . HOH C 3 .   ? -2.106  -7.462  -5.613  1.00   30.75 ? 2046 HOH A O   1 
HETATM 953  O  O   . HOH C 3 .   ? -7.769  -6.355  -7.086  1.00   30.27 ? 2047 HOH A O   1 
HETATM 954  O  O   . HOH C 3 .   ? -8.346  -9.816  -6.376  1.00   32.43 ? 2048 HOH A O   1 
HETATM 955  O  O   . HOH C 3 .   ? -10.691 -8.231  -1.949  1.00   16.67 ? 2049 HOH A O   1 
HETATM 956  O  O   . HOH C 3 .   ? -12.573 -4.407  -1.900  1.00   32.51 ? 2050 HOH A O   1 
HETATM 957  O  O   . HOH C 3 .   ? -7.458  -2.496  -5.134  1.00   19.18 ? 2051 HOH A O   1 
HETATM 958  O  O   . HOH C 3 .   ? -9.485  1.130   -4.614  1.00   18.23 ? 2052 HOH A O   1 
HETATM 959  O  O   . HOH C 3 .   ? 0.231   -10.413 -11.516 1.00   39.40 ? 2053 HOH A O   1 
HETATM 960  O  O   . HOH C 3 .   ? -11.802 2.192   2.632   1.00   28.54 ? 2054 HOH A O   1 
HETATM 961  O  O   . HOH C 3 .   ? -13.142 -1.669  2.198   1.00   33.93 ? 2055 HOH A O   1 
HETATM 962  O  O   . HOH C 3 .   ? -10.857 3.126   -3.130  1.00   18.11 ? 2056 HOH A O   1 
HETATM 963  O  O   . HOH C 3 .   ? -12.620 6.680   -3.150  1.00   29.35 ? 2057 HOH A O   1 
HETATM 964  O  O   . HOH C 3 .   ? -10.350 6.179   3.626   1.00   20.29 ? 2058 HOH A O   1 
HETATM 965  O  O   . HOH C 3 .   ? -8.014  12.856  -2.523  1.00   26.14 ? 2059 HOH A O   1 
HETATM 966  O  O   . HOH C 3 .   ? 12.265  2.770   -9.501  1.00   40.82 ? 2060 HOH A O   1 
HETATM 967  O  O   . HOH C 3 .   ? -4.986  3.173   -8.763  1.00   23.91 ? 2061 HOH A O   1 
HETATM 968  O  O   . HOH C 3 .   ? -8.441  -0.078  -8.176  1.00   38.47 ? 2062 HOH A O   1 
HETATM 969  O  O   . HOH C 3 .   ? -4.320  -3.933  -8.036  1.00   31.13 ? 2063 HOH A O   1 
HETATM 970  O  O   . HOH C 3 .   ? -2.988  1.048   -12.046 0.60   28.22 ? 2064 HOH A O   1 
HETATM 971  O  O   . HOH C 3 .   ? 8.999   -6.964  -10.238 1.00   46.50 ? 2065 HOH A O   1 
HETATM 972  O  O   . HOH C 3 .   ? 5.955   -8.172  -6.706  1.00   33.86 ? 2066 HOH A O   1 
HETATM 973  O  O   . HOH C 3 .   ? 8.287   -4.605  -7.392  1.00   23.82 ? 2067 HOH A O   1 
HETATM 974  O  O   . HOH C 3 .   ? 12.224  -3.275  -8.637  1.00   45.41 ? 2068 HOH A O   1 
HETATM 975  O  O   . HOH C 3 .   ? 13.204  -1.422  -11.264 1.00   43.33 ? 2069 HOH A O   1 
HETATM 976  O  O   . HOH C 3 .   ? 12.946  -4.809  -12.477 1.00   41.70 ? 2070 HOH A O   1 
HETATM 977  O  O   . HOH C 3 .   ? -7.109  -8.531  11.596  1.00   34.32 ? 2071 HOH A O   1 
HETATM 978  O  O   . HOH C 3 .   ? -15.062 -9.715  10.058  1.00   31.92 ? 2072 HOH A O   1 
HETATM 979  O  O   . HOH C 3 .   ? 7.893   4.471   -13.593 1.00   27.86 ? 2073 HOH A O   1 
HETATM 980  O  O   . HOH C 3 .   ? -2.037  -10.855 -8.241  1.00   28.06 ? 2074 HOH A O   1 
HETATM 981  O  O   . HOH C 3 .   ? -10.576 -11.620 -4.790  1.00   42.56 ? 2075 HOH A O   1 
HETATM 982  O  O   . HOH C 3 .   ? 2.868   -12.487 -5.514  1.00   28.66 ? 2076 HOH A O   1 
HETATM 983  O  O   . HOH C 3 .   ? 5.257   -11.874 -2.209  1.00   32.42 ? 2077 HOH A O   1 
HETATM 984  O  O   . HOH C 3 .   ? 4.331   -19.019 1.906   1.00   28.35 ? 2078 HOH A O   1 
HETATM 985  O  O   . HOH C 3 .   ? 6.313   -16.014 11.639  1.00   34.00 ? 2079 HOH A O   1 
HETATM 986  O  O   . HOH C 3 .   ? 9.256   -13.146 3.643   1.00   32.35 ? 2080 HOH A O   1 
HETATM 987  O  O   . HOH C 3 .   ? 7.434   -11.122 -0.010  1.00   29.26 ? 2081 HOH A O   1 
HETATM 988  O  O   . HOH C 3 .   ? 11.076  -5.477  7.326   1.00   33.28 ? 2082 HOH A O   1 
HETATM 989  O  O   . HOH C 3 .   ? 8.474   -8.291  -0.040  1.00   28.26 ? 2083 HOH A O   1 
HETATM 990  O  O   . HOH C 3 .   ? 9.000   -3.904  -2.604  1.00   22.80 ? 2084 HOH A O   1 
HETATM 991  O  O   . HOH C 3 .   ? 13.332  -0.880  -4.227  1.00   41.03 ? 2085 HOH A O   1 
HETATM 992  O  O   . HOH C 3 .   ? 13.180  -0.133  -8.928  1.00   37.30 ? 2086 HOH A O   1 
HETATM 993  O  O   . HOH C 3 .   ? -8.020  13.326  -10.207 1.00   41.21 ? 2087 HOH A O   1 
HETATM 994  O  O   . HOH C 3 .   ? -5.383  13.966  -1.799  1.00   31.28 ? 2088 HOH A O   1 
HETATM 995  O  O   . HOH C 3 .   ? -3.594  20.111  -5.405  1.00   34.33 ? 2089 HOH A O   1 
HETATM 996  O  O   . HOH C 3 .   ? 2.048   20.619  4.335   1.00   37.87 ? 2090 HOH A O   1 
HETATM 997  O  O   . HOH C 3 .   ? 8.814   13.573  6.875   1.00   31.94 ? 2091 HOH A O   1 
HETATM 998  O  O   . HOH C 3 .   ? 4.882   14.922  7.496   1.00   38.53 ? 2092 HOH A O   1 
HETATM 999  O  O   . HOH C 3 .   ? 1.491   13.893  7.535   1.00   21.45 ? 2093 HOH A O   1 
HETATM 1000 O  O   . HOH C 3 .   ? -10.397 3.435   4.365   1.00   26.16 ? 2094 HOH A O   1 
HETATM 1001 O  O   . HOH C 3 .   ? -9.537  2.538   6.878   1.00   28.67 ? 2095 HOH A O   1 
HETATM 1002 O  O   . HOH C 3 .   ? -12.006 1.296   7.553   1.00   34.83 ? 2096 HOH A O   1 
HETATM 1003 O  O   . HOH C 3 .   ? -10.091 -9.088  3.942   1.00   12.14 ? 2097 HOH A O   1 
HETATM 1004 O  O   . HOH C 3 .   ? -10.945 -15.874 -1.237  1.00   21.91 ? 2098 HOH A O   1 
HETATM 1005 O  O   . HOH C 3 .   ? -8.161  -18.392 -3.263  1.00   39.01 ? 2099 HOH A O   1 
HETATM 1006 O  O   . HOH C 3 .   ? -6.140  -10.020 9.033   1.00   25.33 ? 2100 HOH A O   1 
HETATM 1007 O  O   . HOH C 3 .   ? -14.047 -10.984 7.748   1.00   25.38 ? 2101 HOH A O   1 
HETATM 1008 O  O   . HOH C 3 .   ? -9.505  -9.885  12.635  1.00   32.13 ? 2102 HOH A O   1 
HETATM 1009 O  O   . HOH C 3 .   ? -8.145  -6.028  11.447  1.00   21.44 ? 2103 HOH A O   1 
HETATM 1010 O  O   . HOH C 3 .   ? -11.260 -6.916  10.287  1.00   22.38 ? 2104 HOH A O   1 
HETATM 1011 O  O   . HOH C 3 .   ? -2.409  -1.223  10.356  1.00   20.51 ? 2105 HOH A O   1 
HETATM 1012 O  O   . HOH C 3 .   ? -5.636  -1.848  11.894  1.00   21.14 ? 2106 HOH A O   1 
HETATM 1013 O  O   . HOH C 3 .   ? -1.511  2.125   10.439  1.00   19.95 ? 2107 HOH A O   1 
HETATM 1014 O  O   . HOH C 3 .   ? 9.116   10.028  2.463   1.00   37.02 ? 2108 HOH A O   1 
# 
